data_1V62
#
_entry.id   1V62
#
_entity_poly.entity_id   1
_entity_poly.type   'polypeptide(L)'
_entity_poly.pdbx_seq_one_letter_code
;GSSGSSGDTVANASGPLMVEIVKTPGSALGISLTTTSLRNKSVITIDRIKPASVVDRSGALHPGDHILSIDGTSMEHCSL
LEATKLLASISEKVRLEILPVPQSQRPLRPSSGPSSG
;
_entity_poly.pdbx_strand_id   A
#
# COMPACT_ATOMS: atom_id res chain seq x y z
N GLY A 1 -14.43 -28.10 -27.06
CA GLY A 1 -13.25 -28.46 -26.23
C GLY A 1 -12.13 -27.44 -26.35
N SER A 2 -12.23 -26.37 -25.57
CA SER A 2 -11.21 -25.32 -25.59
C SER A 2 -11.40 -24.37 -24.40
N SER A 3 -10.32 -23.69 -24.02
CA SER A 3 -10.36 -22.75 -22.91
C SER A 3 -10.74 -23.46 -21.62
N GLY A 4 -10.83 -22.70 -20.53
CA GLY A 4 -11.19 -23.27 -19.25
C GLY A 4 -10.39 -22.69 -18.10
N SER A 5 -9.61 -23.53 -17.43
CA SER A 5 -8.79 -23.08 -16.31
C SER A 5 -9.66 -22.51 -15.20
N SER A 6 -10.27 -23.40 -14.42
CA SER A 6 -11.14 -22.98 -13.31
C SER A 6 -10.49 -23.28 -11.97
N GLY A 7 -9.79 -22.29 -11.42
CA GLY A 7 -9.13 -22.46 -10.15
C GLY A 7 -9.11 -21.18 -9.33
N ASP A 8 -8.34 -20.20 -9.79
CA ASP A 8 -8.22 -18.93 -9.09
C ASP A 8 -7.54 -17.88 -9.96
N THR A 9 -8.04 -16.65 -9.93
CA THR A 9 -7.47 -15.57 -10.72
C THR A 9 -6.47 -14.78 -9.89
N VAL A 10 -5.26 -15.31 -9.77
CA VAL A 10 -4.19 -14.64 -9.01
C VAL A 10 -4.58 -14.52 -7.55
N ALA A 11 -3.96 -15.34 -6.71
CA ALA A 11 -4.24 -15.32 -5.27
C ALA A 11 -3.05 -15.85 -4.48
N ASN A 12 -2.36 -14.95 -3.78
CA ASN A 12 -1.20 -15.33 -2.97
C ASN A 12 -1.44 -15.01 -1.51
N ALA A 13 -1.57 -13.72 -1.20
CA ALA A 13 -1.78 -13.27 0.17
C ALA A 13 -0.64 -13.70 1.08
N SER A 14 0.57 -13.76 0.51
CA SER A 14 1.74 -14.15 1.28
C SER A 14 2.92 -13.20 1.00
N GLY A 15 3.17 -12.95 -0.28
CA GLY A 15 4.27 -12.06 -0.66
C GLY A 15 3.99 -10.62 -0.28
N PRO A 16 3.43 -9.82 -1.21
CA PRO A 16 3.13 -8.40 -0.96
C PRO A 16 2.27 -8.23 0.29
N LEU A 17 2.32 -7.02 0.86
CA LEU A 17 1.55 -6.71 2.06
C LEU A 17 0.48 -5.66 1.76
N MET A 18 -0.75 -5.94 2.18
CA MET A 18 -1.86 -5.02 1.96
C MET A 18 -1.97 -4.02 3.10
N VAL A 19 -1.46 -2.82 2.88
CA VAL A 19 -1.51 -1.76 3.88
C VAL A 19 -2.72 -0.86 3.70
N GLU A 20 -3.86 -1.29 4.24
CA GLU A 20 -5.09 -0.52 4.13
C GLU A 20 -5.09 0.65 5.11
N ILE A 21 -5.80 1.72 4.74
CA ILE A 21 -5.89 2.90 5.59
C ILE A 21 -7.30 3.48 5.58
N VAL A 22 -7.98 3.38 6.71
CA VAL A 22 -9.34 3.89 6.84
C VAL A 22 -9.35 5.42 6.81
N LYS A 23 -9.41 5.99 5.61
CA LYS A 23 -9.43 7.44 5.44
C LYS A 23 -10.85 7.96 5.45
N THR A 24 -11.00 9.27 5.28
CA THR A 24 -12.32 9.90 5.28
C THR A 24 -13.04 9.63 3.95
N PRO A 25 -14.38 9.76 3.94
CA PRO A 25 -15.18 9.53 2.74
C PRO A 25 -15.00 10.63 1.70
N GLY A 26 -14.39 10.27 0.56
CA GLY A 26 -14.17 11.23 -0.49
C GLY A 26 -13.28 12.38 -0.05
N SER A 27 -12.35 12.09 0.85
CA SER A 27 -11.44 13.11 1.36
C SER A 27 -9.99 12.77 1.00
N ALA A 28 -9.18 13.80 0.80
CA ALA A 28 -7.78 13.62 0.45
C ALA A 28 -6.88 13.76 1.67
N LEU A 29 -5.94 12.83 1.82
CA LEU A 29 -5.02 12.85 2.95
C LEU A 29 -3.82 13.74 2.65
N GLY A 30 -3.00 13.32 1.68
CA GLY A 30 -1.83 14.09 1.32
C GLY A 30 -0.60 13.22 1.13
N ILE A 31 -0.78 12.09 0.46
CA ILE A 31 0.33 11.17 0.21
C ILE A 31 1.14 11.60 -0.99
N SER A 32 2.46 11.68 -0.81
CA SER A 32 3.36 12.09 -1.88
C SER A 32 4.24 10.92 -2.32
N LEU A 33 4.13 10.54 -3.59
CA LEU A 33 4.92 9.45 -4.14
C LEU A 33 6.11 9.97 -4.93
N THR A 34 7.08 9.10 -5.18
CA THR A 34 8.27 9.48 -5.93
C THR A 34 8.86 8.27 -6.65
N THR A 35 8.73 8.27 -7.98
CA THR A 35 9.25 7.16 -8.79
C THR A 35 10.73 7.34 -9.05
N THR A 36 11.44 6.23 -9.22
CA THR A 36 12.87 6.25 -9.49
C THR A 36 13.25 5.21 -10.53
N SER A 37 14.52 5.21 -10.93
CA SER A 37 15.01 4.26 -11.92
C SER A 37 15.76 3.11 -11.26
N LEU A 38 16.31 2.23 -12.08
CA LEU A 38 17.06 1.08 -11.57
C LEU A 38 18.09 0.60 -12.59
N ARG A 39 17.60 -0.09 -13.62
CA ARG A 39 18.47 -0.60 -14.67
C ARG A 39 17.73 -0.74 -15.99
N ASN A 40 16.64 -1.52 -15.98
CA ASN A 40 15.84 -1.73 -17.16
C ASN A 40 14.46 -1.08 -17.02
N LYS A 41 13.99 -0.97 -15.79
CA LYS A 41 12.69 -0.37 -15.52
C LYS A 41 12.76 0.53 -14.29
N SER A 42 11.60 1.08 -13.90
CA SER A 42 11.53 1.96 -12.74
C SER A 42 10.58 1.39 -11.69
N VAL A 43 10.50 2.06 -10.54
CA VAL A 43 9.63 1.63 -9.46
C VAL A 43 9.03 2.82 -8.73
N ILE A 44 7.74 2.71 -8.38
CA ILE A 44 7.06 3.79 -7.68
C ILE A 44 7.17 3.62 -6.17
N THR A 45 7.63 4.66 -5.50
CA THR A 45 7.80 4.62 -4.05
C THR A 45 7.12 5.82 -3.40
N ILE A 46 7.22 5.91 -2.07
CA ILE A 46 6.62 7.00 -1.32
C ILE A 46 7.65 8.05 -0.96
N ASP A 47 7.38 9.31 -1.32
CA ASP A 47 8.29 10.40 -1.03
C ASP A 47 8.14 10.86 0.42
N ARG A 48 6.95 11.33 0.78
CA ARG A 48 6.68 11.79 2.13
C ARG A 48 5.19 11.80 2.42
N ILE A 49 4.83 11.75 3.70
CA ILE A 49 3.43 11.76 4.10
C ILE A 49 3.03 13.13 4.65
N LYS A 50 1.73 13.39 4.66
CA LYS A 50 1.21 14.66 5.16
C LYS A 50 1.12 14.64 6.69
N PRO A 51 1.42 15.77 7.35
CA PRO A 51 1.36 15.88 8.81
C PRO A 51 -0.06 15.93 9.33
N ALA A 52 -0.29 15.30 10.47
CA ALA A 52 -1.62 15.27 11.09
C ALA A 52 -2.63 14.63 10.15
N SER A 53 -2.18 13.67 9.36
CA SER A 53 -3.06 12.97 8.43
C SER A 53 -3.42 11.58 8.94
N VAL A 54 -4.30 10.90 8.21
CA VAL A 54 -4.73 9.57 8.61
C VAL A 54 -3.61 8.56 8.43
N VAL A 55 -2.74 8.80 7.45
CA VAL A 55 -1.62 7.92 7.18
C VAL A 55 -0.46 8.18 8.14
N ASP A 56 -0.27 9.45 8.49
CA ASP A 56 0.80 9.84 9.41
C ASP A 56 0.41 9.53 10.85
N ARG A 57 -0.78 9.95 11.23
CA ARG A 57 -1.28 9.72 12.58
C ARG A 57 -1.42 8.23 12.88
N SER A 58 -1.79 7.46 11.86
CA SER A 58 -1.95 6.02 12.00
C SER A 58 -0.62 5.30 11.86
N GLY A 59 0.22 5.80 10.96
CA GLY A 59 1.52 5.18 10.75
C GLY A 59 1.45 3.96 9.86
N ALA A 60 0.70 4.07 8.77
CA ALA A 60 0.55 2.96 7.84
C ALA A 60 1.62 3.00 6.75
N LEU A 61 1.71 4.15 6.08
CA LEU A 61 2.69 4.34 5.01
C LEU A 61 3.96 5.00 5.54
N HIS A 62 5.02 4.96 4.75
CA HIS A 62 6.29 5.56 5.14
C HIS A 62 7.11 5.93 3.91
N PRO A 63 7.93 6.99 4.01
CA PRO A 63 8.77 7.47 2.91
C PRO A 63 9.90 6.49 2.59
N GLY A 64 9.79 5.83 1.45
CA GLY A 64 10.81 4.87 1.05
C GLY A 64 10.25 3.50 0.73
N ASP A 65 9.05 3.23 1.23
CA ASP A 65 8.38 1.95 1.01
C ASP A 65 8.27 1.65 -0.49
N HIS A 66 8.33 0.37 -0.83
CA HIS A 66 8.22 -0.05 -2.22
C HIS A 66 6.81 -0.54 -2.55
N ILE A 67 6.03 0.32 -3.18
CA ILE A 67 4.66 -0.02 -3.54
C ILE A 67 4.63 -1.05 -4.66
N LEU A 68 4.03 -2.20 -4.38
CA LEU A 68 3.94 -3.28 -5.36
C LEU A 68 2.66 -3.16 -6.17
N SER A 69 1.60 -2.64 -5.55
CA SER A 69 0.32 -2.48 -6.21
C SER A 69 -0.60 -1.56 -5.40
N ILE A 70 -1.63 -1.04 -6.06
CA ILE A 70 -2.59 -0.16 -5.40
C ILE A 70 -3.99 -0.34 -5.98
N ASP A 71 -4.89 -0.86 -5.16
CA ASP A 71 -6.27 -1.08 -5.58
C ASP A 71 -6.32 -2.05 -6.77
N GLY A 72 -5.36 -2.98 -6.80
CA GLY A 72 -5.32 -3.95 -7.87
C GLY A 72 -4.54 -3.46 -9.08
N THR A 73 -3.85 -2.34 -8.93
CA THR A 73 -3.06 -1.76 -10.01
C THR A 73 -1.58 -2.10 -9.84
N SER A 74 -1.04 -2.87 -10.77
CA SER A 74 0.35 -3.27 -10.73
C SER A 74 1.27 -2.04 -10.85
N MET A 75 2.27 -1.98 -9.97
CA MET A 75 3.20 -0.86 -9.98
C MET A 75 4.48 -1.24 -10.72
N GLU A 76 4.33 -1.99 -11.80
CA GLU A 76 5.48 -2.42 -12.60
C GLU A 76 5.61 -1.57 -13.86
N HIS A 77 4.47 -1.11 -14.37
CA HIS A 77 4.45 -0.27 -15.58
C HIS A 77 3.59 0.96 -15.38
N CYS A 78 3.61 1.50 -14.16
CA CYS A 78 2.82 2.68 -13.83
C CYS A 78 3.72 3.90 -13.61
N SER A 79 3.12 5.07 -13.46
CA SER A 79 3.87 6.30 -13.24
C SER A 79 3.44 6.97 -11.95
N LEU A 80 3.91 8.19 -11.73
CA LEU A 80 3.58 8.94 -10.52
C LEU A 80 2.17 9.51 -10.61
N LEU A 81 1.77 9.92 -11.81
CA LEU A 81 0.45 10.48 -12.02
C LEU A 81 -0.62 9.42 -11.82
N GLU A 82 -0.43 8.25 -12.43
CA GLU A 82 -1.39 7.16 -12.32
C GLU A 82 -1.52 6.70 -10.87
N ALA A 83 -0.38 6.54 -10.20
CA ALA A 83 -0.37 6.10 -8.81
C ALA A 83 -1.08 7.11 -7.91
N THR A 84 -0.77 8.39 -8.10
CA THR A 84 -1.38 9.44 -7.31
C THR A 84 -2.88 9.49 -7.53
N LYS A 85 -3.31 9.13 -8.74
CA LYS A 85 -4.73 9.13 -9.09
C LYS A 85 -5.46 8.00 -8.37
N LEU A 86 -4.76 6.90 -8.14
CA LEU A 86 -5.34 5.75 -7.46
C LEU A 86 -5.67 6.09 -6.00
N LEU A 87 -4.74 6.77 -5.33
CA LEU A 87 -4.93 7.16 -3.94
C LEU A 87 -6.14 8.08 -3.78
N ALA A 88 -6.41 8.87 -4.82
CA ALA A 88 -7.52 9.80 -4.79
C ALA A 88 -8.85 9.08 -5.03
N SER A 89 -8.79 8.00 -5.81
CA SER A 89 -9.98 7.22 -6.11
C SER A 89 -10.25 6.19 -5.02
N ILE A 90 -10.63 6.67 -3.84
CA ILE A 90 -10.93 5.78 -2.71
C ILE A 90 -12.26 6.14 -2.08
N SER A 91 -13.03 5.11 -1.72
CA SER A 91 -14.33 5.31 -1.10
C SER A 91 -14.20 5.51 0.41
N GLU A 92 -13.45 4.61 1.04
CA GLU A 92 -13.23 4.67 2.49
C GLU A 92 -11.81 4.26 2.85
N LYS A 93 -11.45 3.03 2.49
CA LYS A 93 -10.13 2.51 2.78
C LYS A 93 -9.29 2.40 1.51
N VAL A 94 -8.04 2.82 1.59
CA VAL A 94 -7.13 2.78 0.44
C VAL A 94 -6.39 1.44 0.39
N ARG A 95 -6.57 0.71 -0.70
CA ARG A 95 -5.91 -0.59 -0.88
C ARG A 95 -4.50 -0.41 -1.42
N LEU A 96 -3.55 -0.16 -0.52
CA LEU A 96 -2.16 0.03 -0.91
C LEU A 96 -1.34 -1.23 -0.62
N GLU A 97 -0.80 -1.83 -1.68
CA GLU A 97 0.01 -3.03 -1.54
C GLU A 97 1.49 -2.69 -1.49
N ILE A 98 2.07 -2.74 -0.29
CA ILE A 98 3.48 -2.43 -0.11
C ILE A 98 4.29 -3.70 0.14
N LEU A 99 5.56 -3.67 -0.24
CA LEU A 99 6.44 -4.82 -0.05
C LEU A 99 6.86 -4.93 1.41
N PRO A 100 6.95 -6.16 1.94
CA PRO A 100 7.34 -6.41 3.34
C PRO A 100 8.63 -5.67 3.71
N VAL A 101 8.48 -4.46 4.22
CA VAL A 101 9.63 -3.66 4.63
C VAL A 101 9.79 -3.65 6.14
N PRO A 102 11.02 -3.41 6.63
CA PRO A 102 11.31 -3.38 8.06
C PRO A 102 10.54 -2.27 8.79
N GLN A 103 10.23 -1.20 8.05
CA GLN A 103 9.50 -0.08 8.63
C GLN A 103 8.04 -0.46 8.89
N SER A 104 7.50 -1.32 8.05
CA SER A 104 6.12 -1.76 8.18
C SER A 104 5.92 -3.14 7.57
N GLN A 105 5.56 -4.11 8.40
CA GLN A 105 5.34 -5.48 7.93
C GLN A 105 4.10 -6.08 8.58
N ARG A 106 3.12 -5.24 8.85
CA ARG A 106 1.87 -5.69 9.47
C ARG A 106 0.73 -4.70 9.18
N PRO A 107 -0.46 -5.22 8.83
CA PRO A 107 -1.61 -4.37 8.53
C PRO A 107 -2.25 -3.80 9.80
N LEU A 108 -2.21 -4.55 10.88
CA LEU A 108 -2.78 -4.11 12.15
C LEU A 108 -1.91 -4.58 13.31
N ARG A 109 -0.86 -3.82 13.61
CA ARG A 109 0.04 -4.15 14.70
C ARG A 109 -0.26 -3.31 15.93
N PRO A 110 0.07 -3.83 17.13
CA PRO A 110 -0.17 -3.12 18.39
C PRO A 110 0.70 -1.88 18.55
N SER A 111 0.24 -0.94 19.36
CA SER A 111 0.98 0.29 19.59
C SER A 111 0.93 0.69 21.07
N SER A 112 1.91 0.20 21.84
CA SER A 112 1.97 0.51 23.26
C SER A 112 2.97 1.63 23.54
N GLY A 113 2.86 2.23 24.70
CA GLY A 113 3.76 3.31 25.07
C GLY A 113 3.04 4.47 25.74
N PRO A 114 3.69 5.16 26.70
CA PRO A 114 3.09 6.30 27.40
C PRO A 114 2.55 7.35 26.44
N SER A 115 3.45 7.94 25.66
CA SER A 115 3.07 8.96 24.70
C SER A 115 2.87 8.37 23.31
N SER A 116 2.10 9.06 22.48
CA SER A 116 1.83 8.60 21.11
C SER A 116 1.32 9.74 20.25
N GLY A 117 0.34 10.47 20.76
CA GLY A 117 -0.22 11.59 20.01
C GLY A 117 -0.86 11.14 18.71
N GLY A 1 21.18 -15.93 -13.00
CA GLY A 1 21.89 -16.27 -11.74
C GLY A 1 22.06 -17.76 -11.55
N SER A 2 21.12 -18.38 -10.86
CA SER A 2 21.17 -19.83 -10.61
C SER A 2 20.28 -20.57 -11.60
N SER A 3 20.85 -21.59 -12.24
CA SER A 3 20.11 -22.38 -13.21
C SER A 3 20.59 -23.84 -13.21
N GLY A 4 19.94 -24.67 -12.40
CA GLY A 4 20.31 -26.06 -12.31
C GLY A 4 19.33 -26.97 -13.02
N SER A 5 19.32 -28.24 -12.64
CA SER A 5 18.41 -29.22 -13.24
C SER A 5 17.01 -29.10 -12.67
N SER A 6 16.93 -28.85 -11.36
CA SER A 6 15.65 -28.71 -10.69
C SER A 6 14.94 -27.42 -11.12
N GLY A 7 13.64 -27.54 -11.41
CA GLY A 7 12.88 -26.37 -11.83
C GLY A 7 11.43 -26.46 -11.41
N ASP A 8 11.18 -26.27 -10.13
CA ASP A 8 9.82 -26.32 -9.59
C ASP A 8 9.59 -25.19 -8.60
N THR A 9 8.56 -24.38 -8.86
CA THR A 9 8.22 -23.26 -7.99
C THR A 9 6.71 -23.16 -7.78
N VAL A 10 6.27 -23.37 -6.55
CA VAL A 10 4.85 -23.30 -6.22
C VAL A 10 4.41 -21.86 -5.97
N ALA A 11 3.31 -21.47 -6.59
CA ALA A 11 2.78 -20.12 -6.44
C ALA A 11 1.69 -20.07 -5.37
N ASN A 12 2.09 -19.69 -4.15
CA ASN A 12 1.16 -19.61 -3.04
C ASN A 12 0.85 -18.15 -2.69
N ALA A 13 -0.06 -17.95 -1.74
CA ALA A 13 -0.43 -16.61 -1.33
C ALA A 13 0.44 -16.13 -0.18
N SER A 14 1.56 -15.49 -0.51
CA SER A 14 2.48 -14.98 0.50
C SER A 14 3.61 -14.18 -0.14
N GLY A 15 3.41 -12.87 -0.26
CA GLY A 15 4.42 -12.02 -0.85
C GLY A 15 4.25 -10.56 -0.47
N PRO A 16 3.42 -9.80 -1.21
CA PRO A 16 3.19 -8.39 -0.92
C PRO A 16 2.33 -8.18 0.33
N LEU A 17 2.42 -6.98 0.90
CA LEU A 17 1.67 -6.65 2.10
C LEU A 17 0.57 -5.64 1.80
N MET A 18 -0.63 -5.88 2.33
CA MET A 18 -1.75 -4.98 2.11
C MET A 18 -1.85 -3.94 3.22
N VAL A 19 -1.38 -2.73 2.93
CA VAL A 19 -1.41 -1.65 3.90
C VAL A 19 -2.64 -0.77 3.71
N GLU A 20 -3.76 -1.19 4.27
CA GLU A 20 -5.01 -0.45 4.16
C GLU A 20 -4.96 0.82 5.01
N ILE A 21 -5.80 1.79 4.65
CA ILE A 21 -5.85 3.06 5.37
C ILE A 21 -7.28 3.56 5.49
N VAL A 22 -7.87 3.40 6.67
CA VAL A 22 -9.24 3.84 6.92
C VAL A 22 -9.34 5.36 6.90
N LYS A 23 -9.50 5.92 5.71
CA LYS A 23 -9.61 7.37 5.55
C LYS A 23 -11.08 7.80 5.55
N THR A 24 -11.30 9.11 5.53
CA THR A 24 -12.65 9.66 5.52
C THR A 24 -13.34 9.38 4.20
N PRO A 25 -14.67 9.17 4.22
CA PRO A 25 -15.44 8.89 3.01
C PRO A 25 -15.48 10.09 2.06
N GLY A 26 -14.71 10.00 0.98
CA GLY A 26 -14.66 11.08 0.02
C GLY A 26 -13.61 12.12 0.35
N SER A 27 -12.57 11.69 1.07
CA SER A 27 -11.49 12.59 1.46
C SER A 27 -10.15 12.08 0.94
N ALA A 28 -9.13 12.93 1.03
CA ALA A 28 -7.78 12.57 0.58
C ALA A 28 -6.78 12.69 1.70
N LEU A 29 -5.85 11.74 1.77
CA LEU A 29 -4.83 11.74 2.81
C LEU A 29 -3.75 12.77 2.51
N GLY A 30 -3.20 12.72 1.30
CA GLY A 30 -2.17 13.66 0.90
C GLY A 30 -0.79 13.02 0.82
N ILE A 31 -0.77 11.76 0.40
CA ILE A 31 0.49 11.03 0.28
C ILE A 31 1.24 11.44 -0.98
N SER A 32 2.56 11.53 -0.86
CA SER A 32 3.40 11.92 -2.00
C SER A 32 4.29 10.76 -2.44
N LEU A 33 4.04 10.27 -3.66
CA LEU A 33 4.81 9.16 -4.20
C LEU A 33 5.96 9.68 -5.05
N THR A 34 7.00 8.86 -5.20
CA THR A 34 8.16 9.24 -5.99
C THR A 34 8.77 8.02 -6.69
N THR A 35 8.98 8.13 -8.00
CA THR A 35 9.54 7.04 -8.78
C THR A 35 11.07 7.12 -8.79
N THR A 36 11.71 5.95 -8.84
CA THR A 36 13.16 5.90 -8.85
C THR A 36 13.66 5.02 -10.01
N SER A 37 14.98 4.84 -10.09
CA SER A 37 15.57 4.03 -11.14
C SER A 37 16.39 2.88 -10.54
N LEU A 38 16.31 1.72 -11.17
CA LEU A 38 17.04 0.54 -10.71
C LEU A 38 18.07 0.09 -11.73
N ARG A 39 17.57 -0.38 -12.88
CA ARG A 39 18.44 -0.83 -13.96
C ARG A 39 17.75 -0.72 -15.31
N ASN A 40 16.53 -1.23 -15.39
CA ASN A 40 15.76 -1.19 -16.63
C ASN A 40 14.27 -1.03 -16.33
N LYS A 41 13.95 -0.38 -15.23
CA LYS A 41 12.57 -0.16 -14.83
C LYS A 41 12.48 0.78 -13.64
N SER A 42 11.57 1.75 -13.72
CA SER A 42 11.38 2.72 -12.65
C SER A 42 10.23 2.30 -11.73
N VAL A 43 10.57 2.01 -10.47
CA VAL A 43 9.56 1.60 -9.50
C VAL A 43 8.99 2.81 -8.77
N ILE A 44 7.74 2.68 -8.32
CA ILE A 44 7.07 3.75 -7.60
C ILE A 44 7.19 3.57 -6.09
N THR A 45 7.71 4.58 -5.41
CA THR A 45 7.88 4.52 -3.96
C THR A 45 7.24 5.74 -3.30
N ILE A 46 7.42 5.84 -1.99
CA ILE A 46 6.87 6.96 -1.22
C ILE A 46 7.95 7.99 -0.90
N ASP A 47 7.60 9.26 -1.08
CA ASP A 47 8.54 10.35 -0.81
C ASP A 47 8.28 10.97 0.55
N ARG A 48 7.03 11.42 0.77
CA ARG A 48 6.66 12.03 2.03
C ARG A 48 5.14 11.94 2.24
N ILE A 49 4.73 11.94 3.51
CA ILE A 49 3.32 11.85 3.85
C ILE A 49 2.77 13.23 4.25
N LYS A 50 1.45 13.37 4.18
CA LYS A 50 0.80 14.63 4.55
C LYS A 50 0.62 14.72 6.06
N PRO A 51 1.32 15.67 6.71
CA PRO A 51 1.21 15.86 8.16
C PRO A 51 -0.23 15.99 8.63
N ALA A 52 -0.50 15.50 9.84
CA ALA A 52 -1.84 15.56 10.41
C ALA A 52 -2.84 14.81 9.54
N SER A 53 -2.39 13.70 8.96
CA SER A 53 -3.24 12.88 8.10
C SER A 53 -3.57 11.55 8.77
N VAL A 54 -4.32 10.71 8.07
CA VAL A 54 -4.71 9.41 8.60
C VAL A 54 -3.53 8.43 8.58
N VAL A 55 -2.65 8.61 7.59
CA VAL A 55 -1.48 7.75 7.46
C VAL A 55 -0.32 8.27 8.29
N ASP A 56 -0.14 9.59 8.30
CA ASP A 56 0.93 10.21 9.07
C ASP A 56 0.76 9.96 10.56
N ARG A 57 -0.49 9.89 11.00
CA ARG A 57 -0.80 9.66 12.41
C ARG A 57 -0.75 8.16 12.74
N SER A 58 -1.37 7.36 11.86
CA SER A 58 -1.41 5.92 12.06
C SER A 58 -0.03 5.31 11.87
N GLY A 59 0.66 5.73 10.81
CA GLY A 59 1.98 5.21 10.53
C GLY A 59 1.95 3.98 9.65
N ALA A 60 1.07 3.98 8.66
CA ALA A 60 0.94 2.86 7.74
C ALA A 60 1.92 2.98 6.58
N LEU A 61 2.22 4.21 6.20
CA LEU A 61 3.14 4.46 5.10
C LEU A 61 4.39 5.21 5.59
N HIS A 62 5.55 4.78 5.11
CA HIS A 62 6.81 5.39 5.50
C HIS A 62 7.65 5.74 4.27
N PRO A 63 8.30 6.91 4.28
CA PRO A 63 9.15 7.36 3.15
C PRO A 63 10.20 6.32 2.78
N GLY A 64 10.06 5.74 1.60
CA GLY A 64 11.01 4.74 1.13
C GLY A 64 10.39 3.35 1.05
N ASP A 65 9.09 3.29 0.82
CA ASP A 65 8.38 2.03 0.72
C ASP A 65 8.29 1.57 -0.74
N HIS A 66 8.29 0.26 -0.93
CA HIS A 66 8.22 -0.31 -2.27
C HIS A 66 6.80 -0.75 -2.60
N ILE A 67 6.06 0.10 -3.32
CA ILE A 67 4.69 -0.19 -3.69
C ILE A 67 4.64 -1.21 -4.83
N LEU A 68 3.96 -2.32 -4.59
CA LEU A 68 3.83 -3.37 -5.60
C LEU A 68 2.50 -3.26 -6.34
N SER A 69 1.50 -2.73 -5.67
CA SER A 69 0.18 -2.57 -6.27
C SER A 69 -0.69 -1.64 -5.42
N ILE A 70 -1.62 -0.95 -6.09
CA ILE A 70 -2.52 -0.03 -5.40
C ILE A 70 -3.95 -0.20 -5.90
N ASP A 71 -4.85 -0.63 -5.01
CA ASP A 71 -6.25 -0.82 -5.37
C ASP A 71 -6.38 -1.87 -6.47
N GLY A 72 -5.47 -2.83 -6.50
CA GLY A 72 -5.50 -3.87 -7.50
C GLY A 72 -4.72 -3.52 -8.75
N THR A 73 -4.10 -2.34 -8.76
CA THR A 73 -3.32 -1.90 -9.90
C THR A 73 -1.83 -2.12 -9.67
N SER A 74 -1.22 -2.97 -10.49
CA SER A 74 0.20 -3.28 -10.38
C SER A 74 1.04 -2.03 -10.63
N MET A 75 2.10 -1.86 -9.84
CA MET A 75 2.98 -0.72 -9.97
C MET A 75 4.22 -1.08 -10.79
N GLU A 76 4.04 -1.92 -11.80
CA GLU A 76 5.14 -2.35 -12.65
C GLU A 76 5.30 -1.41 -13.85
N HIS A 77 4.17 -0.93 -14.35
CA HIS A 77 4.18 -0.02 -15.50
C HIS A 77 3.32 1.21 -15.23
N CYS A 78 3.26 1.61 -13.97
CA CYS A 78 2.47 2.78 -13.57
C CYS A 78 3.37 3.99 -13.38
N SER A 79 2.78 5.18 -13.52
CA SER A 79 3.52 6.42 -13.37
C SER A 79 3.19 7.09 -12.04
N LEU A 80 3.74 8.29 -11.83
CA LEU A 80 3.51 9.03 -10.60
C LEU A 80 2.11 9.64 -10.59
N LEU A 81 1.75 10.30 -11.69
CA LEU A 81 0.43 10.93 -11.82
C LEU A 81 -0.66 9.88 -11.80
N GLU A 82 -0.42 8.76 -12.49
CA GLU A 82 -1.40 7.68 -12.55
C GLU A 82 -1.57 7.01 -11.18
N ALA A 83 -0.48 6.98 -10.42
CA ALA A 83 -0.52 6.37 -9.09
C ALA A 83 -1.25 7.26 -8.09
N THR A 84 -0.98 8.56 -8.14
CA THR A 84 -1.62 9.51 -7.23
C THR A 84 -3.13 9.52 -7.44
N LYS A 85 -3.56 9.29 -8.68
CA LYS A 85 -4.98 9.27 -9.01
C LYS A 85 -5.66 8.04 -8.42
N LEU A 86 -4.92 6.93 -8.36
CA LEU A 86 -5.45 5.70 -7.82
C LEU A 86 -5.83 5.85 -6.36
N LEU A 87 -5.04 6.64 -5.63
CA LEU A 87 -5.29 6.89 -4.21
C LEU A 87 -6.51 7.77 -4.02
N ALA A 88 -6.76 8.65 -4.99
CA ALA A 88 -7.90 9.57 -4.92
C ALA A 88 -9.20 8.82 -5.14
N SER A 89 -9.16 7.79 -5.98
CA SER A 89 -10.34 6.99 -6.29
C SER A 89 -10.52 5.88 -5.26
N ILE A 90 -11.03 6.23 -4.09
CA ILE A 90 -11.25 5.26 -3.02
C ILE A 90 -12.56 5.55 -2.28
N SER A 91 -13.14 4.51 -1.69
CA SER A 91 -14.38 4.66 -0.94
C SER A 91 -14.11 5.09 0.50
N GLU A 92 -13.65 4.15 1.31
CA GLU A 92 -13.35 4.42 2.71
C GLU A 92 -11.93 4.00 3.06
N LYS A 93 -11.55 2.81 2.61
CA LYS A 93 -10.22 2.28 2.87
C LYS A 93 -9.38 2.26 1.59
N VAL A 94 -8.13 2.68 1.70
CA VAL A 94 -7.22 2.71 0.56
C VAL A 94 -6.33 1.46 0.53
N ARG A 95 -6.49 0.65 -0.50
CA ARG A 95 -5.71 -0.58 -0.63
C ARG A 95 -4.33 -0.27 -1.20
N LEU A 96 -3.36 -0.05 -0.29
CA LEU A 96 -2.00 0.25 -0.69
C LEU A 96 -1.10 -0.96 -0.53
N GLU A 97 -0.94 -1.73 -1.60
CA GLU A 97 -0.10 -2.92 -1.57
C GLU A 97 1.37 -2.55 -1.64
N ILE A 98 2.07 -2.74 -0.53
CA ILE A 98 3.49 -2.43 -0.46
C ILE A 98 4.31 -3.65 -0.02
N LEU A 99 5.51 -3.78 -0.57
CA LEU A 99 6.38 -4.89 -0.23
C LEU A 99 6.64 -4.96 1.28
N PRO A 100 6.62 -6.17 1.86
CA PRO A 100 6.85 -6.35 3.30
C PRO A 100 8.14 -5.69 3.77
N VAL A 101 8.03 -4.47 4.28
CA VAL A 101 9.19 -3.73 4.75
C VAL A 101 9.25 -3.74 6.28
N PRO A 102 10.48 -3.73 6.85
CA PRO A 102 10.66 -3.73 8.30
C PRO A 102 10.27 -2.41 8.95
N GLN A 103 10.29 -1.34 8.15
CA GLN A 103 9.93 -0.02 8.65
C GLN A 103 8.52 -0.01 9.23
N SER A 104 7.61 -0.70 8.55
CA SER A 104 6.23 -0.77 9.00
C SER A 104 5.83 -2.21 9.30
N GLN A 105 5.51 -2.97 8.26
CA GLN A 105 5.11 -4.36 8.42
C GLN A 105 3.93 -4.49 9.37
N ARG A 106 2.98 -3.56 9.26
CA ARG A 106 1.80 -3.57 10.11
C ARG A 106 0.56 -3.13 9.33
N PRO A 107 -0.16 -4.08 8.71
CA PRO A 107 -1.36 -3.78 7.93
C PRO A 107 -2.53 -3.33 8.82
N LEU A 108 -2.52 -3.78 10.06
CA LEU A 108 -3.58 -3.44 11.01
C LEU A 108 -4.93 -3.97 10.55
N ARG A 109 -5.72 -4.47 11.50
CA ARG A 109 -7.04 -5.02 11.19
C ARG A 109 -6.93 -6.18 10.21
N PRO A 110 -7.97 -7.03 10.16
CA PRO A 110 -7.98 -8.20 9.26
C PRO A 110 -7.69 -7.82 7.81
N SER A 111 -7.80 -8.79 6.92
CA SER A 111 -7.55 -8.56 5.50
C SER A 111 -8.53 -9.35 4.63
N SER A 112 -9.74 -9.56 5.15
CA SER A 112 -10.76 -10.30 4.43
C SER A 112 -10.29 -11.71 4.11
N GLY A 113 -11.21 -12.55 3.64
CA GLY A 113 -10.87 -13.91 3.30
C GLY A 113 -12.08 -14.83 3.26
N PRO A 114 -12.74 -14.93 2.09
CA PRO A 114 -13.93 -15.78 1.94
C PRO A 114 -13.60 -17.27 1.98
N SER A 115 -14.54 -18.07 2.48
CA SER A 115 -14.33 -19.50 2.58
C SER A 115 -15.34 -20.25 1.71
N SER A 116 -14.86 -20.74 0.57
CA SER A 116 -15.71 -21.49 -0.35
C SER A 116 -16.16 -22.81 0.26
N GLY A 117 -17.01 -23.53 -0.47
CA GLY A 117 -17.51 -24.80 0.03
C GLY A 117 -17.72 -25.81 -1.09
N GLY A 1 -14.42 -31.89 5.94
CA GLY A 1 -14.74 -30.82 4.95
C GLY A 1 -13.67 -30.67 3.89
N SER A 2 -14.07 -30.19 2.71
CA SER A 2 -13.14 -30.00 1.61
C SER A 2 -13.20 -28.57 1.09
N SER A 3 -12.41 -28.29 0.05
CA SER A 3 -12.39 -26.96 -0.54
C SER A 3 -11.53 -26.95 -1.81
N GLY A 4 -12.09 -26.39 -2.88
CA GLY A 4 -11.37 -26.33 -4.14
C GLY A 4 -10.91 -24.93 -4.48
N SER A 5 -9.60 -24.70 -4.40
CA SER A 5 -9.03 -23.39 -4.69
C SER A 5 -9.42 -22.36 -3.63
N SER A 6 -10.71 -22.06 -3.56
CA SER A 6 -11.22 -21.09 -2.58
C SER A 6 -10.63 -19.71 -2.83
N GLY A 7 -10.41 -19.39 -4.10
CA GLY A 7 -9.84 -18.09 -4.45
C GLY A 7 -8.37 -18.18 -4.81
N ASP A 8 -7.98 -17.43 -5.84
CA ASP A 8 -6.59 -17.42 -6.29
C ASP A 8 -5.76 -16.44 -5.45
N THR A 9 -4.61 -16.92 -4.96
CA THR A 9 -3.72 -16.10 -4.15
C THR A 9 -2.50 -15.67 -4.95
N VAL A 10 -2.43 -14.39 -5.29
CA VAL A 10 -1.31 -13.86 -6.05
C VAL A 10 -0.54 -12.82 -5.24
N ALA A 11 -1.24 -11.75 -4.84
CA ALA A 11 -0.62 -10.69 -4.06
C ALA A 11 -1.21 -10.63 -2.65
N ASN A 12 -1.63 -11.79 -2.14
CA ASN A 12 -2.21 -11.87 -0.80
C ASN A 12 -1.12 -12.03 0.25
N ALA A 13 -0.47 -13.17 0.24
CA ALA A 13 0.60 -13.45 1.21
C ALA A 13 1.73 -14.25 0.57
N SER A 14 1.93 -14.05 -0.73
CA SER A 14 2.97 -14.75 -1.46
C SER A 14 4.05 -13.77 -1.97
N GLY A 15 4.19 -12.65 -1.27
CA GLY A 15 5.17 -11.66 -1.66
C GLY A 15 4.85 -10.28 -1.12
N PRO A 16 3.97 -9.53 -1.79
CA PRO A 16 3.58 -8.19 -1.36
C PRO A 16 2.67 -8.21 -0.13
N LEU A 17 2.53 -7.06 0.52
CA LEU A 17 1.69 -6.94 1.70
C LEU A 17 0.45 -6.10 1.42
N MET A 18 -0.36 -5.88 2.44
CA MET A 18 -1.58 -5.10 2.29
C MET A 18 -1.67 -4.04 3.38
N VAL A 19 -1.54 -2.78 3.00
CA VAL A 19 -1.61 -1.67 3.94
C VAL A 19 -2.89 -0.86 3.73
N GLU A 20 -3.92 -1.17 4.51
CA GLU A 20 -5.19 -0.46 4.41
C GLU A 20 -5.18 0.80 5.26
N ILE A 21 -5.94 1.81 4.82
CA ILE A 21 -6.03 3.06 5.56
C ILE A 21 -7.45 3.62 5.53
N VAL A 22 -8.21 3.36 6.59
CA VAL A 22 -9.58 3.84 6.68
C VAL A 22 -9.66 5.36 6.64
N LYS A 23 -9.69 5.90 5.42
CA LYS A 23 -9.76 7.35 5.24
C LYS A 23 -11.20 7.79 5.01
N THR A 24 -11.42 9.10 5.06
CA THR A 24 -12.75 9.66 4.86
C THR A 24 -13.27 9.33 3.46
N PRO A 25 -14.59 9.13 3.32
CA PRO A 25 -15.22 8.81 2.03
C PRO A 25 -15.21 10.00 1.07
N GLY A 26 -14.55 9.83 -0.07
CA GLY A 26 -14.49 10.89 -1.05
C GLY A 26 -13.58 12.02 -0.61
N SER A 27 -12.58 11.70 0.20
CA SER A 27 -11.64 12.70 0.69
C SER A 27 -10.21 12.35 0.28
N ALA A 28 -9.26 13.19 0.69
CA ALA A 28 -7.86 12.96 0.37
C ALA A 28 -6.98 13.15 1.60
N LEU A 29 -6.08 12.20 1.84
CA LEU A 29 -5.18 12.27 2.98
C LEU A 29 -4.04 13.24 2.72
N GLY A 30 -3.17 12.88 1.78
CA GLY A 30 -2.05 13.74 1.45
C GLY A 30 -0.75 12.96 1.35
N ILE A 31 -0.77 11.84 0.65
CA ILE A 31 0.40 11.01 0.49
C ILE A 31 1.21 11.43 -0.74
N SER A 32 2.52 11.51 -0.58
CA SER A 32 3.41 11.89 -1.67
C SER A 32 4.20 10.69 -2.19
N LEU A 33 4.10 10.44 -3.49
CA LEU A 33 4.80 9.32 -4.11
C LEU A 33 5.74 9.81 -5.20
N THR A 34 6.95 9.25 -5.24
CA THR A 34 7.94 9.63 -6.24
C THR A 34 8.66 8.39 -6.77
N THR A 35 8.58 8.19 -8.09
CA THR A 35 9.23 7.04 -8.73
C THR A 35 10.74 7.22 -8.75
N THR A 36 11.43 6.27 -9.39
CA THR A 36 12.88 6.31 -9.47
C THR A 36 13.38 5.35 -10.55
N SER A 37 14.71 5.23 -10.67
CA SER A 37 15.31 4.35 -11.65
C SER A 37 16.07 3.21 -10.97
N LEU A 38 16.54 2.26 -11.76
CA LEU A 38 17.28 1.13 -11.23
C LEU A 38 18.31 0.63 -12.24
N ARG A 39 17.84 0.17 -13.39
CA ARG A 39 18.72 -0.33 -14.44
C ARG A 39 18.00 -0.38 -15.78
N ASN A 40 16.77 -0.89 -15.76
CA ASN A 40 15.98 -1.00 -16.97
C ASN A 40 14.48 -1.01 -16.64
N LYS A 41 14.11 -0.32 -15.57
CA LYS A 41 12.72 -0.24 -15.15
C LYS A 41 12.51 0.92 -14.18
N SER A 42 11.34 0.96 -13.57
CA SER A 42 11.01 2.03 -12.63
C SER A 42 10.07 1.52 -11.54
N VAL A 43 10.46 1.72 -10.29
CA VAL A 43 9.64 1.28 -9.16
C VAL A 43 9.11 2.47 -8.37
N ILE A 44 7.79 2.67 -8.42
CA ILE A 44 7.16 3.77 -7.72
C ILE A 44 7.26 3.59 -6.21
N THR A 45 7.86 4.57 -5.54
CA THR A 45 8.03 4.52 -4.09
C THR A 45 7.37 5.73 -3.42
N ILE A 46 7.41 5.76 -2.10
CA ILE A 46 6.82 6.86 -1.35
C ILE A 46 7.86 7.95 -1.07
N ASP A 47 7.47 9.20 -1.29
CA ASP A 47 8.37 10.32 -1.05
C ASP A 47 8.17 10.90 0.34
N ARG A 48 6.92 11.13 0.71
CA ARG A 48 6.60 11.69 2.02
C ARG A 48 5.09 11.62 2.29
N ILE A 49 4.70 11.98 3.51
CA ILE A 49 3.30 11.96 3.88
C ILE A 49 2.86 13.32 4.43
N LYS A 50 1.55 13.57 4.43
CA LYS A 50 1.02 14.83 4.93
C LYS A 50 0.95 14.82 6.46
N PRO A 51 1.24 15.96 7.10
CA PRO A 51 1.21 16.08 8.56
C PRO A 51 -0.21 16.14 9.11
N ALA A 52 -0.40 15.57 10.29
CA ALA A 52 -1.72 15.55 10.93
C ALA A 52 -2.74 14.86 10.05
N SER A 53 -2.29 13.87 9.29
CA SER A 53 -3.17 13.12 8.40
C SER A 53 -3.48 11.74 8.98
N VAL A 54 -4.31 10.99 8.27
CA VAL A 54 -4.68 9.64 8.71
C VAL A 54 -3.51 8.68 8.56
N VAL A 55 -2.68 8.93 7.56
CA VAL A 55 -1.52 8.08 7.30
C VAL A 55 -0.36 8.42 8.23
N ASP A 56 -0.15 9.72 8.45
CA ASP A 56 0.91 10.19 9.33
C ASP A 56 0.59 9.89 10.79
N ARG A 57 -0.68 10.05 11.15
CA ARG A 57 -1.13 9.79 12.52
C ARG A 57 -1.11 8.30 12.83
N SER A 58 -1.68 7.52 11.94
CA SER A 58 -1.74 6.07 12.11
C SER A 58 -0.37 5.43 11.86
N GLY A 59 0.28 5.85 10.77
CA GLY A 59 1.59 5.31 10.44
C GLY A 59 1.50 4.12 9.50
N ALA A 60 0.53 4.16 8.58
CA ALA A 60 0.34 3.09 7.62
C ALA A 60 1.45 3.10 6.57
N LEU A 61 1.80 4.29 6.10
CA LEU A 61 2.85 4.43 5.10
C LEU A 61 4.06 5.16 5.67
N HIS A 62 5.21 4.97 5.04
CA HIS A 62 6.45 5.60 5.49
C HIS A 62 7.38 5.88 4.31
N PRO A 63 8.04 7.05 4.30
CA PRO A 63 8.97 7.43 3.22
C PRO A 63 10.04 6.38 2.98
N GLY A 64 9.97 5.69 1.85
CA GLY A 64 10.95 4.68 1.53
C GLY A 64 10.30 3.35 1.15
N ASP A 65 9.08 3.14 1.61
CA ASP A 65 8.36 1.90 1.32
C ASP A 65 8.24 1.69 -0.18
N HIS A 66 8.24 0.42 -0.59
CA HIS A 66 8.14 0.07 -2.01
C HIS A 66 6.71 -0.34 -2.37
N ILE A 67 6.08 0.44 -3.23
CA ILE A 67 4.71 0.15 -3.65
C ILE A 67 4.70 -0.78 -4.85
N LEU A 68 4.04 -1.94 -4.69
CA LEU A 68 3.95 -2.92 -5.77
C LEU A 68 2.59 -2.84 -6.46
N SER A 69 1.58 -2.42 -5.72
CA SER A 69 0.23 -2.32 -6.27
C SER A 69 -0.64 -1.43 -5.39
N ILE A 70 -1.65 -0.80 -6.00
CA ILE A 70 -2.56 0.07 -5.27
C ILE A 70 -3.99 -0.08 -5.78
N ASP A 71 -4.90 -0.44 -4.88
CA ASP A 71 -6.30 -0.63 -5.25
C ASP A 71 -6.45 -1.69 -6.33
N GLY A 72 -5.55 -2.67 -6.32
CA GLY A 72 -5.61 -3.73 -7.30
C GLY A 72 -4.90 -3.37 -8.61
N THR A 73 -4.23 -2.22 -8.62
CA THR A 73 -3.53 -1.76 -9.80
C THR A 73 -2.03 -2.06 -9.70
N SER A 74 -1.49 -2.70 -10.74
CA SER A 74 -0.08 -3.05 -10.76
C SER A 74 0.79 -1.80 -10.91
N MET A 75 1.92 -1.77 -10.20
CA MET A 75 2.82 -0.64 -10.25
C MET A 75 3.98 -0.91 -11.21
N GLU A 76 3.71 -1.71 -12.24
CA GLU A 76 4.73 -2.04 -13.23
C GLU A 76 4.67 -1.10 -14.42
N HIS A 77 5.76 -0.38 -14.65
CA HIS A 77 5.83 0.56 -15.76
C HIS A 77 4.77 1.66 -15.62
N CYS A 78 4.42 1.97 -14.37
CA CYS A 78 3.41 3.00 -14.10
C CYS A 78 4.07 4.35 -13.86
N SER A 79 3.27 5.41 -13.90
CA SER A 79 3.78 6.76 -13.69
C SER A 79 3.42 7.26 -12.29
N LEU A 80 3.87 8.48 -11.98
CA LEU A 80 3.59 9.07 -10.68
C LEU A 80 2.14 9.53 -10.58
N LEU A 81 1.62 10.09 -11.67
CA LEU A 81 0.25 10.56 -11.72
C LEU A 81 -0.73 9.40 -11.61
N GLU A 82 -0.47 8.34 -12.37
CA GLU A 82 -1.33 7.16 -12.37
C GLU A 82 -1.37 6.52 -10.98
N ALA A 83 -0.24 6.56 -10.28
CA ALA A 83 -0.14 5.99 -8.94
C ALA A 83 -0.84 6.87 -7.92
N THR A 84 -0.59 8.17 -7.98
CA THR A 84 -1.20 9.12 -7.06
C THR A 84 -2.69 9.25 -7.32
N LYS A 85 -3.08 9.09 -8.59
CA LYS A 85 -4.48 9.20 -8.97
C LYS A 85 -5.31 8.11 -8.30
N LEU A 86 -4.72 6.93 -8.14
CA LEU A 86 -5.40 5.80 -7.52
C LEU A 86 -5.77 6.12 -6.07
N LEU A 87 -4.81 6.68 -5.33
CA LEU A 87 -5.04 7.04 -3.94
C LEU A 87 -6.15 8.08 -3.81
N ALA A 88 -6.30 8.90 -4.84
CA ALA A 88 -7.32 9.94 -4.85
C ALA A 88 -8.70 9.35 -5.11
N SER A 89 -8.74 8.25 -5.85
CA SER A 89 -10.00 7.59 -6.17
C SER A 89 -10.26 6.42 -5.22
N ILE A 90 -10.69 6.75 -4.01
CA ILE A 90 -10.98 5.73 -3.01
C ILE A 90 -12.36 5.94 -2.38
N SER A 91 -13.09 4.84 -2.19
CA SER A 91 -14.42 4.91 -1.60
C SER A 91 -14.34 5.16 -0.09
N GLU A 92 -13.49 4.40 0.59
CA GLU A 92 -13.32 4.55 2.02
C GLU A 92 -11.99 3.97 2.48
N LYS A 93 -11.69 2.75 2.03
CA LYS A 93 -10.45 2.09 2.38
C LYS A 93 -9.54 1.93 1.17
N VAL A 94 -8.29 2.36 1.32
CA VAL A 94 -7.32 2.26 0.23
C VAL A 94 -6.49 0.98 0.33
N ARG A 95 -6.37 0.28 -0.79
CA ARG A 95 -5.60 -0.96 -0.82
C ARG A 95 -4.16 -0.70 -1.30
N LEU A 96 -3.30 -0.32 -0.37
CA LEU A 96 -1.90 -0.04 -0.69
C LEU A 96 -1.05 -1.30 -0.53
N GLU A 97 -0.71 -1.92 -1.65
CA GLU A 97 0.10 -3.14 -1.63
C GLU A 97 1.59 -2.79 -1.56
N ILE A 98 2.14 -2.79 -0.35
CA ILE A 98 3.55 -2.47 -0.16
C ILE A 98 4.37 -3.74 0.06
N LEU A 99 5.65 -3.67 -0.32
CA LEU A 99 6.54 -4.81 -0.17
C LEU A 99 6.90 -5.03 1.31
N PRO A 100 6.98 -6.31 1.75
CA PRO A 100 7.31 -6.63 3.13
C PRO A 100 8.56 -5.91 3.62
N VAL A 101 8.34 -4.82 4.36
CA VAL A 101 9.45 -4.03 4.89
C VAL A 101 9.58 -4.22 6.40
N PRO A 102 10.79 -3.99 6.94
CA PRO A 102 11.05 -4.14 8.39
C PRO A 102 10.40 -3.05 9.21
N GLN A 103 10.04 -1.94 8.56
CA GLN A 103 9.40 -0.82 9.24
C GLN A 103 7.93 -1.09 9.48
N SER A 104 7.25 -1.57 8.45
CA SER A 104 5.82 -1.89 8.55
C SER A 104 5.60 -3.37 8.80
N GLN A 105 4.61 -3.68 9.63
CA GLN A 105 4.29 -5.06 9.96
C GLN A 105 2.85 -5.18 10.47
N ARG A 106 1.98 -4.32 9.97
CA ARG A 106 0.58 -4.33 10.37
C ARG A 106 -0.34 -4.32 9.15
N PRO A 107 -0.59 -5.51 8.57
CA PRO A 107 -1.46 -5.64 7.39
C PRO A 107 -2.92 -5.40 7.72
N LEU A 108 -3.35 -5.94 8.85
CA LEU A 108 -4.74 -5.78 9.29
C LEU A 108 -4.85 -5.87 10.80
N ARG A 109 -4.63 -7.06 11.35
CA ARG A 109 -4.70 -7.27 12.79
C ARG A 109 -3.50 -8.09 13.28
N PRO A 110 -2.42 -7.41 13.70
CA PRO A 110 -1.21 -8.09 14.20
C PRO A 110 -1.44 -8.76 15.55
N SER A 111 -2.33 -9.74 15.56
CA SER A 111 -2.64 -10.47 16.80
C SER A 111 -2.90 -11.95 16.50
N SER A 112 -2.18 -12.48 15.52
CA SER A 112 -2.33 -13.88 15.15
C SER A 112 -0.97 -14.57 15.06
N GLY A 113 -0.42 -14.91 16.22
CA GLY A 113 0.88 -15.56 16.26
C GLY A 113 0.78 -17.01 16.70
N PRO A 114 1.67 -17.88 16.21
CA PRO A 114 1.66 -19.31 16.57
C PRO A 114 2.15 -19.54 18.01
N SER A 115 2.18 -20.81 18.41
CA SER A 115 2.63 -21.16 19.75
C SER A 115 3.49 -22.42 19.72
N SER A 116 3.02 -23.44 19.01
CA SER A 116 3.74 -24.71 18.91
C SER A 116 4.52 -24.77 17.59
N GLY A 117 5.00 -23.62 17.14
CA GLY A 117 5.75 -23.57 15.90
C GLY A 117 6.44 -22.24 15.69
N GLY A 1 17.75 -32.28 -20.13
CA GLY A 1 18.92 -32.83 -19.41
C GLY A 1 18.83 -32.64 -17.91
N SER A 2 18.58 -31.41 -17.48
CA SER A 2 18.46 -31.10 -16.07
C SER A 2 17.76 -29.76 -15.85
N SER A 3 17.69 -29.32 -14.60
CA SER A 3 17.05 -28.06 -14.27
C SER A 3 17.47 -27.59 -12.87
N GLY A 4 17.48 -28.51 -11.92
CA GLY A 4 17.85 -28.17 -10.56
C GLY A 4 16.65 -27.97 -9.65
N SER A 5 15.80 -27.02 -10.00
CA SER A 5 14.60 -26.73 -9.21
C SER A 5 13.35 -27.18 -9.95
N SER A 6 12.35 -27.61 -9.19
CA SER A 6 11.09 -28.06 -9.77
C SER A 6 10.37 -26.93 -10.49
N GLY A 7 10.17 -25.82 -9.79
CA GLY A 7 9.50 -24.68 -10.39
C GLY A 7 9.45 -23.48 -9.44
N ASP A 8 9.98 -22.35 -9.91
CA ASP A 8 10.00 -21.13 -9.10
C ASP A 8 9.70 -19.91 -9.97
N THR A 9 8.42 -19.64 -10.17
CA THR A 9 8.00 -18.50 -10.98
C THR A 9 6.60 -18.04 -10.58
N VAL A 10 6.27 -18.19 -9.31
CA VAL A 10 4.96 -17.79 -8.80
C VAL A 10 5.11 -16.79 -7.66
N ALA A 11 4.54 -15.61 -7.84
CA ALA A 11 4.60 -14.57 -6.83
C ALA A 11 3.33 -13.73 -6.82
N ASN A 12 2.22 -14.36 -6.44
CA ASN A 12 0.93 -13.67 -6.38
C ASN A 12 0.02 -14.31 -5.34
N ALA A 13 0.62 -14.83 -4.27
CA ALA A 13 -0.12 -15.46 -3.19
C ALA A 13 0.56 -15.26 -1.85
N SER A 14 -0.04 -14.43 -1.00
CA SER A 14 0.51 -14.16 0.32
C SER A 14 1.91 -13.54 0.21
N GLY A 15 2.14 -12.81 -0.88
CA GLY A 15 3.42 -12.17 -1.09
C GLY A 15 3.47 -10.76 -0.54
N PRO A 16 3.17 -9.74 -1.36
CA PRO A 16 3.19 -8.35 -0.93
C PRO A 16 2.33 -8.11 0.31
N LEU A 17 2.38 -6.89 0.83
CA LEU A 17 1.61 -6.54 2.02
C LEU A 17 0.50 -5.55 1.67
N MET A 18 -0.68 -5.78 2.25
CA MET A 18 -1.83 -4.92 2.00
C MET A 18 -2.05 -3.95 3.16
N VAL A 19 -1.39 -2.80 3.10
CA VAL A 19 -1.52 -1.80 4.15
C VAL A 19 -2.73 -0.89 3.90
N GLU A 20 -3.87 -1.29 4.44
CA GLU A 20 -5.10 -0.51 4.26
C GLU A 20 -5.14 0.66 5.24
N ILE A 21 -5.85 1.72 4.86
CA ILE A 21 -5.96 2.90 5.70
C ILE A 21 -7.38 3.48 5.63
N VAL A 22 -8.05 3.53 6.77
CA VAL A 22 -9.40 4.06 6.85
C VAL A 22 -9.40 5.59 6.81
N LYS A 23 -9.51 6.15 5.61
CA LYS A 23 -9.53 7.59 5.44
C LYS A 23 -10.95 8.14 5.53
N THR A 24 -11.08 9.45 5.36
CA THR A 24 -12.39 10.11 5.42
C THR A 24 -13.17 9.88 4.14
N PRO A 25 -14.51 9.83 4.23
CA PRO A 25 -15.36 9.62 3.05
C PRO A 25 -15.37 10.82 2.11
N GLY A 26 -14.82 10.62 0.91
CA GLY A 26 -14.76 11.70 -0.06
C GLY A 26 -13.80 12.80 0.35
N SER A 27 -12.74 12.42 1.06
CA SER A 27 -11.75 13.38 1.51
C SER A 27 -10.37 13.05 0.93
N ALA A 28 -9.39 13.90 1.23
CA ALA A 28 -8.04 13.69 0.74
C ALA A 28 -7.03 13.64 1.90
N LEU A 29 -6.10 12.70 1.82
CA LEU A 29 -5.09 12.53 2.86
C LEU A 29 -3.93 13.50 2.64
N GLY A 30 -3.24 13.36 1.51
CA GLY A 30 -2.12 14.23 1.20
C GLY A 30 -0.82 13.47 1.07
N ILE A 31 -0.90 12.26 0.52
CA ILE A 31 0.28 11.43 0.34
C ILE A 31 1.06 11.84 -0.90
N SER A 32 2.39 11.85 -0.79
CA SER A 32 3.25 12.24 -1.90
C SER A 32 4.15 11.08 -2.32
N LEU A 33 3.87 10.52 -3.49
CA LEU A 33 4.66 9.40 -4.01
C LEU A 33 5.79 9.90 -4.90
N THR A 34 6.70 8.99 -5.25
CA THR A 34 7.83 9.34 -6.11
C THR A 34 8.40 8.10 -6.78
N THR A 35 8.68 8.22 -8.07
CA THR A 35 9.22 7.11 -8.84
C THR A 35 10.74 7.19 -8.92
N THR A 36 11.40 6.05 -9.11
CA THR A 36 12.85 6.00 -9.21
C THR A 36 13.29 4.94 -10.22
N SER A 37 14.60 4.79 -10.36
CA SER A 37 15.16 3.82 -11.30
C SER A 37 15.84 2.68 -10.54
N LEU A 38 16.29 1.66 -11.30
CA LEU A 38 16.95 0.52 -10.70
C LEU A 38 18.03 -0.04 -11.63
N ARG A 39 17.59 -0.55 -12.78
CA ARG A 39 18.51 -1.11 -13.77
C ARG A 39 17.93 -1.00 -15.17
N ASN A 40 16.70 -1.48 -15.34
CA ASN A 40 16.03 -1.44 -16.63
C ASN A 40 14.52 -1.26 -16.46
N LYS A 41 14.13 -0.62 -15.38
CA LYS A 41 12.71 -0.38 -15.10
C LYS A 41 12.53 0.79 -14.15
N SER A 42 11.28 1.22 -13.97
CA SER A 42 10.97 2.34 -13.09
C SER A 42 9.94 1.94 -12.04
N VAL A 43 10.35 1.94 -10.78
CA VAL A 43 9.47 1.58 -9.68
C VAL A 43 8.96 2.82 -8.96
N ILE A 44 7.81 2.69 -8.31
CA ILE A 44 7.21 3.79 -7.58
C ILE A 44 7.37 3.62 -6.07
N THR A 45 7.78 4.68 -5.39
CA THR A 45 7.98 4.65 -3.95
C THR A 45 7.23 5.79 -3.26
N ILE A 46 7.36 5.87 -1.95
CA ILE A 46 6.70 6.92 -1.18
C ILE A 46 7.67 8.05 -0.84
N ASP A 47 7.40 9.23 -1.37
CA ASP A 47 8.24 10.39 -1.13
C ASP A 47 8.07 10.90 0.31
N ARG A 48 6.85 11.32 0.64
CA ARG A 48 6.57 11.83 1.97
C ARG A 48 5.07 11.78 2.26
N ILE A 49 4.69 12.15 3.47
CA ILE A 49 3.28 12.15 3.87
C ILE A 49 2.89 13.49 4.49
N LYS A 50 1.59 13.76 4.52
CA LYS A 50 1.08 15.01 5.09
C LYS A 50 0.90 14.88 6.60
N PRO A 51 1.19 15.96 7.35
CA PRO A 51 1.06 15.95 8.81
C PRO A 51 -0.40 16.02 9.25
N ALA A 52 -0.68 15.45 10.43
CA ALA A 52 -2.04 15.43 10.96
C ALA A 52 -3.01 14.75 10.01
N SER A 53 -2.49 13.79 9.24
CA SER A 53 -3.33 13.06 8.30
C SER A 53 -3.65 11.66 8.82
N VAL A 54 -4.44 10.91 8.05
CA VAL A 54 -4.83 9.56 8.44
C VAL A 54 -3.66 8.60 8.28
N VAL A 55 -2.80 8.87 7.30
CA VAL A 55 -1.63 8.02 7.05
C VAL A 55 -0.50 8.34 8.02
N ASP A 56 -0.37 9.62 8.37
CA ASP A 56 0.68 10.05 9.28
C ASP A 56 0.40 9.56 10.71
N ARG A 57 -0.85 9.70 11.14
CA ARG A 57 -1.23 9.26 12.47
C ARG A 57 -1.23 7.75 12.58
N SER A 58 -1.76 7.08 11.55
CA SER A 58 -1.82 5.63 11.52
C SER A 58 -0.43 5.04 11.28
N GLY A 59 0.40 5.78 10.55
CA GLY A 59 1.75 5.31 10.26
C GLY A 59 1.76 4.12 9.31
N ALA A 60 0.75 4.05 8.44
CA ALA A 60 0.65 2.97 7.49
C ALA A 60 1.72 3.07 6.41
N LEU A 61 1.91 4.28 5.90
CA LEU A 61 2.92 4.53 4.87
C LEU A 61 4.16 5.19 5.45
N HIS A 62 5.31 4.90 4.87
CA HIS A 62 6.57 5.46 5.34
C HIS A 62 7.43 5.92 4.16
N PRO A 63 8.01 7.13 4.23
CA PRO A 63 8.86 7.66 3.16
C PRO A 63 9.99 6.71 2.78
N GLY A 64 9.89 6.10 1.62
CA GLY A 64 10.91 5.17 1.17
C GLY A 64 10.40 3.75 1.06
N ASP A 65 9.11 3.60 0.80
CA ASP A 65 8.49 2.28 0.68
C ASP A 65 8.44 1.84 -0.79
N HIS A 66 8.22 0.56 -1.00
CA HIS A 66 8.14 0.01 -2.35
C HIS A 66 6.71 -0.41 -2.69
N ILE A 67 6.03 0.42 -3.48
CA ILE A 67 4.66 0.14 -3.88
C ILE A 67 4.62 -0.85 -5.04
N LEU A 68 4.03 -2.01 -4.80
CA LEU A 68 3.93 -3.04 -5.84
C LEU A 68 2.57 -2.99 -6.53
N SER A 69 1.55 -2.54 -5.80
CA SER A 69 0.21 -2.43 -6.35
C SER A 69 -0.67 -1.54 -5.47
N ILE A 70 -1.72 -0.98 -6.08
CA ILE A 70 -2.64 -0.11 -5.35
C ILE A 70 -4.05 -0.23 -5.90
N ASP A 71 -4.98 -0.63 -5.05
CA ASP A 71 -6.37 -0.79 -5.45
C ASP A 71 -6.50 -1.83 -6.57
N GLY A 72 -5.59 -2.79 -6.58
CA GLY A 72 -5.61 -3.83 -7.60
C GLY A 72 -4.87 -3.44 -8.86
N THR A 73 -4.21 -2.28 -8.84
CA THR A 73 -3.47 -1.80 -9.99
C THR A 73 -1.98 -2.09 -9.83
N SER A 74 -1.40 -2.74 -10.84
CA SER A 74 0.02 -3.08 -10.81
C SER A 74 0.89 -1.84 -11.00
N MET A 75 1.90 -1.68 -10.16
CA MET A 75 2.79 -0.53 -10.25
C MET A 75 4.07 -0.89 -11.01
N GLU A 76 3.92 -1.72 -12.04
CA GLU A 76 5.06 -2.13 -12.84
C GLU A 76 5.26 -1.20 -14.04
N HIS A 77 6.37 -0.47 -14.05
CA HIS A 77 6.67 0.46 -15.13
C HIS A 77 5.60 1.54 -15.24
N CYS A 78 5.02 1.90 -14.10
CA CYS A 78 3.98 2.93 -14.06
C CYS A 78 4.59 4.31 -13.88
N SER A 79 3.73 5.32 -13.76
CA SER A 79 4.18 6.70 -13.58
C SER A 79 3.84 7.20 -12.18
N LEU A 80 4.16 8.46 -11.93
CA LEU A 80 3.90 9.07 -10.63
C LEU A 80 2.46 9.56 -10.54
N LEU A 81 1.94 10.07 -11.66
CA LEU A 81 0.57 10.57 -11.71
C LEU A 81 -0.44 9.42 -11.57
N GLU A 82 -0.24 8.38 -12.37
CA GLU A 82 -1.13 7.22 -12.34
C GLU A 82 -1.13 6.58 -10.96
N ALA A 83 0.00 6.66 -10.27
CA ALA A 83 0.13 6.09 -8.93
C ALA A 83 -0.57 6.95 -7.89
N THR A 84 -0.40 8.27 -8.02
CA THR A 84 -1.01 9.21 -7.09
C THR A 84 -2.52 9.24 -7.25
N LYS A 85 -2.98 9.03 -8.48
CA LYS A 85 -4.41 9.02 -8.76
C LYS A 85 -5.11 7.88 -8.06
N LEU A 86 -4.40 6.77 -7.87
CA LEU A 86 -4.96 5.60 -7.20
C LEU A 86 -5.39 5.94 -5.78
N LEU A 87 -4.55 6.69 -5.08
CA LEU A 87 -4.85 7.09 -3.71
C LEU A 87 -6.15 7.89 -3.64
N ALA A 88 -6.43 8.64 -4.69
CA ALA A 88 -7.64 9.45 -4.75
C ALA A 88 -8.85 8.60 -5.10
N SER A 89 -8.63 7.55 -5.87
CA SER A 89 -9.70 6.64 -6.28
C SER A 89 -10.01 5.63 -5.18
N ILE A 90 -10.38 6.13 -4.01
CA ILE A 90 -10.70 5.27 -2.88
C ILE A 90 -12.02 5.68 -2.22
N SER A 91 -12.85 4.70 -1.90
CA SER A 91 -14.14 4.97 -1.28
C SER A 91 -13.96 5.35 0.20
N GLU A 92 -13.46 4.41 0.99
CA GLU A 92 -13.25 4.66 2.41
C GLU A 92 -11.86 4.17 2.84
N LYS A 93 -11.54 2.92 2.49
CA LYS A 93 -10.25 2.35 2.85
C LYS A 93 -9.36 2.22 1.61
N VAL A 94 -8.18 2.83 1.68
CA VAL A 94 -7.23 2.77 0.58
C VAL A 94 -6.40 1.49 0.61
N ARG A 95 -6.52 0.68 -0.43
CA ARG A 95 -5.79 -0.57 -0.52
C ARG A 95 -4.42 -0.37 -1.16
N LEU A 96 -3.43 -0.10 -0.34
CA LEU A 96 -2.07 0.13 -0.83
C LEU A 96 -1.21 -1.12 -0.64
N GLU A 97 -0.84 -1.75 -1.75
CA GLU A 97 -0.02 -2.95 -1.72
C GLU A 97 1.47 -2.60 -1.73
N ILE A 98 2.09 -2.65 -0.56
CA ILE A 98 3.51 -2.33 -0.43
C ILE A 98 4.32 -3.58 -0.13
N LEU A 99 5.62 -3.52 -0.42
CA LEU A 99 6.51 -4.64 -0.17
C LEU A 99 6.76 -4.84 1.33
N PRO A 100 6.76 -6.09 1.80
CA PRO A 100 6.99 -6.40 3.22
C PRO A 100 8.24 -5.72 3.77
N VAL A 101 8.08 -4.52 4.32
CA VAL A 101 9.20 -3.78 4.87
C VAL A 101 9.25 -3.91 6.39
N PRO A 102 10.46 -3.84 6.98
CA PRO A 102 10.63 -3.96 8.43
C PRO A 102 10.11 -2.74 9.19
N GLN A 103 10.08 -1.60 8.51
CA GLN A 103 9.61 -0.36 9.10
C GLN A 103 8.16 -0.50 9.56
N SER A 104 7.38 -1.27 8.81
CA SER A 104 5.97 -1.48 9.15
C SER A 104 5.70 -2.96 9.40
N GLN A 105 5.58 -3.73 8.32
CA GLN A 105 5.31 -5.16 8.43
C GLN A 105 4.00 -5.41 9.18
N ARG A 106 2.99 -4.60 8.90
CA ARG A 106 1.70 -4.74 9.56
C ARG A 106 0.58 -4.20 8.67
N PRO A 107 -0.06 -5.08 7.88
CA PRO A 107 -1.16 -4.68 6.99
C PRO A 107 -2.41 -4.24 7.75
N LEU A 108 -2.70 -4.95 8.84
CA LEU A 108 -3.87 -4.64 9.65
C LEU A 108 -3.91 -5.52 10.89
N ARG A 109 -3.58 -6.79 10.72
CA ARG A 109 -3.58 -7.74 11.83
C ARG A 109 -2.92 -9.06 11.43
N PRO A 110 -2.60 -9.92 12.42
CA PRO A 110 -1.96 -11.20 12.16
C PRO A 110 -2.90 -12.19 11.45
N SER A 111 -2.36 -12.93 10.49
CA SER A 111 -3.15 -13.91 9.75
C SER A 111 -2.77 -15.33 10.14
N SER A 112 -3.61 -16.28 9.76
CA SER A 112 -3.36 -17.68 10.07
C SER A 112 -4.37 -18.59 9.37
N GLY A 113 -4.12 -18.87 8.10
CA GLY A 113 -5.03 -19.73 7.34
C GLY A 113 -4.36 -21.01 6.89
N PRO A 114 -4.80 -21.57 5.73
CA PRO A 114 -4.22 -22.80 5.20
C PRO A 114 -2.79 -22.61 4.71
N SER A 115 -1.97 -23.64 4.93
CA SER A 115 -0.57 -23.59 4.52
C SER A 115 -0.19 -24.84 3.74
N SER A 116 -0.27 -24.75 2.41
CA SER A 116 0.07 -25.87 1.54
C SER A 116 0.57 -25.38 0.19
N GLY A 117 -0.31 -24.72 -0.56
CA GLY A 117 0.06 -24.21 -1.87
C GLY A 117 0.20 -22.71 -1.88
N GLY A 1 -15.44 -29.59 -13.16
CA GLY A 1 -14.05 -29.05 -13.32
C GLY A 1 -13.76 -27.91 -12.36
N SER A 2 -12.87 -28.16 -11.41
CA SER A 2 -12.49 -27.15 -10.42
C SER A 2 -13.71 -26.72 -9.60
N SER A 3 -13.46 -25.99 -8.52
CA SER A 3 -14.53 -25.51 -7.66
C SER A 3 -15.08 -24.18 -8.16
N GLY A 4 -16.40 -24.10 -8.27
CA GLY A 4 -17.03 -22.87 -8.73
C GLY A 4 -18.20 -22.46 -7.86
N SER A 5 -18.15 -22.82 -6.58
CA SER A 5 -19.22 -22.49 -5.65
C SER A 5 -18.66 -22.16 -4.27
N SER A 6 -17.76 -23.02 -3.79
CA SER A 6 -17.14 -22.82 -2.48
C SER A 6 -15.63 -22.99 -2.56
N GLY A 7 -14.92 -21.91 -2.28
CA GLY A 7 -13.46 -21.96 -2.33
C GLY A 7 -12.91 -21.56 -3.68
N ASP A 8 -12.08 -20.52 -3.70
CA ASP A 8 -11.48 -20.04 -4.94
C ASP A 8 -10.28 -19.15 -4.66
N THR A 9 -9.38 -19.05 -5.64
CA THR A 9 -8.19 -18.22 -5.49
C THR A 9 -8.19 -17.07 -6.48
N VAL A 10 -9.38 -16.50 -6.70
CA VAL A 10 -9.53 -15.37 -7.63
C VAL A 10 -8.67 -14.19 -7.19
N ALA A 11 -9.02 -13.60 -6.05
CA ALA A 11 -8.29 -12.46 -5.53
C ALA A 11 -7.48 -12.85 -4.29
N ASN A 12 -6.17 -13.02 -4.49
CA ASN A 12 -5.29 -13.39 -3.39
C ASN A 12 -3.99 -12.59 -3.44
N ALA A 13 -3.28 -12.57 -2.31
CA ALA A 13 -2.02 -11.84 -2.23
C ALA A 13 -0.91 -12.72 -1.68
N SER A 14 -0.27 -13.49 -2.56
CA SER A 14 0.81 -14.37 -2.16
C SER A 14 2.17 -13.74 -2.47
N GLY A 15 2.28 -12.43 -2.25
CA GLY A 15 3.53 -11.74 -2.51
C GLY A 15 3.63 -10.43 -1.75
N PRO A 16 3.04 -9.35 -2.30
CA PRO A 16 3.07 -8.03 -1.65
C PRO A 16 2.16 -7.95 -0.44
N LEU A 17 2.37 -6.93 0.39
CA LEU A 17 1.56 -6.75 1.60
C LEU A 17 0.35 -5.88 1.30
N MET A 18 -0.49 -5.68 2.32
CA MET A 18 -1.69 -4.86 2.16
C MET A 18 -1.85 -3.90 3.35
N VAL A 19 -1.51 -2.64 3.13
CA VAL A 19 -1.62 -1.63 4.17
C VAL A 19 -2.88 -0.79 4.00
N GLU A 20 -3.98 -1.25 4.58
CA GLU A 20 -5.25 -0.54 4.49
C GLU A 20 -5.28 0.64 5.45
N ILE A 21 -5.81 1.77 4.98
CA ILE A 21 -5.89 2.97 5.81
C ILE A 21 -7.26 3.63 5.66
N VAL A 22 -8.06 3.57 6.73
CA VAL A 22 -9.38 4.16 6.72
C VAL A 22 -9.32 5.68 6.60
N LYS A 23 -9.72 6.20 5.45
CA LYS A 23 -9.71 7.64 5.20
C LYS A 23 -11.12 8.21 5.17
N THR A 24 -11.22 9.53 5.15
CA THR A 24 -12.52 10.20 5.13
C THR A 24 -13.25 9.90 3.83
N PRO A 25 -14.60 9.89 3.86
CA PRO A 25 -15.41 9.62 2.67
C PRO A 25 -15.33 10.74 1.64
N GLY A 26 -14.96 10.39 0.41
CA GLY A 26 -14.85 11.39 -0.64
C GLY A 26 -13.85 12.47 -0.32
N SER A 27 -12.81 12.10 0.42
CA SER A 27 -11.76 13.05 0.80
C SER A 27 -10.38 12.54 0.37
N ALA A 28 -9.35 13.30 0.72
CA ALA A 28 -7.98 12.94 0.36
C ALA A 28 -7.08 12.96 1.60
N LEU A 29 -5.99 12.21 1.53
CA LEU A 29 -5.03 12.14 2.63
C LEU A 29 -3.88 13.11 2.42
N GLY A 30 -3.14 12.90 1.33
CA GLY A 30 -2.01 13.77 1.03
C GLY A 30 -0.71 12.99 0.94
N ILE A 31 -0.76 11.80 0.37
CA ILE A 31 0.42 10.96 0.23
C ILE A 31 1.21 11.35 -1.02
N SER A 32 2.51 11.57 -0.84
CA SER A 32 3.39 11.95 -1.95
C SER A 32 4.35 10.82 -2.29
N LEU A 33 4.22 10.29 -3.49
CA LEU A 33 5.09 9.20 -3.95
C LEU A 33 6.32 9.75 -4.66
N THR A 34 7.14 8.85 -5.18
CA THR A 34 8.35 9.24 -5.89
C THR A 34 8.94 8.06 -6.66
N THR A 35 8.75 8.07 -7.97
CA THR A 35 9.26 6.99 -8.82
C THR A 35 10.72 7.23 -9.17
N THR A 36 11.51 6.16 -9.10
CA THR A 36 12.93 6.25 -9.42
C THR A 36 13.33 5.24 -10.49
N SER A 37 14.62 5.18 -10.80
CA SER A 37 15.11 4.26 -11.82
C SER A 37 16.12 3.28 -11.21
N LEU A 38 16.32 2.16 -11.88
CA LEU A 38 17.26 1.14 -11.40
C LEU A 38 18.07 0.58 -12.56
N ARG A 39 17.43 -0.26 -13.37
CA ARG A 39 18.10 -0.89 -14.51
C ARG A 39 17.22 -0.81 -15.76
N ASN A 40 16.01 -1.34 -15.66
CA ASN A 40 15.07 -1.34 -16.77
C ASN A 40 13.63 -1.33 -16.26
N LYS A 41 13.42 -0.79 -15.07
CA LYS A 41 12.09 -0.72 -14.48
C LYS A 41 11.99 0.44 -13.50
N SER A 42 10.84 1.09 -13.46
CA SER A 42 10.61 2.22 -12.56
C SER A 42 9.74 1.81 -11.38
N VAL A 43 10.32 1.85 -10.18
CA VAL A 43 9.60 1.48 -8.97
C VAL A 43 9.08 2.72 -8.25
N ILE A 44 7.77 2.75 -8.02
CA ILE A 44 7.14 3.88 -7.33
C ILE A 44 7.24 3.73 -5.83
N THR A 45 8.12 4.53 -5.21
CA THR A 45 8.30 4.48 -3.76
C THR A 45 7.75 5.75 -3.10
N ILE A 46 7.29 5.61 -1.86
CA ILE A 46 6.75 6.74 -1.12
C ILE A 46 7.82 7.77 -0.83
N ASP A 47 7.50 9.04 -1.08
CA ASP A 47 8.45 10.13 -0.84
C ASP A 47 8.27 10.70 0.57
N ARG A 48 7.07 11.21 0.84
CA ARG A 48 6.78 11.79 2.16
C ARG A 48 5.28 11.79 2.42
N ILE A 49 4.91 11.90 3.70
CA ILE A 49 3.51 11.93 4.09
C ILE A 49 3.06 13.33 4.49
N LYS A 50 1.76 13.57 4.46
CA LYS A 50 1.22 14.86 4.84
C LYS A 50 0.88 14.92 6.32
N PRO A 51 1.15 16.06 6.99
CA PRO A 51 0.87 16.22 8.42
C PRO A 51 -0.62 16.37 8.70
N ALA A 52 -1.03 15.99 9.90
CA ALA A 52 -2.43 16.08 10.29
C ALA A 52 -3.32 15.25 9.38
N SER A 53 -2.77 14.16 8.86
CA SER A 53 -3.52 13.28 7.96
C SER A 53 -3.80 11.94 8.63
N VAL A 54 -4.40 11.02 7.86
CA VAL A 54 -4.73 9.70 8.39
C VAL A 54 -3.52 8.77 8.35
N VAL A 55 -2.65 8.98 7.36
CA VAL A 55 -1.46 8.17 7.22
C VAL A 55 -0.37 8.59 8.20
N ASP A 56 -0.27 9.90 8.43
CA ASP A 56 0.73 10.45 9.34
C ASP A 56 0.40 10.06 10.78
N ARG A 57 -0.87 10.12 11.13
CA ARG A 57 -1.32 9.78 12.48
C ARG A 57 -1.24 8.27 12.71
N SER A 58 -1.61 7.50 11.70
CA SER A 58 -1.59 6.04 11.79
C SER A 58 -0.16 5.52 11.66
N GLY A 59 0.59 6.09 10.72
CA GLY A 59 1.96 5.67 10.52
C GLY A 59 2.06 4.36 9.77
N ALA A 60 1.07 4.08 8.92
CA ALA A 60 1.04 2.85 8.14
C ALA A 60 1.99 2.94 6.95
N LEU A 61 2.04 4.11 6.33
CA LEU A 61 2.91 4.32 5.19
C LEU A 61 4.11 5.20 5.56
N HIS A 62 5.31 4.71 5.24
CA HIS A 62 6.53 5.44 5.55
C HIS A 62 7.25 5.84 4.27
N PRO A 63 7.97 6.98 4.29
CA PRO A 63 8.72 7.47 3.12
C PRO A 63 9.94 6.59 2.80
N GLY A 64 9.76 5.69 1.84
CA GLY A 64 10.85 4.81 1.46
C GLY A 64 10.36 3.45 1.00
N ASP A 65 9.18 3.05 1.46
CA ASP A 65 8.60 1.77 1.09
C ASP A 65 8.43 1.67 -0.42
N HIS A 66 8.42 0.43 -0.93
CA HIS A 66 8.27 0.20 -2.36
C HIS A 66 6.88 -0.33 -2.68
N ILE A 67 6.08 0.50 -3.35
CA ILE A 67 4.72 0.11 -3.71
C ILE A 67 4.73 -0.82 -4.91
N LEU A 68 4.09 -1.97 -4.76
CA LEU A 68 4.01 -2.96 -5.83
C LEU A 68 2.67 -2.88 -6.56
N SER A 69 1.64 -2.43 -5.86
CA SER A 69 0.31 -2.32 -6.45
C SER A 69 -0.59 -1.42 -5.61
N ILE A 70 -1.64 -0.91 -6.22
CA ILE A 70 -2.58 -0.03 -5.53
C ILE A 70 -3.99 -0.18 -6.09
N ASP A 71 -4.94 -0.53 -5.23
CA ASP A 71 -6.32 -0.71 -5.65
C ASP A 71 -6.45 -1.79 -6.72
N GLY A 72 -5.52 -2.75 -6.69
CA GLY A 72 -5.54 -3.82 -7.67
C GLY A 72 -4.78 -3.48 -8.94
N THR A 73 -4.09 -2.34 -8.94
CA THR A 73 -3.32 -1.91 -10.10
C THR A 73 -1.84 -2.22 -9.92
N SER A 74 -1.22 -2.75 -10.97
CA SER A 74 0.20 -3.09 -10.93
C SER A 74 1.06 -1.84 -10.98
N MET A 75 2.17 -1.87 -10.25
CA MET A 75 3.09 -0.73 -10.22
C MET A 75 4.29 -0.97 -11.13
N GLU A 76 4.06 -1.71 -12.22
CA GLU A 76 5.13 -2.01 -13.17
C GLU A 76 5.18 -0.95 -14.28
N HIS A 77 6.28 -0.21 -14.33
CA HIS A 77 6.44 0.83 -15.34
C HIS A 77 5.37 1.89 -15.21
N CYS A 78 4.91 2.11 -13.99
CA CYS A 78 3.87 3.11 -13.72
C CYS A 78 4.49 4.46 -13.39
N SER A 79 3.70 5.52 -13.50
CA SER A 79 4.16 6.87 -13.21
C SER A 79 3.64 7.35 -11.87
N LEU A 80 3.91 8.62 -11.55
CA LEU A 80 3.45 9.20 -10.29
C LEU A 80 1.98 9.58 -10.36
N LEU A 81 1.58 10.18 -11.48
CA LEU A 81 0.18 10.59 -11.68
C LEU A 81 -0.75 9.38 -11.58
N GLU A 82 -0.43 8.33 -12.32
CA GLU A 82 -1.24 7.12 -12.33
C GLU A 82 -1.30 6.50 -10.94
N ALA A 83 -0.16 6.52 -10.25
CA ALA A 83 -0.09 5.95 -8.91
C ALA A 83 -0.83 6.82 -7.90
N THR A 84 -0.76 8.14 -8.11
CA THR A 84 -1.42 9.08 -7.22
C THR A 84 -2.93 9.14 -7.50
N LYS A 85 -3.30 8.97 -8.76
CA LYS A 85 -4.70 8.99 -9.17
C LYS A 85 -5.49 7.89 -8.46
N LEU A 86 -4.87 6.72 -8.32
CA LEU A 86 -5.50 5.58 -7.68
C LEU A 86 -5.80 5.89 -6.21
N LEU A 87 -4.85 6.53 -5.54
CA LEU A 87 -5.00 6.87 -4.13
C LEU A 87 -6.19 7.81 -3.93
N ALA A 88 -6.46 8.64 -4.93
CA ALA A 88 -7.57 9.58 -4.86
C ALA A 88 -8.91 8.87 -5.02
N SER A 89 -8.90 7.77 -5.77
CA SER A 89 -10.12 7.00 -6.00
C SER A 89 -10.28 5.92 -4.93
N ILE A 90 -10.82 6.31 -3.78
CA ILE A 90 -11.03 5.38 -2.68
C ILE A 90 -12.37 5.65 -1.99
N SER A 91 -13.17 4.61 -1.84
CA SER A 91 -14.47 4.73 -1.19
C SER A 91 -14.31 5.01 0.31
N GLU A 92 -13.46 4.23 0.96
CA GLU A 92 -13.22 4.39 2.40
C GLU A 92 -11.81 3.93 2.76
N LYS A 93 -11.54 2.64 2.57
CA LYS A 93 -10.24 2.08 2.88
C LYS A 93 -9.36 2.02 1.64
N VAL A 94 -8.17 2.60 1.74
CA VAL A 94 -7.24 2.62 0.62
C VAL A 94 -6.54 1.27 0.47
N ARG A 95 -6.58 0.72 -0.74
CA ARG A 95 -5.95 -0.57 -1.01
C ARG A 95 -4.51 -0.37 -1.50
N LEU A 96 -3.60 -0.14 -0.56
CA LEU A 96 -2.20 0.06 -0.88
C LEU A 96 -1.40 -1.23 -0.70
N GLU A 97 -0.77 -1.69 -1.77
CA GLU A 97 0.02 -2.92 -1.72
C GLU A 97 1.51 -2.59 -1.70
N ILE A 98 2.11 -2.72 -0.51
CA ILE A 98 3.54 -2.43 -0.36
C ILE A 98 4.36 -3.71 -0.30
N LEU A 99 5.65 -3.60 -0.60
CA LEU A 99 6.54 -4.75 -0.59
C LEU A 99 6.96 -5.09 0.84
N PRO A 100 7.06 -6.39 1.16
CA PRO A 100 7.45 -6.84 2.50
C PRO A 100 8.74 -6.18 2.99
N VAL A 101 8.60 -5.05 3.67
CA VAL A 101 9.75 -4.32 4.18
C VAL A 101 9.81 -4.40 5.71
N PRO A 102 11.02 -4.23 6.28
CA PRO A 102 11.21 -4.29 7.74
C PRO A 102 10.54 -3.13 8.46
N GLN A 103 10.39 -2.01 7.75
CA GLN A 103 9.76 -0.82 8.32
C GLN A 103 8.29 -1.08 8.61
N SER A 104 7.61 -1.74 7.68
CA SER A 104 6.20 -2.04 7.83
C SER A 104 5.91 -3.50 7.45
N GLN A 105 5.39 -4.25 8.41
CA GLN A 105 5.07 -5.66 8.17
C GLN A 105 3.88 -6.09 9.02
N ARG A 106 2.97 -5.16 9.28
CA ARG A 106 1.78 -5.44 10.08
C ARG A 106 0.60 -4.60 9.61
N PRO A 107 -0.22 -5.13 8.68
CA PRO A 107 -1.39 -4.43 8.16
C PRO A 107 -2.28 -3.87 9.27
N LEU A 108 -2.55 -4.69 10.27
CA LEU A 108 -3.38 -4.28 11.39
C LEU A 108 -3.44 -5.37 12.45
N ARG A 109 -3.72 -6.59 12.01
CA ARG A 109 -3.81 -7.73 12.92
C ARG A 109 -4.89 -7.50 13.98
N PRO A 110 -6.16 -7.41 13.56
CA PRO A 110 -7.29 -7.18 14.46
C PRO A 110 -7.36 -8.24 15.56
N SER A 111 -7.58 -9.49 15.14
CA SER A 111 -7.67 -10.60 16.08
C SER A 111 -7.88 -11.92 15.34
N SER A 112 -8.07 -12.99 16.10
CA SER A 112 -8.28 -14.31 15.51
C SER A 112 -9.74 -14.52 15.13
N GLY A 113 -10.07 -14.26 13.86
CA GLY A 113 -11.42 -14.42 13.39
C GLY A 113 -11.50 -14.74 11.92
N PRO A 114 -12.61 -15.33 11.46
CA PRO A 114 -12.79 -15.69 10.05
C PRO A 114 -12.96 -14.47 9.15
N SER A 115 -12.81 -14.67 7.84
CA SER A 115 -12.95 -13.59 6.88
C SER A 115 -11.92 -12.49 7.13
N SER A 116 -10.73 -12.90 7.61
CA SER A 116 -9.67 -11.95 7.90
C SER A 116 -8.31 -12.57 7.60
N GLY A 117 -7.37 -11.74 7.15
CA GLY A 117 -6.04 -12.22 6.83
C GLY A 117 -5.51 -11.66 5.52
N GLY A 1 -15.38 -29.84 -21.31
CA GLY A 1 -15.80 -29.25 -20.00
C GLY A 1 -16.15 -30.32 -18.98
N SER A 2 -15.13 -30.95 -18.41
CA SER A 2 -15.34 -31.98 -17.41
C SER A 2 -14.16 -32.05 -16.44
N SER A 3 -12.95 -32.06 -16.99
CA SER A 3 -11.74 -32.12 -16.18
C SER A 3 -10.90 -30.86 -16.35
N GLY A 4 -10.30 -30.40 -15.26
CA GLY A 4 -9.48 -29.20 -15.31
C GLY A 4 -8.33 -29.25 -14.33
N SER A 5 -7.11 -29.41 -14.84
CA SER A 5 -5.92 -29.47 -14.00
C SER A 5 -5.13 -28.17 -14.10
N SER A 6 -5.59 -27.14 -13.37
CA SER A 6 -4.91 -25.85 -13.37
C SER A 6 -4.03 -25.69 -12.13
N GLY A 7 -2.86 -26.32 -12.17
CA GLY A 7 -1.94 -26.24 -11.05
C GLY A 7 -0.49 -26.33 -11.48
N ASP A 8 0.06 -25.21 -11.94
CA ASP A 8 1.44 -25.16 -12.39
C ASP A 8 2.19 -23.98 -11.77
N THR A 9 2.67 -24.16 -10.55
CA THR A 9 3.40 -23.10 -9.85
C THR A 9 2.50 -21.88 -9.65
N VAL A 10 1.64 -21.94 -8.64
CA VAL A 10 0.75 -20.83 -8.34
C VAL A 10 1.41 -19.80 -7.44
N ALA A 11 0.75 -18.66 -7.25
CA ALA A 11 1.28 -17.59 -6.41
C ALA A 11 0.24 -16.50 -6.20
N ASN A 12 -0.47 -16.57 -5.07
CA ASN A 12 -1.49 -15.59 -4.75
C ASN A 12 -1.77 -15.57 -3.25
N ALA A 13 -2.06 -14.39 -2.72
CA ALA A 13 -2.34 -14.23 -1.30
C ALA A 13 -1.16 -14.70 -0.45
N SER A 14 0.05 -14.54 -0.98
CA SER A 14 1.25 -14.94 -0.27
C SER A 14 2.49 -14.30 -0.88
N GLY A 15 2.68 -13.02 -0.61
CA GLY A 15 3.83 -12.31 -1.14
C GLY A 15 3.90 -10.87 -0.68
N PRO A 16 3.19 -9.95 -1.36
CA PRO A 16 3.18 -8.53 -0.99
C PRO A 16 2.37 -8.27 0.27
N LEU A 17 2.41 -7.02 0.74
CA LEU A 17 1.68 -6.64 1.95
C LEU A 17 0.60 -5.62 1.63
N MET A 18 -0.52 -5.70 2.33
CA MET A 18 -1.62 -4.78 2.13
C MET A 18 -1.73 -3.79 3.27
N VAL A 19 -1.51 -2.51 2.96
CA VAL A 19 -1.58 -1.46 3.97
C VAL A 19 -2.86 -0.65 3.83
N GLU A 20 -3.93 -1.11 4.47
CA GLU A 20 -5.21 -0.44 4.41
C GLU A 20 -5.24 0.76 5.36
N ILE A 21 -5.94 1.81 4.97
CA ILE A 21 -6.05 3.02 5.78
C ILE A 21 -7.47 3.57 5.77
N VAL A 22 -8.24 3.24 6.80
CA VAL A 22 -9.61 3.69 6.90
C VAL A 22 -9.68 5.21 6.92
N LYS A 23 -9.89 5.81 5.75
CA LYS A 23 -9.98 7.25 5.62
C LYS A 23 -11.43 7.72 5.74
N THR A 24 -11.63 9.03 5.60
CA THR A 24 -12.97 9.60 5.69
C THR A 24 -13.78 9.30 4.44
N PRO A 25 -15.12 9.18 4.58
CA PRO A 25 -16.00 8.89 3.45
C PRO A 25 -16.08 10.05 2.46
N GLY A 26 -15.45 9.88 1.30
CA GLY A 26 -15.47 10.93 0.30
C GLY A 26 -14.43 12.00 0.56
N SER A 27 -13.33 11.61 1.20
CA SER A 27 -12.26 12.54 1.51
C SER A 27 -10.92 12.02 1.01
N ALA A 28 -9.87 12.82 1.20
CA ALA A 28 -8.54 12.43 0.76
C ALA A 28 -7.59 12.30 1.96
N LEU A 29 -6.30 12.18 1.67
CA LEU A 29 -5.29 12.04 2.72
C LEU A 29 -4.16 13.04 2.52
N GLY A 30 -3.41 12.86 1.44
CA GLY A 30 -2.30 13.75 1.14
C GLY A 30 -0.98 13.02 1.04
N ILE A 31 -1.01 11.84 0.43
CA ILE A 31 0.19 11.03 0.25
C ILE A 31 0.96 11.45 -0.99
N SER A 32 2.28 11.40 -0.92
CA SER A 32 3.13 11.77 -2.04
C SER A 32 4.07 10.63 -2.42
N LEU A 33 3.98 10.18 -3.66
CA LEU A 33 4.82 9.09 -4.15
C LEU A 33 6.01 9.63 -4.94
N THR A 34 6.82 8.72 -5.47
CA THR A 34 7.99 9.11 -6.24
C THR A 34 8.53 7.93 -7.05
N THR A 35 8.63 8.11 -8.37
CA THR A 35 9.12 7.06 -9.24
C THR A 35 10.62 7.22 -9.50
N THR A 36 11.38 6.19 -9.15
CA THR A 36 12.82 6.22 -9.34
C THR A 36 13.27 5.10 -10.28
N SER A 37 14.58 5.01 -10.49
CA SER A 37 15.14 3.98 -11.37
C SER A 37 16.14 3.10 -10.62
N LEU A 38 16.74 2.16 -11.33
CA LEU A 38 17.72 1.26 -10.73
C LEU A 38 18.77 0.84 -11.74
N ARG A 39 18.36 0.11 -12.77
CA ARG A 39 19.26 -0.34 -13.81
C ARG A 39 18.58 -0.35 -15.17
N ASN A 40 17.39 -0.93 -15.23
CA ASN A 40 16.63 -1.00 -16.47
C ASN A 40 15.13 -1.03 -16.19
N LYS A 41 14.71 -0.34 -15.12
CA LYS A 41 13.30 -0.30 -14.75
C LYS A 41 13.05 0.84 -13.76
N SER A 42 11.78 1.18 -13.56
CA SER A 42 11.41 2.24 -12.64
C SER A 42 10.32 1.77 -11.68
N VAL A 43 10.54 2.01 -10.39
CA VAL A 43 9.57 1.61 -9.36
C VAL A 43 9.00 2.83 -8.65
N ILE A 44 7.69 2.82 -8.44
CA ILE A 44 7.02 3.92 -7.76
C ILE A 44 7.04 3.74 -6.26
N THR A 45 7.85 4.54 -5.57
CA THR A 45 7.96 4.46 -4.12
C THR A 45 7.25 5.64 -3.45
N ILE A 46 7.40 5.74 -2.14
CA ILE A 46 6.78 6.83 -1.39
C ILE A 46 7.76 7.97 -1.16
N ASP A 47 7.32 9.19 -1.44
CA ASP A 47 8.16 10.37 -1.27
C ASP A 47 8.04 10.92 0.15
N ARG A 48 6.83 11.30 0.53
CA ARG A 48 6.57 11.86 1.86
C ARG A 48 5.08 11.85 2.18
N ILE A 49 4.75 11.91 3.46
CA ILE A 49 3.36 11.91 3.90
C ILE A 49 2.95 13.29 4.43
N LYS A 50 1.65 13.54 4.46
CA LYS A 50 1.13 14.82 4.95
C LYS A 50 0.94 14.78 6.46
N PRO A 51 1.26 15.87 7.16
CA PRO A 51 1.12 15.95 8.62
C PRO A 51 -0.34 16.08 9.05
N ALA A 52 -0.66 15.53 10.21
CA ALA A 52 -2.01 15.57 10.74
C ALA A 52 -3.00 14.88 9.79
N SER A 53 -2.51 13.87 9.09
CA SER A 53 -3.34 13.12 8.15
C SER A 53 -3.71 11.76 8.72
N VAL A 54 -4.46 10.98 7.93
CA VAL A 54 -4.89 9.66 8.36
C VAL A 54 -3.74 8.65 8.26
N VAL A 55 -2.86 8.87 7.30
CA VAL A 55 -1.72 7.99 7.09
C VAL A 55 -0.60 8.29 8.08
N ASP A 56 -0.41 9.57 8.38
CA ASP A 56 0.63 9.99 9.31
C ASP A 56 0.25 9.62 10.74
N ARG A 57 -1.01 9.84 11.09
CA ARG A 57 -1.50 9.53 12.44
C ARG A 57 -1.57 8.02 12.65
N SER A 58 -1.86 7.29 11.58
CA SER A 58 -1.97 5.83 11.65
C SER A 58 -0.60 5.18 11.49
N GLY A 59 0.25 5.80 10.67
CA GLY A 59 1.59 5.26 10.47
C GLY A 59 1.58 4.06 9.55
N ALA A 60 0.61 3.99 8.65
CA ALA A 60 0.50 2.87 7.72
C ALA A 60 1.61 2.92 6.68
N LEU A 61 1.80 4.08 6.07
CA LEU A 61 2.84 4.25 5.06
C LEU A 61 4.07 4.92 5.64
N HIS A 62 5.20 4.79 4.95
CA HIS A 62 6.45 5.38 5.40
C HIS A 62 7.37 5.67 4.21
N PRO A 63 7.92 6.90 4.14
CA PRO A 63 8.82 7.30 3.05
C PRO A 63 10.00 6.34 2.90
N GLY A 64 10.12 5.72 1.74
CA GLY A 64 11.20 4.78 1.49
C GLY A 64 10.73 3.36 1.33
N ASP A 65 9.47 3.20 0.92
CA ASP A 65 8.88 1.87 0.72
C ASP A 65 8.69 1.59 -0.76
N HIS A 66 8.66 0.30 -1.11
CA HIS A 66 8.48 -0.11 -2.49
C HIS A 66 7.05 -0.59 -2.73
N ILE A 67 6.27 0.23 -3.43
CA ILE A 67 4.88 -0.12 -3.73
C ILE A 67 4.80 -1.11 -4.88
N LEU A 68 4.13 -2.23 -4.64
CA LEU A 68 3.98 -3.26 -5.66
C LEU A 68 2.65 -3.12 -6.39
N SER A 69 1.65 -2.59 -5.70
CA SER A 69 0.33 -2.40 -6.29
C SER A 69 -0.52 -1.48 -5.42
N ILE A 70 -1.58 -0.93 -6.02
CA ILE A 70 -2.49 -0.03 -5.30
C ILE A 70 -3.91 -0.20 -5.78
N ASP A 71 -4.78 -0.65 -4.88
CA ASP A 71 -6.19 -0.85 -5.21
C ASP A 71 -6.35 -1.87 -6.34
N GLY A 72 -5.41 -2.82 -6.41
CA GLY A 72 -5.47 -3.84 -7.44
C GLY A 72 -4.76 -3.40 -8.71
N THR A 73 -4.07 -2.27 -8.67
CA THR A 73 -3.35 -1.76 -9.83
C THR A 73 -1.87 -2.09 -9.74
N SER A 74 -1.33 -2.69 -10.80
CA SER A 74 0.08 -3.06 -10.83
C SER A 74 0.96 -1.81 -10.97
N MET A 75 2.09 -1.82 -10.27
CA MET A 75 3.02 -0.69 -10.30
C MET A 75 4.16 -0.97 -11.28
N GLU A 76 3.88 -1.73 -12.33
CA GLU A 76 4.88 -2.06 -13.33
C GLU A 76 4.80 -1.11 -14.51
N HIS A 77 5.89 -0.38 -14.74
CA HIS A 77 5.95 0.58 -15.85
C HIS A 77 4.90 1.67 -15.67
N CYS A 78 4.56 1.97 -14.42
CA CYS A 78 3.57 2.99 -14.13
C CYS A 78 4.21 4.36 -13.96
N SER A 79 3.41 5.35 -13.60
CA SER A 79 3.92 6.71 -13.41
C SER A 79 3.57 7.23 -12.01
N LEU A 80 3.97 8.45 -11.72
CA LEU A 80 3.71 9.06 -10.43
C LEU A 80 2.25 9.54 -10.34
N LEU A 81 1.77 10.15 -11.42
CA LEU A 81 0.40 10.64 -11.46
C LEU A 81 -0.60 9.49 -11.36
N GLU A 82 -0.39 8.46 -12.17
CA GLU A 82 -1.26 7.30 -12.17
C GLU A 82 -1.29 6.63 -10.79
N ALA A 83 -0.12 6.56 -10.16
CA ALA A 83 -0.01 5.95 -8.84
C ALA A 83 -0.69 6.81 -7.77
N THR A 84 -0.51 8.12 -7.87
CA THR A 84 -1.12 9.04 -6.91
C THR A 84 -2.61 9.20 -7.17
N LYS A 85 -3.00 9.09 -8.43
CA LYS A 85 -4.40 9.21 -8.82
C LYS A 85 -5.24 8.13 -8.17
N LEU A 86 -4.69 6.92 -8.09
CA LEU A 86 -5.39 5.79 -7.49
C LEU A 86 -5.73 6.08 -6.03
N LEU A 87 -4.75 6.57 -5.29
CA LEU A 87 -4.95 6.88 -3.87
C LEU A 87 -6.06 7.92 -3.70
N ALA A 88 -6.19 8.81 -4.68
CA ALA A 88 -7.21 9.85 -4.63
C ALA A 88 -8.60 9.28 -4.86
N SER A 89 -8.67 8.20 -5.65
CA SER A 89 -9.94 7.55 -5.94
C SER A 89 -10.18 6.38 -5.00
N ILE A 90 -10.79 6.66 -3.85
CA ILE A 90 -11.08 5.63 -2.87
C ILE A 90 -12.44 5.86 -2.22
N SER A 91 -13.02 4.80 -1.65
CA SER A 91 -14.31 4.89 -0.99
C SER A 91 -14.15 5.13 0.50
N GLU A 92 -13.77 4.08 1.23
CA GLU A 92 -13.57 4.17 2.67
C GLU A 92 -12.13 3.83 3.05
N LYS A 93 -11.64 2.71 2.55
CA LYS A 93 -10.28 2.28 2.84
C LYS A 93 -9.48 2.12 1.56
N VAL A 94 -8.24 2.60 1.58
CA VAL A 94 -7.37 2.51 0.41
C VAL A 94 -6.48 1.27 0.48
N ARG A 95 -6.42 0.53 -0.62
CA ARG A 95 -5.63 -0.68 -0.69
C ARG A 95 -4.23 -0.38 -1.21
N LEU A 96 -3.32 -0.02 -0.31
CA LEU A 96 -1.95 0.30 -0.67
C LEU A 96 -1.06 -0.94 -0.56
N GLU A 97 -0.87 -1.63 -1.69
CA GLU A 97 -0.06 -2.83 -1.72
C GLU A 97 1.43 -2.46 -1.75
N ILE A 98 2.10 -2.65 -0.62
CA ILE A 98 3.52 -2.34 -0.51
C ILE A 98 4.33 -3.59 -0.20
N LEU A 99 5.63 -3.54 -0.50
CA LEU A 99 6.52 -4.67 -0.26
C LEU A 99 6.62 -4.95 1.24
N PRO A 100 6.67 -6.25 1.62
CA PRO A 100 6.76 -6.65 3.03
C PRO A 100 7.93 -5.97 3.74
N VAL A 101 7.66 -4.82 4.36
CA VAL A 101 8.69 -4.08 5.07
C VAL A 101 8.48 -4.17 6.58
N PRO A 102 9.57 -4.06 7.35
CA PRO A 102 9.51 -4.13 8.82
C PRO A 102 8.84 -2.91 9.43
N GLN A 103 8.95 -1.77 8.74
CA GLN A 103 8.35 -0.53 9.22
C GLN A 103 6.83 -0.67 9.34
N SER A 104 6.25 -1.49 8.47
CA SER A 104 4.81 -1.71 8.49
C SER A 104 4.48 -3.18 8.22
N GLN A 105 3.70 -3.78 9.11
CA GLN A 105 3.32 -5.18 8.97
C GLN A 105 2.03 -5.46 9.73
N ARG A 106 1.15 -4.47 9.81
CA ARG A 106 -0.11 -4.61 10.51
C ARG A 106 -1.25 -3.98 9.72
N PRO A 107 -1.92 -4.77 8.86
CA PRO A 107 -3.03 -4.27 8.03
C PRO A 107 -4.26 -3.92 8.86
N LEU A 108 -4.63 -4.83 9.77
CA LEU A 108 -5.78 -4.62 10.64
C LEU A 108 -5.46 -4.99 12.08
N ARG A 109 -6.11 -4.31 13.02
CA ARG A 109 -5.90 -4.59 14.44
C ARG A 109 -7.06 -5.39 15.02
N PRO A 110 -6.75 -6.47 15.77
CA PRO A 110 -7.78 -7.32 16.37
C PRO A 110 -8.74 -6.52 17.24
N SER A 111 -8.27 -5.39 17.77
CA SER A 111 -9.09 -4.53 18.61
C SER A 111 -10.34 -4.07 17.87
N SER A 112 -10.18 -3.10 16.98
CA SER A 112 -11.30 -2.57 16.21
C SER A 112 -11.56 -3.43 14.98
N GLY A 113 -12.83 -3.79 14.77
CA GLY A 113 -13.18 -4.60 13.61
C GLY A 113 -14.57 -4.30 13.10
N PRO A 114 -15.62 -4.81 13.77
CA PRO A 114 -17.00 -4.58 13.36
C PRO A 114 -17.32 -3.09 13.18
N SER A 115 -17.34 -2.64 11.93
CA SER A 115 -17.62 -1.25 11.62
C SER A 115 -18.91 -1.12 10.81
N SER A 116 -19.87 -1.99 11.09
CA SER A 116 -21.14 -1.98 10.37
C SER A 116 -20.95 -2.21 8.88
N GLY A 117 -22.04 -2.20 8.13
CA GLY A 117 -21.96 -2.40 6.70
C GLY A 117 -23.27 -2.92 6.12
N GLY A 1 4.55 -20.73 -26.18
CA GLY A 1 3.89 -20.66 -27.50
C GLY A 1 2.60 -21.46 -27.54
N SER A 2 2.70 -22.75 -27.87
CA SER A 2 1.54 -23.61 -27.94
C SER A 2 1.38 -24.42 -26.65
N SER A 3 1.71 -23.80 -25.53
CA SER A 3 1.62 -24.48 -24.24
C SER A 3 1.46 -23.46 -23.12
N GLY A 4 0.22 -23.04 -22.87
CA GLY A 4 -0.04 -22.06 -21.82
C GLY A 4 -0.54 -22.72 -20.55
N SER A 5 -1.40 -22.01 -19.82
CA SER A 5 -1.95 -22.51 -18.57
C SER A 5 -3.21 -23.33 -18.83
N SER A 6 -3.27 -24.52 -18.23
CA SER A 6 -4.43 -25.40 -18.40
C SER A 6 -5.58 -24.95 -17.51
N GLY A 7 -5.40 -25.07 -16.19
CA GLY A 7 -6.43 -24.68 -15.26
C GLY A 7 -6.00 -24.86 -13.81
N ASP A 8 -5.08 -24.02 -13.36
CA ASP A 8 -4.59 -24.10 -11.99
C ASP A 8 -4.71 -22.74 -11.30
N THR A 9 -5.47 -22.71 -10.21
CA THR A 9 -5.67 -21.47 -9.45
C THR A 9 -5.21 -21.65 -8.00
N VAL A 10 -4.50 -20.65 -7.49
CA VAL A 10 -4.01 -20.69 -6.12
C VAL A 10 -3.51 -19.31 -5.68
N ALA A 11 -3.99 -18.87 -4.51
CA ALA A 11 -3.60 -17.57 -3.97
C ALA A 11 -3.32 -17.66 -2.47
N ASN A 12 -2.06 -17.53 -2.09
CA ASN A 12 -1.67 -17.59 -0.69
C ASN A 12 -0.39 -16.80 -0.44
N ALA A 13 0.67 -17.18 -1.15
CA ALA A 13 1.96 -16.51 -1.01
C ALA A 13 2.30 -15.71 -2.26
N SER A 14 1.57 -14.62 -2.48
CA SER A 14 1.79 -13.77 -3.63
C SER A 14 3.16 -13.09 -3.56
N GLY A 15 3.38 -12.34 -2.48
CA GLY A 15 4.64 -11.65 -2.31
C GLY A 15 4.48 -10.29 -1.66
N PRO A 16 3.64 -9.42 -2.24
CA PRO A 16 3.40 -8.08 -1.70
C PRO A 16 2.44 -8.08 -0.52
N LEU A 17 2.51 -7.04 0.30
CA LEU A 17 1.65 -6.93 1.47
C LEU A 17 0.51 -5.95 1.20
N MET A 18 -0.52 -6.01 2.03
CA MET A 18 -1.67 -5.13 1.88
C MET A 18 -1.81 -4.20 3.09
N VAL A 19 -1.41 -2.94 2.92
CA VAL A 19 -1.47 -1.96 3.99
C VAL A 19 -2.67 -1.03 3.79
N GLU A 20 -3.83 -1.45 4.28
CA GLU A 20 -5.04 -0.65 4.16
C GLU A 20 -5.08 0.46 5.20
N ILE A 21 -5.71 1.58 4.85
CA ILE A 21 -5.81 2.71 5.75
C ILE A 21 -7.23 3.29 5.75
N VAL A 22 -7.87 3.27 6.92
CA VAL A 22 -9.22 3.78 7.07
C VAL A 22 -9.25 5.31 6.99
N LYS A 23 -9.28 5.83 5.77
CA LYS A 23 -9.31 7.27 5.55
C LYS A 23 -10.74 7.80 5.62
N THR A 24 -10.89 9.11 5.41
CA THR A 24 -12.20 9.74 5.46
C THR A 24 -12.95 9.53 4.14
N PRO A 25 -14.26 9.26 4.20
CA PRO A 25 -15.08 9.04 3.00
C PRO A 25 -14.97 10.19 2.00
N GLY A 26 -14.53 9.86 0.78
CA GLY A 26 -14.39 10.88 -0.25
C GLY A 26 -13.47 12.00 0.17
N SER A 27 -12.45 11.67 0.94
CA SER A 27 -11.48 12.67 1.41
C SER A 27 -10.08 12.36 0.91
N ALA A 28 -9.25 13.39 0.79
CA ALA A 28 -7.88 13.22 0.32
C ALA A 28 -6.88 13.37 1.46
N LEU A 29 -6.14 12.32 1.73
CA LEU A 29 -5.15 12.33 2.81
C LEU A 29 -4.00 13.28 2.46
N GLY A 30 -3.24 12.94 1.41
CA GLY A 30 -2.13 13.76 1.01
C GLY A 30 -0.82 13.00 0.98
N ILE A 31 -0.79 11.91 0.20
CA ILE A 31 0.41 11.09 0.09
C ILE A 31 1.20 11.44 -1.17
N SER A 32 2.50 11.68 -0.99
CA SER A 32 3.36 12.03 -2.11
C SER A 32 4.21 10.84 -2.54
N LEU A 33 4.03 10.42 -3.79
CA LEU A 33 4.78 9.29 -4.32
C LEU A 33 6.01 9.76 -5.08
N THR A 34 6.99 8.87 -5.21
CA THR A 34 8.24 9.19 -5.91
C THR A 34 8.81 7.95 -6.59
N THR A 35 8.90 7.98 -7.91
CA THR A 35 9.43 6.86 -8.67
C THR A 35 10.95 6.98 -8.81
N THR A 36 11.64 5.85 -8.69
CA THR A 36 13.09 5.83 -8.81
C THR A 36 13.54 4.89 -9.93
N SER A 37 14.84 4.76 -10.11
CA SER A 37 15.39 3.89 -11.15
C SER A 37 16.16 2.73 -10.53
N LEU A 38 16.61 1.81 -11.38
CA LEU A 38 17.35 0.64 -10.92
C LEU A 38 18.25 0.10 -12.03
N ARG A 39 17.69 -0.03 -13.23
CA ARG A 39 18.45 -0.53 -14.38
C ARG A 39 17.61 -0.48 -15.65
N ASN A 40 16.38 -0.98 -15.55
CA ASN A 40 15.48 -0.99 -16.70
C ASN A 40 14.03 -1.13 -16.25
N LYS A 41 13.72 -0.59 -15.07
CA LYS A 41 12.37 -0.66 -14.52
C LYS A 41 12.22 0.29 -13.34
N SER A 42 11.61 1.44 -13.58
CA SER A 42 11.39 2.43 -12.53
C SER A 42 10.34 1.97 -11.54
N VAL A 43 10.69 1.95 -10.26
CA VAL A 43 9.78 1.52 -9.21
C VAL A 43 9.18 2.72 -8.49
N ILE A 44 7.86 2.69 -8.29
CA ILE A 44 7.17 3.77 -7.61
C ILE A 44 7.17 3.56 -6.10
N THR A 45 7.74 4.52 -5.37
CA THR A 45 7.81 4.44 -3.92
C THR A 45 7.17 5.66 -3.27
N ILE A 46 7.20 5.71 -1.95
CA ILE A 46 6.62 6.84 -1.22
C ILE A 46 7.68 7.88 -0.89
N ASP A 47 7.35 9.15 -1.16
CA ASP A 47 8.27 10.24 -0.90
C ASP A 47 8.11 10.76 0.53
N ARG A 48 6.96 11.34 0.81
CA ARG A 48 6.68 11.88 2.14
C ARG A 48 5.19 11.90 2.42
N ILE A 49 4.81 12.08 3.69
CA ILE A 49 3.42 12.11 4.08
C ILE A 49 3.00 13.51 4.50
N LYS A 50 1.70 13.77 4.47
CA LYS A 50 1.17 15.08 4.85
C LYS A 50 0.97 15.17 6.37
N PRO A 51 1.28 16.33 6.97
CA PRO A 51 1.13 16.53 8.42
C PRO A 51 -0.33 16.59 8.85
N ALA A 52 -0.61 16.04 10.02
CA ALA A 52 -1.97 16.02 10.56
C ALA A 52 -2.91 15.27 9.63
N SER A 53 -2.38 14.26 8.94
CA SER A 53 -3.18 13.47 8.02
C SER A 53 -3.45 12.08 8.58
N VAL A 54 -4.37 11.35 7.95
CA VAL A 54 -4.71 10.01 8.40
C VAL A 54 -3.53 9.06 8.23
N VAL A 55 -2.69 9.31 7.24
CA VAL A 55 -1.52 8.48 6.99
C VAL A 55 -0.40 8.79 7.98
N ASP A 56 -0.26 10.06 8.33
CA ASP A 56 0.77 10.49 9.26
C ASP A 56 0.38 10.16 10.70
N ARG A 57 -0.91 10.29 10.99
CA ARG A 57 -1.42 9.99 12.34
C ARG A 57 -1.52 8.49 12.57
N SER A 58 -1.91 7.76 11.53
CA SER A 58 -2.04 6.31 11.63
C SER A 58 -0.67 5.64 11.58
N GLY A 59 0.24 6.21 10.81
CA GLY A 59 1.57 5.65 10.69
C GLY A 59 1.60 4.38 9.86
N ALA A 60 0.86 4.38 8.77
CA ALA A 60 0.80 3.22 7.88
C ALA A 60 1.88 3.29 6.81
N LEU A 61 1.88 4.38 6.05
CA LEU A 61 2.87 4.57 4.99
C LEU A 61 4.14 5.23 5.54
N HIS A 62 5.28 4.88 4.96
CA HIS A 62 6.55 5.45 5.39
C HIS A 62 7.45 5.73 4.19
N PRO A 63 8.19 6.86 4.21
CA PRO A 63 9.10 7.24 3.13
C PRO A 63 10.08 6.12 2.78
N GLY A 64 9.90 5.53 1.60
CA GLY A 64 10.79 4.46 1.18
C GLY A 64 10.04 3.18 0.84
N ASP A 65 8.80 3.07 1.33
CA ASP A 65 7.98 1.89 1.07
C ASP A 65 7.86 1.62 -0.43
N HIS A 66 8.21 0.41 -0.83
CA HIS A 66 8.13 0.01 -2.24
C HIS A 66 6.73 -0.45 -2.60
N ILE A 67 6.00 0.39 -3.33
CA ILE A 67 4.65 0.06 -3.74
C ILE A 67 4.65 -0.86 -4.95
N LEU A 68 3.97 -2.00 -4.83
CA LEU A 68 3.90 -2.96 -5.91
C LEU A 68 2.54 -2.92 -6.60
N SER A 69 1.52 -2.49 -5.86
CA SER A 69 0.16 -2.39 -6.40
C SER A 69 -0.70 -1.49 -5.54
N ILE A 70 -1.78 -0.98 -6.12
CA ILE A 70 -2.70 -0.10 -5.41
C ILE A 70 -4.14 -0.35 -5.84
N ASP A 71 -4.96 -0.84 -4.91
CA ASP A 71 -6.37 -1.13 -5.19
C ASP A 71 -6.49 -2.14 -6.32
N GLY A 72 -5.51 -3.03 -6.42
CA GLY A 72 -5.54 -4.05 -7.46
C GLY A 72 -4.89 -3.58 -8.75
N THR A 73 -4.24 -2.42 -8.71
CA THR A 73 -3.58 -1.88 -9.90
C THR A 73 -2.08 -2.15 -9.85
N SER A 74 -1.58 -2.83 -10.88
CA SER A 74 -0.16 -3.15 -10.96
C SER A 74 0.69 -1.88 -11.06
N MET A 75 1.83 -1.87 -10.39
CA MET A 75 2.72 -0.71 -10.40
C MET A 75 3.93 -0.98 -11.30
N GLU A 76 3.70 -1.72 -12.39
CA GLU A 76 4.77 -2.04 -13.32
C GLU A 76 4.89 -0.97 -14.40
N HIS A 77 5.99 -0.22 -14.38
CA HIS A 77 6.23 0.83 -15.36
C HIS A 77 5.14 1.89 -15.29
N CYS A 78 4.61 2.12 -14.08
CA CYS A 78 3.56 3.10 -13.88
C CYS A 78 4.16 4.48 -13.61
N SER A 79 3.34 5.51 -13.80
CA SER A 79 3.79 6.89 -13.58
C SER A 79 3.44 7.35 -12.17
N LEU A 80 3.80 8.59 -11.84
CA LEU A 80 3.51 9.17 -10.54
C LEU A 80 2.06 9.62 -10.45
N LEU A 81 1.63 10.39 -11.45
CA LEU A 81 0.26 10.89 -11.48
C LEU A 81 -0.75 9.74 -11.50
N GLU A 82 -0.52 8.78 -12.38
CA GLU A 82 -1.41 7.62 -12.50
C GLU A 82 -1.47 6.85 -11.19
N ALA A 83 -0.34 6.76 -10.50
CA ALA A 83 -0.26 6.05 -9.22
C ALA A 83 -1.00 6.82 -8.12
N THR A 84 -0.78 8.12 -8.06
CA THR A 84 -1.42 8.97 -7.07
C THR A 84 -2.92 9.09 -7.33
N LYS A 85 -3.29 9.01 -8.61
CA LYS A 85 -4.68 9.11 -9.00
C LYS A 85 -5.52 8.02 -8.35
N LEU A 86 -4.95 6.81 -8.27
CA LEU A 86 -5.64 5.67 -7.66
C LEU A 86 -5.95 5.96 -6.20
N LEU A 87 -4.97 6.47 -5.46
CA LEU A 87 -5.15 6.78 -4.06
C LEU A 87 -6.26 7.79 -3.85
N ALA A 88 -6.45 8.68 -4.83
CA ALA A 88 -7.48 9.69 -4.75
C ALA A 88 -8.87 9.09 -4.94
N SER A 89 -8.94 8.00 -5.71
CA SER A 89 -10.21 7.32 -5.96
C SER A 89 -10.36 6.10 -5.06
N ILE A 90 -10.78 6.35 -3.82
CA ILE A 90 -10.96 5.27 -2.86
C ILE A 90 -12.29 5.41 -2.12
N SER A 91 -12.92 4.29 -1.80
CA SER A 91 -14.19 4.30 -1.09
C SER A 91 -14.00 4.66 0.37
N GLU A 92 -13.35 3.78 1.11
CA GLU A 92 -13.10 4.01 2.54
C GLU A 92 -11.65 3.70 2.89
N LYS A 93 -11.27 2.42 2.76
CA LYS A 93 -9.90 2.00 3.06
C LYS A 93 -9.06 1.95 1.79
N VAL A 94 -7.93 2.64 1.83
CA VAL A 94 -7.02 2.68 0.68
C VAL A 94 -6.15 1.43 0.63
N ARG A 95 -6.39 0.57 -0.36
CA ARG A 95 -5.63 -0.65 -0.52
C ARG A 95 -4.27 -0.38 -1.13
N LEU A 96 -3.29 -0.07 -0.29
CA LEU A 96 -1.94 0.22 -0.75
C LEU A 96 -1.05 -1.01 -0.65
N GLU A 97 -0.80 -1.65 -1.79
CA GLU A 97 0.04 -2.84 -1.84
C GLU A 97 1.51 -2.47 -1.81
N ILE A 98 2.17 -2.74 -0.69
CA ILE A 98 3.60 -2.44 -0.55
C ILE A 98 4.40 -3.70 -0.26
N LEU A 99 5.67 -3.68 -0.66
CA LEU A 99 6.55 -4.83 -0.44
C LEU A 99 6.74 -5.10 1.04
N PRO A 100 6.78 -6.38 1.45
CA PRO A 100 6.96 -6.75 2.85
C PRO A 100 8.16 -6.06 3.50
N VAL A 101 7.90 -4.90 4.10
CA VAL A 101 8.95 -4.13 4.74
C VAL A 101 8.76 -4.10 6.26
N PRO A 102 9.85 -3.94 7.03
CA PRO A 102 9.79 -3.89 8.49
C PRO A 102 9.13 -2.61 9.01
N GLN A 103 9.23 -1.54 8.22
CA GLN A 103 8.64 -0.26 8.60
C GLN A 103 7.15 -0.39 8.80
N SER A 104 6.51 -1.24 8.00
CA SER A 104 5.07 -1.45 8.09
C SER A 104 4.70 -2.89 7.74
N GLN A 105 3.82 -3.48 8.54
CA GLN A 105 3.39 -4.86 8.31
C GLN A 105 2.02 -5.11 8.95
N ARG A 106 1.15 -4.11 8.87
CA ARG A 106 -0.19 -4.22 9.44
C ARG A 106 -1.25 -4.38 8.34
N PRO A 107 -1.70 -5.62 8.09
CA PRO A 107 -2.71 -5.88 7.06
C PRO A 107 -3.92 -4.98 7.18
N LEU A 108 -4.56 -5.00 8.35
CA LEU A 108 -5.74 -4.17 8.59
C LEU A 108 -5.55 -3.30 9.82
N ARG A 109 -5.53 -3.93 10.99
CA ARG A 109 -5.36 -3.20 12.24
C ARG A 109 -5.05 -4.16 13.40
N PRO A 110 -3.76 -4.41 13.68
CA PRO A 110 -3.35 -5.31 14.76
C PRO A 110 -3.69 -4.77 16.14
N SER A 111 -3.10 -5.36 17.17
CA SER A 111 -3.34 -4.93 18.55
C SER A 111 -4.73 -5.36 19.01
N SER A 112 -4.78 -6.20 20.03
CA SER A 112 -6.05 -6.68 20.58
C SER A 112 -5.82 -7.50 21.84
N GLY A 113 -5.55 -6.80 22.95
CA GLY A 113 -5.31 -7.49 24.21
C GLY A 113 -5.08 -6.51 25.36
N PRO A 114 -4.02 -5.70 25.28
CA PRO A 114 -3.70 -4.73 26.33
C PRO A 114 -4.74 -3.62 26.44
N SER A 115 -4.94 -3.12 27.65
CA SER A 115 -5.91 -2.05 27.90
C SER A 115 -7.34 -2.55 27.62
N SER A 116 -7.69 -2.62 26.34
CA SER A 116 -9.02 -3.08 25.95
C SER A 116 -8.98 -4.52 25.46
N GLY A 117 -9.99 -5.30 25.83
CA GLY A 117 -10.05 -6.69 25.41
C GLY A 117 -11.38 -7.33 25.74
N GLY A 1 -12.88 -23.06 -5.11
CA GLY A 1 -12.33 -21.99 -5.98
C GLY A 1 -11.56 -22.54 -7.17
N SER A 2 -10.60 -21.77 -7.66
CA SER A 2 -9.78 -22.19 -8.79
C SER A 2 -8.31 -21.93 -8.53
N SER A 3 -7.46 -22.86 -8.97
CA SER A 3 -6.02 -22.73 -8.77
C SER A 3 -5.67 -22.66 -7.29
N GLY A 4 -5.11 -23.76 -6.77
CA GLY A 4 -4.73 -23.80 -5.37
C GLY A 4 -5.69 -24.63 -4.54
N SER A 5 -5.15 -25.33 -3.55
CA SER A 5 -5.97 -26.18 -2.68
C SER A 5 -6.74 -25.34 -1.67
N SER A 6 -6.02 -24.46 -0.97
CA SER A 6 -6.63 -23.59 0.03
C SER A 6 -7.61 -22.62 -0.63
N GLY A 7 -8.78 -22.46 -0.01
CA GLY A 7 -9.79 -21.56 -0.54
C GLY A 7 -9.77 -20.21 0.15
N ASP A 8 -8.61 -19.81 0.65
CA ASP A 8 -8.47 -18.53 1.33
C ASP A 8 -7.04 -18.01 1.25
N THR A 9 -6.37 -18.33 0.14
CA THR A 9 -4.99 -17.90 -0.07
C THR A 9 -4.70 -17.72 -1.56
N VAL A 10 -5.12 -16.59 -2.11
CA VAL A 10 -4.90 -16.30 -3.52
C VAL A 10 -4.33 -14.90 -3.71
N ALA A 11 -4.94 -13.93 -3.04
CA ALA A 11 -4.50 -12.55 -3.13
C ALA A 11 -4.58 -11.85 -1.77
N ASN A 12 -3.53 -12.02 -0.97
CA ASN A 12 -3.48 -11.41 0.35
C ASN A 12 -2.06 -11.44 0.91
N ALA A 13 -1.64 -12.62 1.35
CA ALA A 13 -0.29 -12.79 1.92
C ALA A 13 0.53 -13.75 1.07
N SER A 14 0.34 -13.69 -0.25
CA SER A 14 1.07 -14.57 -1.15
C SER A 14 2.42 -13.95 -1.53
N GLY A 15 2.48 -12.63 -1.55
CA GLY A 15 3.71 -11.94 -1.89
C GLY A 15 3.79 -10.55 -1.29
N PRO A 16 3.10 -9.56 -1.87
CA PRO A 16 3.12 -8.19 -1.38
C PRO A 16 2.28 -8.02 -0.11
N LEU A 17 2.50 -6.92 0.60
CA LEU A 17 1.77 -6.65 1.84
C LEU A 17 0.68 -5.60 1.61
N MET A 18 -0.47 -5.80 2.23
CA MET A 18 -1.58 -4.88 2.10
C MET A 18 -1.60 -3.87 3.23
N VAL A 19 -1.58 -2.58 2.89
CA VAL A 19 -1.59 -1.52 3.87
C VAL A 19 -2.83 -0.63 3.71
N GLU A 20 -3.95 -1.06 4.27
CA GLU A 20 -5.19 -0.30 4.18
C GLU A 20 -5.18 0.87 5.17
N ILE A 21 -5.83 1.95 4.79
CA ILE A 21 -5.90 3.14 5.63
C ILE A 21 -7.31 3.74 5.63
N VAL A 22 -7.99 3.62 6.77
CA VAL A 22 -9.35 4.14 6.89
C VAL A 22 -9.36 5.67 6.81
N LYS A 23 -9.43 6.18 5.58
CA LYS A 23 -9.46 7.62 5.36
C LYS A 23 -10.88 8.16 5.41
N THR A 24 -11.03 9.46 5.19
CA THR A 24 -12.33 10.10 5.22
C THR A 24 -13.15 9.72 3.98
N PRO A 25 -14.48 9.61 4.13
CA PRO A 25 -15.37 9.25 3.02
C PRO A 25 -15.50 10.37 1.99
N GLY A 26 -14.93 10.15 0.81
CA GLY A 26 -14.99 11.16 -0.24
C GLY A 26 -14.00 12.27 -0.02
N SER A 27 -12.87 11.96 0.61
CA SER A 27 -11.84 12.96 0.88
C SER A 27 -10.47 12.42 0.49
N ALA A 28 -9.44 13.24 0.70
CA ALA A 28 -8.07 12.84 0.38
C ALA A 28 -7.16 12.95 1.59
N LEU A 29 -5.98 12.34 1.50
CA LEU A 29 -5.02 12.36 2.60
C LEU A 29 -3.88 13.32 2.30
N GLY A 30 -3.09 13.01 1.29
CA GLY A 30 -1.97 13.86 0.92
C GLY A 30 -0.67 13.09 0.79
N ILE A 31 -0.74 11.91 0.17
CA ILE A 31 0.43 11.07 -0.01
C ILE A 31 1.24 11.52 -1.23
N SER A 32 2.54 11.70 -1.04
CA SER A 32 3.43 12.13 -2.12
C SER A 32 4.34 10.99 -2.56
N LEU A 33 3.97 10.33 -3.66
CA LEU A 33 4.75 9.22 -4.19
C LEU A 33 6.00 9.74 -4.90
N THR A 34 6.79 8.82 -5.43
CA THR A 34 8.02 9.17 -6.14
C THR A 34 8.54 8.00 -6.97
N THR A 35 8.88 8.27 -8.23
CA THR A 35 9.39 7.22 -9.11
C THR A 35 10.91 7.29 -9.22
N THR A 36 11.55 6.14 -9.15
CA THR A 36 13.00 6.07 -9.24
C THR A 36 13.44 4.88 -10.10
N SER A 37 14.75 4.60 -10.09
CA SER A 37 15.28 3.49 -10.86
C SER A 37 15.82 2.40 -9.94
N LEU A 38 16.50 1.41 -10.53
CA LEU A 38 17.07 0.32 -9.77
C LEU A 38 18.30 -0.26 -10.47
N ARG A 39 18.07 -1.01 -11.54
CA ARG A 39 19.16 -1.61 -12.29
C ARG A 39 18.85 -1.62 -13.79
N ASN A 40 17.66 -2.09 -14.13
CA ASN A 40 17.24 -2.15 -15.53
C ASN A 40 15.74 -1.84 -15.66
N LYS A 41 15.23 -1.03 -14.75
CA LYS A 41 13.82 -0.66 -14.76
C LYS A 41 13.54 0.48 -13.79
N SER A 42 12.26 0.77 -13.57
CA SER A 42 11.87 1.85 -12.67
C SER A 42 10.71 1.40 -11.78
N VAL A 43 10.74 1.85 -10.53
CA VAL A 43 9.69 1.49 -9.58
C VAL A 43 9.21 2.73 -8.81
N ILE A 44 7.93 2.72 -8.43
CA ILE A 44 7.35 3.83 -7.68
C ILE A 44 7.42 3.58 -6.18
N THR A 45 7.69 4.65 -5.42
CA THR A 45 7.76 4.54 -3.97
C THR A 45 7.10 5.75 -3.31
N ILE A 46 7.13 5.78 -1.98
CA ILE A 46 6.54 6.87 -1.22
C ILE A 46 7.60 7.90 -0.82
N ASP A 47 7.43 9.12 -1.32
CA ASP A 47 8.38 10.19 -1.01
C ASP A 47 8.17 10.71 0.41
N ARG A 48 6.97 11.22 0.68
CA ARG A 48 6.65 11.74 2.00
C ARG A 48 5.14 11.76 2.23
N ILE A 49 4.74 11.74 3.50
CA ILE A 49 3.32 11.75 3.85
C ILE A 49 2.88 13.12 4.35
N LYS A 50 1.58 13.37 4.31
CA LYS A 50 1.03 14.66 4.76
C LYS A 50 0.91 14.69 6.29
N PRO A 51 1.70 15.54 6.96
CA PRO A 51 1.67 15.66 8.42
C PRO A 51 0.25 15.89 8.95
N ALA A 52 -0.04 15.28 10.10
CA ALA A 52 -1.36 15.41 10.71
C ALA A 52 -2.44 14.80 9.83
N SER A 53 -2.08 13.78 9.06
CA SER A 53 -3.02 13.11 8.18
C SER A 53 -3.37 11.72 8.71
N VAL A 54 -4.35 11.09 8.08
CA VAL A 54 -4.77 9.75 8.49
C VAL A 54 -3.64 8.75 8.34
N VAL A 55 -2.79 8.96 7.34
CA VAL A 55 -1.67 8.08 7.08
C VAL A 55 -0.52 8.36 8.05
N ASP A 56 -0.31 9.63 8.35
CA ASP A 56 0.75 10.03 9.27
C ASP A 56 0.38 9.69 10.71
N ARG A 57 -0.90 9.83 11.03
CA ARG A 57 -1.38 9.54 12.39
C ARG A 57 -1.35 8.04 12.66
N SER A 58 -1.94 7.27 11.75
CA SER A 58 -1.99 5.82 11.90
C SER A 58 -0.60 5.21 11.73
N GLY A 59 0.16 5.72 10.76
CA GLY A 59 1.49 5.21 10.52
C GLY A 59 1.50 4.02 9.58
N ALA A 60 0.50 3.94 8.72
CA ALA A 60 0.39 2.84 7.77
C ALA A 60 1.51 2.90 6.72
N LEU A 61 1.53 4.00 5.98
CA LEU A 61 2.54 4.19 4.95
C LEU A 61 3.79 4.86 5.52
N HIS A 62 4.94 4.62 4.90
CA HIS A 62 6.19 5.21 5.34
C HIS A 62 6.96 5.80 4.17
N PRO A 63 7.71 6.90 4.41
CA PRO A 63 8.49 7.57 3.36
C PRO A 63 9.68 6.73 2.92
N GLY A 64 9.52 6.05 1.78
CA GLY A 64 10.59 5.23 1.25
C GLY A 64 10.19 3.77 1.13
N ASP A 65 8.93 3.54 0.74
CA ASP A 65 8.43 2.19 0.58
C ASP A 65 8.27 1.83 -0.89
N HIS A 66 8.34 0.54 -1.20
CA HIS A 66 8.20 0.08 -2.58
C HIS A 66 6.77 -0.35 -2.86
N ILE A 67 6.05 0.46 -3.63
CA ILE A 67 4.67 0.16 -3.97
C ILE A 67 4.59 -0.83 -5.13
N LEU A 68 4.12 -2.04 -4.85
CA LEU A 68 4.01 -3.07 -5.87
C LEU A 68 2.65 -3.00 -6.56
N SER A 69 1.63 -2.60 -5.82
CA SER A 69 0.28 -2.50 -6.36
C SER A 69 -0.59 -1.58 -5.51
N ILE A 70 -1.64 -1.04 -6.10
CA ILE A 70 -2.55 -0.14 -5.40
C ILE A 70 -3.98 -0.33 -5.88
N ASP A 71 -4.86 -0.78 -4.97
CA ASP A 71 -6.26 -0.99 -5.31
C ASP A 71 -6.40 -2.04 -6.41
N GLY A 72 -5.46 -2.98 -6.45
CA GLY A 72 -5.50 -4.02 -7.46
C GLY A 72 -4.80 -3.62 -8.74
N THR A 73 -4.16 -2.45 -8.74
CA THR A 73 -3.45 -1.97 -9.91
C THR A 73 -1.95 -2.21 -9.79
N SER A 74 -1.40 -2.95 -10.74
CA SER A 74 0.04 -3.25 -10.74
C SER A 74 0.87 -1.99 -10.90
N MET A 75 1.94 -1.89 -10.14
CA MET A 75 2.83 -0.73 -10.20
C MET A 75 4.04 -1.01 -11.07
N GLU A 76 3.83 -1.79 -12.13
CA GLU A 76 4.91 -2.13 -13.05
C GLU A 76 5.07 -1.07 -14.13
N HIS A 77 6.19 -0.34 -14.08
CA HIS A 77 6.46 0.71 -15.05
C HIS A 77 5.38 1.79 -15.01
N CYS A 78 4.83 2.02 -13.81
CA CYS A 78 3.79 3.03 -13.64
C CYS A 78 4.41 4.41 -13.41
N SER A 79 3.55 5.42 -13.32
CA SER A 79 4.01 6.79 -13.11
C SER A 79 3.63 7.29 -11.72
N LEU A 80 3.90 8.56 -11.46
CA LEU A 80 3.57 9.16 -10.17
C LEU A 80 2.13 9.67 -10.15
N LEU A 81 1.75 10.35 -11.21
CA LEU A 81 0.40 10.90 -11.32
C LEU A 81 -0.64 9.79 -11.24
N GLU A 82 -0.47 8.77 -12.08
CA GLU A 82 -1.39 7.64 -12.09
C GLU A 82 -1.45 6.94 -10.75
N ALA A 83 -0.29 6.81 -10.10
CA ALA A 83 -0.21 6.17 -8.81
C ALA A 83 -0.90 7.00 -7.73
N THR A 84 -0.86 8.32 -7.89
CA THR A 84 -1.49 9.23 -6.94
C THR A 84 -3.00 9.28 -7.14
N LYS A 85 -3.41 9.26 -8.41
CA LYS A 85 -4.83 9.30 -8.75
C LYS A 85 -5.58 8.11 -8.16
N LEU A 86 -4.92 6.95 -8.16
CA LEU A 86 -5.51 5.74 -7.62
C LEU A 86 -5.87 5.91 -6.14
N LEU A 87 -4.97 6.53 -5.40
CA LEU A 87 -5.18 6.76 -3.98
C LEU A 87 -6.43 7.60 -3.74
N ALA A 88 -6.67 8.56 -4.63
CA ALA A 88 -7.83 9.44 -4.51
C ALA A 88 -9.10 8.70 -4.91
N SER A 89 -8.98 7.76 -5.84
CA SER A 89 -10.13 6.99 -6.29
C SER A 89 -10.46 5.87 -5.30
N ILE A 90 -10.84 6.27 -4.08
CA ILE A 90 -11.18 5.30 -3.05
C ILE A 90 -12.47 5.71 -2.33
N SER A 91 -13.14 4.74 -1.72
CA SER A 91 -14.37 4.99 -0.99
C SER A 91 -14.09 5.31 0.47
N GLU A 92 -13.21 4.52 1.08
CA GLU A 92 -12.85 4.72 2.48
C GLU A 92 -11.47 4.14 2.77
N LYS A 93 -11.32 2.84 2.57
CA LYS A 93 -10.05 2.16 2.82
C LYS A 93 -9.22 2.11 1.55
N VAL A 94 -8.00 2.65 1.62
CA VAL A 94 -7.10 2.66 0.48
C VAL A 94 -6.20 1.43 0.48
N ARG A 95 -6.46 0.51 -0.43
CA ARG A 95 -5.67 -0.72 -0.54
C ARG A 95 -4.30 -0.43 -1.16
N LEU A 96 -3.33 -0.10 -0.31
CA LEU A 96 -1.98 0.19 -0.77
C LEU A 96 -1.07 -1.03 -0.60
N GLU A 97 -0.83 -1.74 -1.70
CA GLU A 97 0.03 -2.92 -1.67
C GLU A 97 1.50 -2.52 -1.69
N ILE A 98 2.15 -2.66 -0.54
CA ILE A 98 3.56 -2.31 -0.42
C ILE A 98 4.42 -3.57 -0.27
N LEU A 99 5.70 -3.44 -0.63
CA LEU A 99 6.63 -4.56 -0.54
C LEU A 99 6.96 -4.87 0.92
N PRO A 100 6.91 -6.15 1.32
CA PRO A 100 7.21 -6.56 2.70
C PRO A 100 8.54 -5.99 3.19
N VAL A 101 8.49 -4.83 3.82
CA VAL A 101 9.68 -4.18 4.34
C VAL A 101 9.81 -4.40 5.85
N PRO A 102 11.05 -4.30 6.38
CA PRO A 102 11.31 -4.49 7.81
C PRO A 102 10.66 -3.40 8.66
N GLN A 103 10.48 -2.22 8.06
CA GLN A 103 9.88 -1.09 8.77
C GLN A 103 8.42 -1.39 9.10
N SER A 104 7.67 -1.88 8.12
CA SER A 104 6.27 -2.20 8.32
C SER A 104 5.98 -3.65 7.94
N GLN A 105 5.25 -4.34 8.80
CA GLN A 105 4.90 -5.74 8.56
C GLN A 105 3.63 -6.13 9.32
N ARG A 106 2.68 -5.20 9.38
CA ARG A 106 1.41 -5.44 10.07
C ARG A 106 0.29 -4.62 9.45
N PRO A 107 -0.49 -5.21 8.53
CA PRO A 107 -1.60 -4.52 7.87
C PRO A 107 -2.55 -3.86 8.87
N LEU A 108 -3.15 -4.66 9.73
CA LEU A 108 -4.08 -4.14 10.73
C LEU A 108 -3.61 -4.48 12.14
N ARG A 109 -2.38 -4.10 12.46
CA ARG A 109 -1.81 -4.37 13.77
C ARG A 109 -0.77 -3.31 14.15
N PRO A 110 -1.16 -2.31 14.97
CA PRO A 110 -0.26 -1.25 15.40
C PRO A 110 0.85 -1.76 16.30
N SER A 111 0.50 -2.61 17.25
CA SER A 111 1.47 -3.17 18.18
C SER A 111 2.18 -2.07 18.97
N SER A 112 1.46 -0.98 19.21
CA SER A 112 2.02 0.15 19.95
C SER A 112 2.07 -0.15 21.44
N GLY A 113 2.64 0.77 22.21
CA GLY A 113 2.73 0.58 23.65
C GLY A 113 1.37 0.51 24.31
N PRO A 114 0.64 1.63 24.39
CA PRO A 114 -0.69 1.67 25.01
C PRO A 114 -1.63 0.61 24.44
N SER A 115 -1.38 0.22 23.19
CA SER A 115 -2.20 -0.79 22.54
C SER A 115 -2.18 -2.10 23.31
N SER A 116 -3.17 -2.29 24.18
CA SER A 116 -3.26 -3.51 24.97
C SER A 116 -4.71 -3.80 25.36
N GLY A 117 -5.24 -4.90 24.84
CA GLY A 117 -6.61 -5.27 25.13
C GLY A 117 -7.56 -4.96 23.99
N GLY A 1 0.09 -37.58 5.97
CA GLY A 1 0.26 -37.67 7.45
C GLY A 1 -1.01 -37.38 8.21
N SER A 2 -0.92 -36.52 9.22
CA SER A 2 -2.08 -36.16 10.03
C SER A 2 -2.27 -34.65 10.05
N SER A 3 -2.88 -34.11 8.99
CA SER A 3 -3.12 -32.68 8.90
C SER A 3 -4.58 -32.40 8.59
N GLY A 4 -4.98 -31.14 8.72
CA GLY A 4 -6.36 -30.76 8.44
C GLY A 4 -6.46 -29.42 7.72
N SER A 5 -6.30 -28.34 8.47
CA SER A 5 -6.38 -27.01 7.89
C SER A 5 -5.05 -26.60 7.27
N SER A 6 -5.10 -26.02 6.07
CA SER A 6 -3.89 -25.58 5.39
C SER A 6 -4.24 -24.83 4.10
N GLY A 7 -5.32 -24.06 4.16
CA GLY A 7 -5.74 -23.29 3.00
C GLY A 7 -6.32 -21.94 3.37
N ASP A 8 -7.54 -21.95 3.89
CA ASP A 8 -8.20 -20.71 4.29
C ASP A 8 -7.86 -20.35 5.73
N THR A 9 -6.88 -19.45 5.89
CA THR A 9 -6.45 -19.01 7.21
C THR A 9 -6.52 -17.50 7.33
N VAL A 10 -6.23 -16.99 8.52
CA VAL A 10 -6.26 -15.55 8.77
C VAL A 10 -4.88 -14.94 8.54
N ALA A 11 -3.84 -15.71 8.81
CA ALA A 11 -2.47 -15.23 8.63
C ALA A 11 -1.85 -15.81 7.36
N ASN A 12 -2.11 -15.19 6.23
CA ASN A 12 -1.58 -15.65 4.96
C ASN A 12 -1.09 -14.47 4.11
N ALA A 13 -0.05 -14.71 3.32
CA ALA A 13 0.51 -13.68 2.47
C ALA A 13 1.13 -14.29 1.21
N SER A 14 0.45 -14.10 0.08
CA SER A 14 0.94 -14.64 -1.19
C SER A 14 2.28 -14.01 -1.57
N GLY A 15 2.48 -12.77 -1.15
CA GLY A 15 3.72 -12.08 -1.45
C GLY A 15 3.75 -10.66 -0.91
N PRO A 16 3.07 -9.72 -1.58
CA PRO A 16 3.03 -8.32 -1.14
C PRO A 16 2.14 -8.12 0.09
N LEU A 17 2.26 -6.95 0.71
CA LEU A 17 1.47 -6.63 1.89
C LEU A 17 0.39 -5.61 1.57
N MET A 18 -0.79 -5.79 2.16
CA MET A 18 -1.91 -4.89 1.93
C MET A 18 -2.17 -4.03 3.17
N VAL A 19 -1.71 -2.79 3.12
CA VAL A 19 -1.90 -1.85 4.23
C VAL A 19 -3.09 -0.95 3.99
N GLU A 20 -4.24 -1.31 4.55
CA GLU A 20 -5.45 -0.52 4.39
C GLU A 20 -5.45 0.68 5.33
N ILE A 21 -6.12 1.75 4.92
CA ILE A 21 -6.18 2.97 5.71
C ILE A 21 -7.57 3.58 5.65
N VAL A 22 -8.23 3.68 6.81
CA VAL A 22 -9.57 4.26 6.89
C VAL A 22 -9.52 5.77 6.82
N LYS A 23 -9.53 6.31 5.60
CA LYS A 23 -9.49 7.76 5.41
C LYS A 23 -10.90 8.34 5.49
N THR A 24 -10.99 9.66 5.30
CA THR A 24 -12.27 10.35 5.35
C THR A 24 -13.09 10.08 4.08
N PRO A 25 -14.38 9.74 4.23
CA PRO A 25 -15.25 9.47 3.08
C PRO A 25 -15.24 10.58 2.05
N GLY A 26 -14.81 10.25 0.84
CA GLY A 26 -14.75 11.24 -0.22
C GLY A 26 -13.74 12.34 0.06
N SER A 27 -12.68 11.99 0.76
CA SER A 27 -11.63 12.95 1.10
C SER A 27 -10.26 12.45 0.64
N ALA A 28 -9.24 13.25 0.89
CA ALA A 28 -7.87 12.89 0.51
C ALA A 28 -6.92 13.03 1.70
N LEU A 29 -6.11 12.00 1.91
CA LEU A 29 -5.15 11.99 3.00
C LEU A 29 -4.03 13.00 2.75
N GLY A 30 -3.23 12.74 1.73
CA GLY A 30 -2.13 13.63 1.40
C GLY A 30 -0.81 12.89 1.25
N ILE A 31 -0.85 11.75 0.58
CA ILE A 31 0.36 10.95 0.36
C ILE A 31 1.07 11.37 -0.92
N SER A 32 2.38 11.54 -0.82
CA SER A 32 3.19 11.95 -1.97
C SER A 32 4.17 10.86 -2.36
N LEU A 33 3.94 10.23 -3.50
CA LEU A 33 4.81 9.17 -3.99
C LEU A 33 5.98 9.74 -4.78
N THR A 34 6.74 8.87 -5.44
CA THR A 34 7.88 9.29 -6.23
C THR A 34 8.47 8.11 -7.01
N THR A 35 8.84 8.35 -8.25
CA THR A 35 9.42 7.32 -9.11
C THR A 35 10.94 7.45 -9.16
N THR A 36 11.61 6.34 -9.44
CA THR A 36 13.07 6.33 -9.53
C THR A 36 13.55 5.25 -10.48
N SER A 37 14.79 5.37 -10.93
CA SER A 37 15.37 4.39 -11.86
C SER A 37 16.05 3.26 -11.09
N LEU A 38 16.57 2.28 -11.83
CA LEU A 38 17.24 1.14 -11.22
C LEU A 38 18.24 0.52 -12.19
N ARG A 39 17.72 -0.21 -13.18
CA ARG A 39 18.56 -0.87 -14.18
C ARG A 39 17.81 -1.04 -15.49
N ASN A 40 16.61 -1.64 -15.42
CA ASN A 40 15.80 -1.86 -16.60
C ASN A 40 14.33 -1.54 -16.32
N LYS A 41 14.09 -0.64 -15.36
CA LYS A 41 12.73 -0.25 -15.00
C LYS A 41 12.75 0.78 -13.87
N SER A 42 11.59 1.36 -13.59
CA SER A 42 11.47 2.36 -12.54
C SER A 42 10.41 1.94 -11.52
N VAL A 43 10.69 2.20 -10.25
CA VAL A 43 9.77 1.84 -9.17
C VAL A 43 9.17 3.10 -8.53
N ILE A 44 7.89 3.03 -8.20
CA ILE A 44 7.20 4.16 -7.59
C ILE A 44 7.16 4.01 -6.07
N THR A 45 8.12 4.64 -5.40
CA THR A 45 8.20 4.57 -3.94
C THR A 45 7.53 5.80 -3.31
N ILE A 46 7.37 5.76 -1.99
CA ILE A 46 6.75 6.86 -1.26
C ILE A 46 7.75 7.97 -0.98
N ASP A 47 7.39 9.20 -1.33
CA ASP A 47 8.25 10.35 -1.13
C ASP A 47 8.10 10.90 0.28
N ARG A 48 6.91 11.41 0.60
CA ARG A 48 6.63 11.96 1.91
C ARG A 48 5.12 11.93 2.20
N ILE A 49 4.78 11.95 3.49
CA ILE A 49 3.39 11.94 3.90
C ILE A 49 2.98 13.27 4.53
N LYS A 50 1.68 13.54 4.57
CA LYS A 50 1.17 14.77 5.15
C LYS A 50 0.99 14.64 6.65
N PRO A 51 1.26 15.71 7.42
CA PRO A 51 1.12 15.70 8.87
C PRO A 51 -0.34 15.79 9.32
N ALA A 52 -0.61 15.30 10.52
CA ALA A 52 -1.96 15.32 11.07
C ALA A 52 -2.93 14.54 10.17
N SER A 53 -2.39 13.62 9.38
CA SER A 53 -3.21 12.81 8.48
C SER A 53 -3.41 11.41 9.04
N VAL A 54 -4.28 10.63 8.40
CA VAL A 54 -4.56 9.27 8.83
C VAL A 54 -3.39 8.34 8.50
N VAL A 55 -2.70 8.65 7.40
CA VAL A 55 -1.56 7.84 6.98
C VAL A 55 -0.34 8.11 7.85
N ASP A 56 -0.22 9.35 8.32
CA ASP A 56 0.90 9.74 9.17
C ASP A 56 0.61 9.42 10.64
N ARG A 57 -0.65 9.59 11.03
CA ARG A 57 -1.06 9.33 12.41
C ARG A 57 -1.12 7.83 12.68
N SER A 58 -1.64 7.08 11.70
CA SER A 58 -1.76 5.63 11.84
C SER A 58 -0.42 4.95 11.56
N GLY A 59 0.38 5.55 10.69
CA GLY A 59 1.67 4.99 10.34
C GLY A 59 1.56 3.83 9.37
N ALA A 60 0.52 3.86 8.54
CA ALA A 60 0.31 2.80 7.56
C ALA A 60 1.38 2.85 6.46
N LEU A 61 1.78 4.06 6.09
CA LEU A 61 2.79 4.24 5.06
C LEU A 61 3.98 5.02 5.60
N HIS A 62 5.16 4.75 5.05
CA HIS A 62 6.38 5.43 5.48
C HIS A 62 7.18 5.92 4.28
N PRO A 63 7.90 7.04 4.42
CA PRO A 63 8.70 7.62 3.34
C PRO A 63 9.93 6.77 3.02
N GLY A 64 9.80 5.93 1.99
CA GLY A 64 10.91 5.07 1.59
C GLY A 64 10.49 3.62 1.48
N ASP A 65 9.29 3.38 0.94
CA ASP A 65 8.79 2.03 0.77
C ASP A 65 8.62 1.69 -0.70
N HIS A 66 8.53 0.40 -1.00
CA HIS A 66 8.37 -0.06 -2.38
C HIS A 66 6.94 -0.51 -2.64
N ILE A 67 6.19 0.28 -3.38
CA ILE A 67 4.80 -0.03 -3.71
C ILE A 67 4.72 -1.01 -4.87
N LEU A 68 4.02 -2.12 -4.67
CA LEU A 68 3.87 -3.13 -5.70
C LEU A 68 2.52 -3.01 -6.41
N SER A 69 1.53 -2.49 -5.69
CA SER A 69 0.20 -2.31 -6.27
C SER A 69 -0.63 -1.36 -5.40
N ILE A 70 -1.67 -0.78 -6.02
CA ILE A 70 -2.55 0.14 -5.31
C ILE A 70 -3.97 0.04 -5.83
N ASP A 71 -4.91 -0.24 -4.92
CA ASP A 71 -6.32 -0.37 -5.30
C ASP A 71 -6.53 -1.50 -6.29
N GLY A 72 -5.64 -2.50 -6.25
CA GLY A 72 -5.74 -3.63 -7.14
C GLY A 72 -4.95 -3.43 -8.43
N THR A 73 -4.33 -2.27 -8.58
CA THR A 73 -3.54 -1.98 -9.77
C THR A 73 -2.05 -2.18 -9.51
N SER A 74 -1.40 -2.93 -10.39
CA SER A 74 0.03 -3.20 -10.25
C SER A 74 0.85 -1.94 -10.52
N MET A 75 1.92 -1.78 -9.77
CA MET A 75 2.80 -0.61 -9.92
C MET A 75 4.01 -0.96 -10.77
N GLU A 76 3.83 -1.87 -11.72
CA GLU A 76 4.91 -2.28 -12.61
C GLU A 76 4.94 -1.43 -13.87
N HIS A 77 6.04 -0.70 -14.06
CA HIS A 77 6.19 0.15 -15.23
C HIS A 77 5.10 1.23 -15.26
N CYS A 78 4.63 1.63 -14.09
CA CYS A 78 3.58 2.64 -13.99
C CYS A 78 4.19 4.04 -13.88
N SER A 79 3.33 5.05 -13.80
CA SER A 79 3.78 6.43 -13.70
C SER A 79 3.46 6.99 -12.31
N LEU A 80 3.92 8.23 -12.07
CA LEU A 80 3.68 8.89 -10.79
C LEU A 80 2.22 9.35 -10.68
N LEU A 81 1.73 9.99 -11.73
CA LEU A 81 0.36 10.48 -11.75
C LEU A 81 -0.63 9.34 -11.58
N GLU A 82 -0.41 8.25 -12.32
CA GLU A 82 -1.29 7.09 -12.25
C GLU A 82 -1.29 6.49 -10.84
N ALA A 83 -0.10 6.38 -10.26
CA ALA A 83 0.05 5.82 -8.92
C ALA A 83 -0.63 6.71 -7.88
N THR A 84 -0.51 8.02 -8.08
CA THR A 84 -1.11 8.98 -7.15
C THR A 84 -2.62 9.10 -7.38
N LYS A 85 -3.03 8.92 -8.64
CA LYS A 85 -4.44 9.01 -8.98
C LYS A 85 -5.25 7.90 -8.31
N LEU A 86 -4.60 6.76 -8.10
CA LEU A 86 -5.25 5.62 -7.45
C LEU A 86 -5.67 5.96 -6.03
N LEU A 87 -4.74 6.53 -5.26
CA LEU A 87 -5.01 6.91 -3.88
C LEU A 87 -6.16 7.91 -3.81
N ALA A 88 -6.32 8.71 -4.85
CA ALA A 88 -7.38 9.70 -4.90
C ALA A 88 -8.73 9.05 -5.18
N SER A 89 -8.71 7.95 -5.93
CA SER A 89 -9.93 7.24 -6.27
C SER A 89 -10.30 6.23 -5.18
N ILE A 90 -10.76 6.74 -4.04
CA ILE A 90 -11.14 5.89 -2.92
C ILE A 90 -12.50 6.30 -2.37
N SER A 91 -13.16 5.37 -1.68
CA SER A 91 -14.47 5.64 -1.10
C SER A 91 -14.38 5.75 0.42
N GLU A 92 -13.48 4.97 1.01
CA GLU A 92 -13.30 4.98 2.46
C GLU A 92 -11.94 4.38 2.84
N LYS A 93 -11.70 3.16 2.41
CA LYS A 93 -10.43 2.48 2.70
C LYS A 93 -9.59 2.34 1.44
N VAL A 94 -8.31 2.66 1.57
CA VAL A 94 -7.38 2.58 0.45
C VAL A 94 -6.53 1.32 0.53
N ARG A 95 -6.55 0.52 -0.54
CA ARG A 95 -5.78 -0.71 -0.59
C ARG A 95 -4.38 -0.46 -1.11
N LEU A 96 -3.47 -0.08 -0.22
CA LEU A 96 -2.09 0.19 -0.60
C LEU A 96 -1.23 -1.06 -0.50
N GLU A 97 -0.83 -1.59 -1.64
CA GLU A 97 -0.01 -2.80 -1.68
C GLU A 97 1.48 -2.45 -1.60
N ILE A 98 2.05 -2.62 -0.41
CA ILE A 98 3.47 -2.33 -0.20
C ILE A 98 4.29 -3.61 -0.12
N LEU A 99 5.58 -3.49 -0.45
CA LEU A 99 6.47 -4.65 -0.42
C LEU A 99 6.88 -4.98 1.02
N PRO A 100 6.92 -6.27 1.37
CA PRO A 100 7.30 -6.72 2.71
C PRO A 100 8.63 -6.13 3.16
N VAL A 101 8.57 -4.99 3.85
CA VAL A 101 9.77 -4.32 4.33
C VAL A 101 9.83 -4.37 5.86
N PRO A 102 11.06 -4.26 6.42
CA PRO A 102 11.25 -4.29 7.87
C PRO A 102 10.66 -3.07 8.56
N GLN A 103 10.60 -1.96 7.83
CA GLN A 103 10.06 -0.72 8.38
C GLN A 103 8.57 -0.86 8.67
N SER A 104 7.89 -1.68 7.88
CA SER A 104 6.46 -1.89 8.05
C SER A 104 6.10 -3.35 7.83
N GLN A 105 5.44 -3.95 8.81
CA GLN A 105 5.03 -5.35 8.73
C GLN A 105 3.73 -5.59 9.48
N ARG A 106 2.83 -4.62 9.40
CA ARG A 106 1.53 -4.71 10.06
C ARG A 106 0.44 -4.03 9.24
N PRO A 107 -0.37 -4.82 8.50
CA PRO A 107 -1.44 -4.29 7.67
C PRO A 107 -2.33 -3.29 8.43
N LEU A 108 -2.95 -3.77 9.50
CA LEU A 108 -3.82 -2.93 10.31
C LEU A 108 -4.19 -3.63 11.62
N ARG A 109 -3.44 -3.35 12.67
CA ARG A 109 -3.69 -3.94 13.97
C ARG A 109 -3.46 -2.93 15.09
N PRO A 110 -4.23 -1.83 15.10
CA PRO A 110 -4.10 -0.78 16.11
C PRO A 110 -4.64 -1.22 17.47
N SER A 111 -3.85 -1.99 18.20
CA SER A 111 -4.24 -2.48 19.51
C SER A 111 -3.03 -2.68 20.41
N SER A 112 -3.27 -2.75 21.72
CA SER A 112 -2.19 -2.92 22.68
C SER A 112 -2.73 -3.45 24.01
N GLY A 113 -3.83 -2.85 24.48
CA GLY A 113 -4.42 -3.27 25.73
C GLY A 113 -5.74 -2.57 26.02
N PRO A 114 -5.70 -1.43 26.75
CA PRO A 114 -6.91 -0.67 27.08
C PRO A 114 -7.49 0.05 25.87
N SER A 115 -8.67 -0.37 25.43
CA SER A 115 -9.33 0.25 24.29
C SER A 115 -10.82 0.42 24.53
N SER A 116 -11.21 1.60 24.98
CA SER A 116 -12.61 1.89 25.25
C SER A 116 -13.19 2.85 24.22
N GLY A 117 -14.46 3.21 24.39
CA GLY A 117 -15.11 4.12 23.46
C GLY A 117 -16.02 5.11 24.15
N GLY A 1 -22.88 -28.10 -2.15
CA GLY A 1 -22.44 -27.35 -3.36
C GLY A 1 -21.71 -26.08 -3.03
N SER A 2 -21.08 -25.47 -4.02
CA SER A 2 -20.34 -24.24 -3.83
C SER A 2 -19.20 -24.44 -2.83
N SER A 3 -18.64 -25.64 -2.80
CA SER A 3 -17.54 -25.96 -1.90
C SER A 3 -16.41 -26.65 -2.63
N GLY A 4 -15.18 -26.23 -2.35
CA GLY A 4 -14.02 -26.81 -3.00
C GLY A 4 -12.74 -26.58 -2.22
N SER A 5 -12.50 -27.41 -1.21
CA SER A 5 -11.30 -27.29 -0.40
C SER A 5 -11.23 -25.92 0.27
N SER A 6 -12.37 -25.44 0.77
CA SER A 6 -12.44 -24.14 1.42
C SER A 6 -13.28 -24.22 2.70
N GLY A 7 -12.99 -23.34 3.64
CA GLY A 7 -13.73 -23.32 4.89
C GLY A 7 -14.16 -21.93 5.30
N ASP A 8 -13.37 -21.30 6.16
CA ASP A 8 -13.68 -19.95 6.62
C ASP A 8 -12.71 -18.92 6.03
N THR A 9 -11.56 -19.40 5.59
CA THR A 9 -10.55 -18.53 5.00
C THR A 9 -9.35 -19.33 4.49
N VAL A 10 -9.03 -19.16 3.22
CA VAL A 10 -7.91 -19.88 2.62
C VAL A 10 -6.89 -18.90 2.01
N ALA A 11 -5.83 -19.45 1.42
CA ALA A 11 -4.80 -18.64 0.81
C ALA A 11 -4.13 -17.73 1.85
N ASN A 12 -2.97 -18.16 2.34
CA ASN A 12 -2.23 -17.39 3.33
C ASN A 12 -0.80 -17.17 2.89
N ALA A 13 -0.28 -15.97 3.15
CA ALA A 13 1.09 -15.63 2.78
C ALA A 13 1.28 -15.72 1.26
N SER A 14 0.86 -14.68 0.55
CA SER A 14 0.99 -14.65 -0.90
C SER A 14 2.31 -14.02 -1.32
N GLY A 15 2.59 -12.84 -0.77
CA GLY A 15 3.82 -12.15 -1.10
C GLY A 15 3.82 -10.71 -0.62
N PRO A 16 3.43 -9.75 -1.47
CA PRO A 16 3.39 -8.33 -1.11
C PRO A 16 2.60 -8.08 0.17
N LEU A 17 2.57 -6.82 0.61
CA LEU A 17 1.85 -6.45 1.82
C LEU A 17 0.71 -5.49 1.49
N MET A 18 -0.51 -5.87 1.89
CA MET A 18 -1.68 -5.03 1.64
C MET A 18 -1.86 -3.99 2.75
N VAL A 19 -1.31 -2.81 2.52
CA VAL A 19 -1.40 -1.72 3.49
C VAL A 19 -2.71 -0.96 3.33
N GLU A 20 -3.60 -1.08 4.31
CA GLU A 20 -4.88 -0.39 4.27
C GLU A 20 -4.88 0.84 5.18
N ILE A 21 -5.67 1.83 4.81
CA ILE A 21 -5.76 3.07 5.59
C ILE A 21 -7.20 3.58 5.64
N VAL A 22 -7.80 3.54 6.82
CA VAL A 22 -9.16 4.01 7.01
C VAL A 22 -9.26 5.52 6.86
N LYS A 23 -9.27 5.99 5.62
CA LYS A 23 -9.36 7.43 5.34
C LYS A 23 -10.81 7.88 5.28
N THR A 24 -11.02 9.19 5.18
CA THR A 24 -12.36 9.76 5.11
C THR A 24 -13.09 9.28 3.86
N PRO A 25 -14.41 9.09 3.94
CA PRO A 25 -15.22 8.63 2.80
C PRO A 25 -15.42 9.73 1.77
N GLY A 26 -14.76 9.58 0.62
CA GLY A 26 -14.88 10.56 -0.44
C GLY A 26 -13.96 11.75 -0.23
N SER A 27 -12.84 11.53 0.44
CA SER A 27 -11.88 12.58 0.70
C SER A 27 -10.45 12.07 0.52
N ALA A 28 -9.49 13.00 0.51
CA ALA A 28 -8.09 12.64 0.33
C ALA A 28 -7.33 12.74 1.65
N LEU A 29 -6.01 12.66 1.57
CA LEU A 29 -5.16 12.74 2.77
C LEU A 29 -4.00 13.70 2.54
N GLY A 30 -3.11 13.33 1.64
CA GLY A 30 -1.96 14.18 1.35
C GLY A 30 -0.67 13.40 1.29
N ILE A 31 -0.64 12.35 0.47
CA ILE A 31 0.55 11.52 0.32
C ILE A 31 1.28 11.82 -0.98
N SER A 32 2.58 12.08 -0.88
CA SER A 32 3.39 12.39 -2.04
C SER A 32 4.27 11.21 -2.42
N LEU A 33 4.01 10.62 -3.58
CA LEU A 33 4.78 9.48 -4.06
C LEU A 33 6.04 9.94 -4.79
N THR A 34 6.80 8.98 -5.32
CA THR A 34 8.03 9.28 -6.03
C THR A 34 8.54 8.07 -6.78
N THR A 35 8.62 8.17 -8.10
CA THR A 35 9.08 7.06 -8.93
C THR A 35 10.60 7.11 -9.10
N THR A 36 11.26 6.01 -8.78
CA THR A 36 12.71 5.93 -8.89
C THR A 36 13.12 4.95 -9.99
N SER A 37 14.42 4.74 -10.14
CA SER A 37 14.94 3.83 -11.15
C SER A 37 15.77 2.72 -10.52
N LEU A 38 16.26 1.80 -11.35
CA LEU A 38 17.07 0.70 -10.88
C LEU A 38 18.10 0.28 -11.92
N ARG A 39 17.62 -0.03 -13.13
CA ARG A 39 18.50 -0.44 -14.21
C ARG A 39 17.71 -0.67 -15.49
N ASN A 40 16.53 -1.28 -15.35
CA ASN A 40 15.68 -1.55 -16.49
C ASN A 40 14.23 -1.73 -16.06
N LYS A 41 13.85 -1.05 -14.99
CA LYS A 41 12.49 -1.12 -14.47
C LYS A 41 12.30 -0.19 -13.27
N SER A 42 11.72 0.98 -13.53
CA SER A 42 11.47 1.96 -12.48
C SER A 42 10.34 1.52 -11.57
N VAL A 43 10.61 1.48 -10.27
CA VAL A 43 9.61 1.08 -9.29
C VAL A 43 9.11 2.28 -8.49
N ILE A 44 7.81 2.50 -8.51
CA ILE A 44 7.21 3.61 -7.79
C ILE A 44 7.26 3.38 -6.28
N THR A 45 7.63 4.42 -5.55
CA THR A 45 7.73 4.33 -4.09
C THR A 45 7.11 5.57 -3.43
N ILE A 46 7.17 5.61 -2.10
CA ILE A 46 6.62 6.73 -1.35
C ILE A 46 7.68 7.80 -1.11
N ASP A 47 7.29 9.06 -1.25
CA ASP A 47 8.20 10.18 -1.05
C ASP A 47 8.08 10.73 0.36
N ARG A 48 6.90 11.29 0.68
CA ARG A 48 6.66 11.86 1.99
C ARG A 48 5.17 11.85 2.32
N ILE A 49 4.84 12.08 3.59
CA ILE A 49 3.45 12.11 4.03
C ILE A 49 3.10 13.45 4.68
N LYS A 50 1.81 13.75 4.75
CA LYS A 50 1.36 15.00 5.34
C LYS A 50 1.14 14.84 6.85
N PRO A 51 1.50 15.86 7.64
CA PRO A 51 1.35 15.82 9.10
C PRO A 51 -0.10 15.97 9.53
N ALA A 52 -0.45 15.40 10.67
CA ALA A 52 -1.81 15.48 11.20
C ALA A 52 -2.81 14.88 10.22
N SER A 53 -2.36 13.88 9.45
CA SER A 53 -3.21 13.22 8.48
C SER A 53 -3.63 11.85 8.97
N VAL A 54 -4.51 11.19 8.20
CA VAL A 54 -4.98 9.86 8.56
C VAL A 54 -3.88 8.83 8.47
N VAL A 55 -2.94 9.05 7.54
CA VAL A 55 -1.82 8.13 7.34
C VAL A 55 -0.70 8.42 8.33
N ASP A 56 -0.42 9.70 8.54
CA ASP A 56 0.63 10.10 9.46
C ASP A 56 0.26 9.76 10.90
N ARG A 57 -1.00 10.04 11.26
CA ARG A 57 -1.48 9.76 12.61
C ARG A 57 -1.63 8.26 12.83
N SER A 58 -2.10 7.55 11.80
CA SER A 58 -2.30 6.11 11.88
C SER A 58 -0.95 5.38 11.89
N GLY A 59 -0.09 5.74 10.94
CA GLY A 59 1.21 5.11 10.86
C GLY A 59 1.22 3.93 9.91
N ALA A 60 0.55 4.08 8.77
CA ALA A 60 0.47 3.01 7.78
C ALA A 60 1.60 3.12 6.78
N LEU A 61 1.53 4.14 5.93
CA LEU A 61 2.56 4.35 4.91
C LEU A 61 3.80 4.99 5.52
N HIS A 62 4.89 5.00 4.75
CA HIS A 62 6.14 5.59 5.22
C HIS A 62 7.01 6.03 4.05
N PRO A 63 7.78 7.12 4.21
CA PRO A 63 8.65 7.64 3.16
C PRO A 63 9.85 6.73 2.89
N GLY A 64 9.78 5.98 1.80
CA GLY A 64 10.86 5.07 1.46
C GLY A 64 10.36 3.70 1.06
N ASP A 65 9.15 3.36 1.48
CA ASP A 65 8.56 2.06 1.17
C ASP A 65 8.50 1.84 -0.33
N HIS A 66 8.20 0.61 -0.73
CA HIS A 66 8.12 0.25 -2.14
C HIS A 66 6.71 -0.22 -2.51
N ILE A 67 6.04 0.54 -3.37
CA ILE A 67 4.69 0.19 -3.80
C ILE A 67 4.72 -0.78 -4.96
N LEU A 68 4.10 -1.94 -4.76
CA LEU A 68 4.04 -2.97 -5.80
C LEU A 68 2.74 -2.89 -6.59
N SER A 69 1.68 -2.43 -5.92
CA SER A 69 0.37 -2.31 -6.56
C SER A 69 -0.59 -1.56 -5.66
N ILE A 70 -1.51 -0.81 -6.28
CA ILE A 70 -2.50 -0.05 -5.52
C ILE A 70 -3.91 -0.34 -6.03
N ASP A 71 -4.72 -0.95 -5.17
CA ASP A 71 -6.10 -1.29 -5.53
C ASP A 71 -6.13 -2.25 -6.71
N GLY A 72 -5.12 -3.12 -6.79
CA GLY A 72 -5.06 -4.08 -7.88
C GLY A 72 -4.29 -3.57 -9.07
N THR A 73 -3.90 -2.29 -9.04
CA THR A 73 -3.15 -1.69 -10.14
C THR A 73 -1.65 -2.00 -10.01
N SER A 74 -1.15 -2.83 -10.91
CA SER A 74 0.26 -3.20 -10.89
C SER A 74 1.15 -1.97 -11.03
N MET A 75 2.19 -1.91 -10.20
CA MET A 75 3.12 -0.79 -10.22
C MET A 75 4.37 -1.12 -11.02
N GLU A 76 4.22 -1.98 -12.03
CA GLU A 76 5.33 -2.39 -12.87
C GLU A 76 5.38 -1.57 -14.15
N HIS A 77 4.22 -1.21 -14.66
CA HIS A 77 4.13 -0.42 -15.88
C HIS A 77 3.25 0.82 -15.68
N CYS A 78 3.29 1.37 -14.48
CA CYS A 78 2.50 2.55 -14.15
C CYS A 78 3.37 3.79 -14.05
N SER A 79 2.76 4.93 -13.75
CA SER A 79 3.49 6.18 -13.64
C SER A 79 3.27 6.80 -12.25
N LEU A 80 3.75 8.04 -12.09
CA LEU A 80 3.61 8.75 -10.82
C LEU A 80 2.20 9.33 -10.68
N LEU A 81 1.71 9.93 -11.76
CA LEU A 81 0.38 10.54 -11.75
C LEU A 81 -0.70 9.48 -11.54
N GLU A 82 -0.63 8.41 -12.32
CA GLU A 82 -1.60 7.32 -12.22
C GLU A 82 -1.55 6.68 -10.83
N ALA A 83 -0.36 6.57 -10.27
CA ALA A 83 -0.17 5.98 -8.96
C ALA A 83 -0.81 6.85 -7.87
N THR A 84 -0.74 8.17 -8.07
CA THR A 84 -1.30 9.11 -7.10
C THR A 84 -2.82 9.18 -7.25
N LYS A 85 -3.31 9.01 -8.46
CA LYS A 85 -4.74 9.05 -8.74
C LYS A 85 -5.47 7.93 -7.98
N LEU A 86 -4.79 6.81 -7.81
CA LEU A 86 -5.36 5.67 -7.12
C LEU A 86 -5.59 5.98 -5.64
N LEU A 87 -4.70 6.78 -5.06
CA LEU A 87 -4.81 7.15 -3.66
C LEU A 87 -6.04 8.03 -3.42
N ALA A 88 -6.40 8.80 -4.44
CA ALA A 88 -7.56 9.70 -4.33
C ALA A 88 -8.85 8.94 -4.63
N SER A 89 -8.77 7.97 -5.53
CA SER A 89 -9.93 7.17 -5.90
C SER A 89 -10.18 6.06 -4.88
N ILE A 90 -10.69 6.44 -3.72
CA ILE A 90 -10.97 5.47 -2.66
C ILE A 90 -12.32 5.76 -2.00
N SER A 91 -13.12 4.71 -1.83
CA SER A 91 -14.44 4.85 -1.22
C SER A 91 -14.31 5.15 0.28
N GLU A 92 -13.58 4.30 0.98
CA GLU A 92 -13.38 4.48 2.42
C GLU A 92 -11.97 4.06 2.83
N LYS A 93 -11.58 2.85 2.42
CA LYS A 93 -10.26 2.33 2.75
C LYS A 93 -9.40 2.20 1.48
N VAL A 94 -8.18 2.72 1.56
CA VAL A 94 -7.26 2.65 0.42
C VAL A 94 -6.45 1.37 0.45
N ARG A 95 -6.43 0.67 -0.68
CA ARG A 95 -5.69 -0.58 -0.80
C ARG A 95 -4.32 -0.35 -1.40
N LEU A 96 -3.32 -0.16 -0.55
CA LEU A 96 -1.95 0.08 -0.99
C LEU A 96 -1.08 -1.16 -0.77
N GLU A 97 -0.75 -1.83 -1.87
CA GLU A 97 0.08 -3.03 -1.79
C GLU A 97 1.56 -2.67 -1.77
N ILE A 98 2.15 -2.67 -0.58
CA ILE A 98 3.56 -2.34 -0.43
C ILE A 98 4.39 -3.57 -0.15
N LEU A 99 5.62 -3.59 -0.65
CA LEU A 99 6.52 -4.72 -0.44
C LEU A 99 6.89 -4.85 1.04
N PRO A 100 6.99 -6.09 1.54
CA PRO A 100 7.33 -6.35 2.95
C PRO A 100 8.57 -5.58 3.38
N VAL A 101 8.36 -4.38 3.92
CA VAL A 101 9.46 -3.55 4.39
C VAL A 101 9.59 -3.62 5.90
N PRO A 102 10.80 -3.34 6.43
CA PRO A 102 11.07 -3.37 7.87
C PRO A 102 10.32 -2.28 8.62
N GLN A 103 9.99 -1.20 7.92
CA GLN A 103 9.27 -0.07 8.52
C GLN A 103 7.81 -0.43 8.76
N SER A 104 7.05 -0.56 7.68
CA SER A 104 5.64 -0.90 7.77
C SER A 104 5.43 -2.41 7.71
N GLN A 105 4.73 -2.96 8.70
CA GLN A 105 4.46 -4.39 8.76
C GLN A 105 3.15 -4.66 9.49
N ARG A 106 2.20 -3.73 9.38
CA ARG A 106 0.91 -3.87 10.03
C ARG A 106 -0.15 -3.00 9.35
N PRO A 107 -0.97 -3.60 8.47
CA PRO A 107 -2.02 -2.86 7.76
C PRO A 107 -2.90 -2.05 8.70
N LEU A 108 -3.59 -2.74 9.61
CA LEU A 108 -4.47 -2.08 10.55
C LEU A 108 -3.85 -2.06 11.95
N ARG A 109 -4.13 -0.99 12.70
CA ARG A 109 -3.59 -0.84 14.05
C ARG A 109 -4.39 -1.66 15.05
N PRO A 110 -5.70 -1.36 15.20
CA PRO A 110 -6.58 -2.07 16.13
C PRO A 110 -6.97 -3.46 15.64
N SER A 111 -6.53 -3.82 14.44
CA SER A 111 -6.84 -5.13 13.86
C SER A 111 -6.38 -6.25 14.78
N SER A 112 -5.06 -6.38 14.93
CA SER A 112 -4.49 -7.42 15.78
C SER A 112 -3.91 -6.81 17.06
N GLY A 113 -4.77 -6.63 18.06
CA GLY A 113 -4.32 -6.06 19.32
C GLY A 113 -4.24 -7.09 20.43
N PRO A 114 -4.16 -6.66 21.69
CA PRO A 114 -4.09 -7.56 22.84
C PRO A 114 -5.39 -8.31 23.08
N SER A 115 -5.49 -8.96 24.24
CA SER A 115 -6.69 -9.71 24.59
C SER A 115 -7.06 -9.50 26.05
N SER A 116 -6.09 -9.65 26.93
CA SER A 116 -6.31 -9.47 28.37
C SER A 116 -5.83 -8.10 28.81
N GLY A 117 -6.44 -7.58 29.88
CA GLY A 117 -6.07 -6.28 30.40
C GLY A 117 -4.71 -6.30 31.08
N GLY A 1 11.65 -15.38 2.55
CA GLY A 1 13.04 -15.89 2.35
C GLY A 1 13.20 -17.32 2.82
N SER A 2 12.52 -17.67 3.91
CA SER A 2 12.59 -19.01 4.47
C SER A 2 11.34 -19.82 4.11
N SER A 3 11.49 -20.76 3.20
CA SER A 3 10.37 -21.61 2.78
C SER A 3 10.84 -23.01 2.42
N GLY A 4 9.91 -23.95 2.38
CA GLY A 4 10.24 -25.32 2.06
C GLY A 4 9.09 -26.28 2.32
N SER A 5 8.07 -26.21 1.48
CA SER A 5 6.90 -27.07 1.62
C SER A 5 6.41 -27.57 0.27
N SER A 6 6.80 -28.79 -0.09
CA SER A 6 6.41 -29.37 -1.36
C SER A 6 5.02 -30.00 -1.26
N GLY A 7 4.01 -29.27 -1.70
CA GLY A 7 2.65 -29.76 -1.65
C GLY A 7 1.62 -28.69 -1.97
N ASP A 8 1.52 -27.70 -1.08
CA ASP A 8 0.57 -26.60 -1.27
C ASP A 8 1.08 -25.33 -0.62
N THR A 9 0.63 -24.19 -1.13
CA THR A 9 1.04 -22.89 -0.61
C THR A 9 -0.15 -21.96 -0.44
N VAL A 10 -0.17 -21.21 0.66
CA VAL A 10 -1.26 -20.28 0.92
C VAL A 10 -0.94 -18.88 0.39
N ALA A 11 -1.92 -18.27 -0.26
CA ALA A 11 -1.74 -16.94 -0.82
C ALA A 11 -2.33 -15.87 0.10
N ASN A 12 -2.28 -16.13 1.40
CA ASN A 12 -2.81 -15.19 2.39
C ASN A 12 -1.72 -14.73 3.34
N ALA A 13 -1.31 -13.48 3.22
CA ALA A 13 -0.27 -12.91 4.06
C ALA A 13 1.03 -13.67 3.91
N SER A 14 1.78 -13.35 2.86
CA SER A 14 3.06 -14.01 2.59
C SER A 14 4.00 -13.09 1.82
N GLY A 15 3.61 -12.76 0.58
CA GLY A 15 4.42 -11.89 -0.24
C GLY A 15 4.15 -10.42 0.03
N PRO A 16 3.56 -9.70 -0.94
CA PRO A 16 3.26 -8.27 -0.79
C PRO A 16 2.40 -7.99 0.45
N LEU A 17 2.52 -6.78 0.97
CA LEU A 17 1.76 -6.38 2.16
C LEU A 17 0.65 -5.41 1.79
N MET A 18 -0.57 -5.70 2.24
CA MET A 18 -1.71 -4.85 1.96
C MET A 18 -1.99 -3.90 3.12
N VAL A 19 -1.42 -2.69 3.03
CA VAL A 19 -1.60 -1.69 4.07
C VAL A 19 -2.76 -0.76 3.75
N GLU A 20 -3.94 -1.07 4.28
CA GLU A 20 -5.12 -0.27 4.04
C GLU A 20 -5.19 0.92 4.99
N ILE A 21 -5.86 1.98 4.56
CA ILE A 21 -5.98 3.19 5.37
C ILE A 21 -7.41 3.71 5.35
N VAL A 22 -8.12 3.52 6.47
CA VAL A 22 -9.50 3.97 6.58
C VAL A 22 -9.59 5.49 6.58
N LYS A 23 -9.76 6.07 5.40
CA LYS A 23 -9.86 7.51 5.25
C LYS A 23 -11.32 7.95 5.14
N THR A 24 -11.53 9.25 4.99
CA THR A 24 -12.89 9.79 4.87
C THR A 24 -13.47 9.50 3.49
N PRO A 25 -14.79 9.29 3.40
CA PRO A 25 -15.46 9.00 2.14
C PRO A 25 -15.16 10.04 1.07
N GLY A 26 -14.55 9.60 -0.03
CA GLY A 26 -14.22 10.51 -1.12
C GLY A 26 -13.33 11.65 -0.67
N SER A 27 -12.46 11.39 0.30
CA SER A 27 -11.56 12.40 0.82
C SER A 27 -10.11 12.08 0.46
N ALA A 28 -9.25 13.09 0.53
CA ALA A 28 -7.85 12.92 0.20
C ALA A 28 -6.97 13.08 1.44
N LEU A 29 -5.99 12.20 1.58
CA LEU A 29 -5.07 12.24 2.73
C LEU A 29 -3.95 13.24 2.48
N GLY A 30 -3.13 12.97 1.47
CA GLY A 30 -2.03 13.85 1.15
C GLY A 30 -0.70 13.12 1.08
N ILE A 31 -0.72 11.96 0.44
CA ILE A 31 0.49 11.16 0.30
C ILE A 31 1.26 11.52 -0.97
N SER A 32 2.57 11.67 -0.84
CA SER A 32 3.42 12.02 -1.96
C SER A 32 4.27 10.83 -2.40
N LEU A 33 4.05 10.37 -3.63
CA LEU A 33 4.80 9.24 -4.16
C LEU A 33 6.01 9.72 -4.96
N THR A 34 7.01 8.85 -5.07
CA THR A 34 8.23 9.17 -5.80
C THR A 34 8.81 7.94 -6.48
N THR A 35 9.02 8.03 -7.79
CA THR A 35 9.56 6.91 -8.56
C THR A 35 11.04 7.14 -8.87
N THR A 36 11.73 6.07 -9.27
CA THR A 36 13.15 6.16 -9.59
C THR A 36 13.48 5.25 -10.78
N SER A 37 14.77 5.19 -11.12
CA SER A 37 15.23 4.36 -12.22
C SER A 37 16.14 3.23 -11.73
N LEU A 38 16.53 2.35 -12.65
CA LEU A 38 17.39 1.23 -12.30
C LEU A 38 18.22 0.79 -13.50
N ARG A 39 17.55 0.34 -14.56
CA ARG A 39 18.22 -0.10 -15.77
C ARG A 39 17.29 -0.02 -16.97
N ASN A 40 16.22 -0.82 -16.94
CA ASN A 40 15.25 -0.85 -18.01
C ASN A 40 13.82 -0.80 -17.47
N LYS A 41 13.66 -0.21 -16.29
CA LYS A 41 12.35 -0.10 -15.66
C LYS A 41 12.36 0.95 -14.56
N SER A 42 11.22 1.12 -13.89
CA SER A 42 11.10 2.09 -12.81
C SER A 42 10.15 1.60 -11.73
N VAL A 43 10.51 1.83 -10.48
CA VAL A 43 9.67 1.42 -9.35
C VAL A 43 9.14 2.62 -8.59
N ILE A 44 7.83 2.63 -8.36
CA ILE A 44 7.18 3.72 -7.65
C ILE A 44 7.25 3.51 -6.14
N THR A 45 7.86 4.47 -5.44
CA THR A 45 7.98 4.39 -3.99
C THR A 45 7.31 5.58 -3.31
N ILE A 46 7.38 5.62 -1.99
CA ILE A 46 6.77 6.70 -1.22
C ILE A 46 7.78 7.82 -0.96
N ASP A 47 7.30 9.06 -1.01
CA ASP A 47 8.15 10.21 -0.77
C ASP A 47 7.94 10.77 0.64
N ARG A 48 6.75 11.31 0.89
CA ARG A 48 6.42 11.87 2.19
C ARG A 48 4.90 11.87 2.41
N ILE A 49 4.50 11.84 3.68
CA ILE A 49 3.09 11.83 4.02
C ILE A 49 2.64 13.21 4.49
N LYS A 50 1.33 13.45 4.43
CA LYS A 50 0.77 14.73 4.86
C LYS A 50 0.62 14.79 6.37
N PRO A 51 1.39 15.67 7.05
CA PRO A 51 1.33 15.81 8.51
C PRO A 51 -0.09 16.02 9.01
N ALA A 52 -0.37 15.50 10.21
CA ALA A 52 -1.69 15.63 10.80
C ALA A 52 -2.76 14.96 9.93
N SER A 53 -2.38 13.88 9.27
CA SER A 53 -3.30 13.15 8.40
C SER A 53 -3.62 11.77 8.97
N VAL A 54 -4.43 11.01 8.25
CA VAL A 54 -4.80 9.67 8.69
C VAL A 54 -3.66 8.68 8.48
N VAL A 55 -2.83 8.94 7.47
CA VAL A 55 -1.70 8.07 7.17
C VAL A 55 -0.49 8.43 8.04
N ASP A 56 -0.26 9.72 8.20
CA ASP A 56 0.87 10.20 9.01
C ASP A 56 0.69 9.83 10.47
N ARG A 57 -0.54 9.98 10.95
CA ARG A 57 -0.86 9.66 12.34
C ARG A 57 -0.86 8.15 12.58
N SER A 58 -1.54 7.43 11.70
CA SER A 58 -1.63 5.97 11.80
C SER A 58 -0.28 5.33 11.48
N GLY A 59 0.44 5.92 10.54
CA GLY A 59 1.74 5.39 10.16
C GLY A 59 1.63 4.21 9.21
N ALA A 60 0.74 4.33 8.22
CA ALA A 60 0.53 3.27 7.24
C ALA A 60 1.55 3.38 6.10
N LEU A 61 1.87 4.61 5.72
CA LEU A 61 2.83 4.85 4.64
C LEU A 61 4.08 5.55 5.17
N HIS A 62 5.24 4.99 4.87
CA HIS A 62 6.51 5.57 5.31
C HIS A 62 7.45 5.79 4.12
N PRO A 63 8.20 6.91 4.12
CA PRO A 63 9.13 7.23 3.04
C PRO A 63 10.13 6.11 2.78
N GLY A 64 10.19 5.65 1.53
CA GLY A 64 11.11 4.58 1.17
C GLY A 64 10.40 3.29 0.84
N ASP A 65 9.19 3.12 1.38
CA ASP A 65 8.41 1.92 1.13
C ASP A 65 8.18 1.71 -0.36
N HIS A 66 8.34 0.47 -0.81
CA HIS A 66 8.16 0.14 -2.22
C HIS A 66 6.74 -0.35 -2.48
N ILE A 67 5.99 0.41 -3.28
CA ILE A 67 4.61 0.04 -3.61
C ILE A 67 4.58 -0.95 -4.75
N LEU A 68 4.06 -2.14 -4.48
CA LEU A 68 3.95 -3.19 -5.50
C LEU A 68 2.66 -3.05 -6.30
N SER A 69 1.62 -2.57 -5.64
CA SER A 69 0.32 -2.40 -6.28
C SER A 69 -0.59 -1.51 -5.44
N ILE A 70 -1.58 -0.90 -6.08
CA ILE A 70 -2.52 -0.03 -5.39
C ILE A 70 -3.92 -0.15 -5.99
N ASP A 71 -4.89 -0.52 -5.15
CA ASP A 71 -6.26 -0.67 -5.59
C ASP A 71 -6.36 -1.72 -6.69
N GLY A 72 -5.47 -2.71 -6.66
CA GLY A 72 -5.48 -3.76 -7.65
C GLY A 72 -4.71 -3.39 -8.91
N THR A 73 -3.93 -2.30 -8.83
CA THR A 73 -3.14 -1.85 -9.97
C THR A 73 -1.68 -2.31 -9.85
N SER A 74 -1.12 -2.74 -10.96
CA SER A 74 0.26 -3.21 -10.98
C SER A 74 1.23 -2.03 -11.09
N MET A 75 2.25 -2.03 -10.23
CA MET A 75 3.24 -0.96 -10.23
C MET A 75 4.50 -1.38 -10.99
N GLU A 76 4.32 -2.21 -12.01
CA GLU A 76 5.43 -2.69 -12.81
C GLU A 76 5.76 -1.71 -13.93
N HIS A 77 4.74 -1.02 -14.41
CA HIS A 77 4.91 -0.05 -15.49
C HIS A 77 4.02 1.17 -15.27
N CYS A 78 3.77 1.51 -14.02
CA CYS A 78 2.93 2.65 -13.68
C CYS A 78 3.77 3.92 -13.53
N SER A 79 3.11 5.02 -13.16
CA SER A 79 3.79 6.29 -12.99
C SER A 79 3.42 6.94 -11.66
N LEU A 80 3.83 8.19 -11.48
CA LEU A 80 3.53 8.92 -10.25
C LEU A 80 2.10 9.45 -10.27
N LEU A 81 1.73 10.10 -11.37
CA LEU A 81 0.38 10.65 -11.51
C LEU A 81 -0.67 9.55 -11.41
N GLU A 82 -0.46 8.46 -12.14
CA GLU A 82 -1.38 7.34 -12.14
C GLU A 82 -1.52 6.75 -10.74
N ALA A 83 -0.38 6.48 -10.10
CA ALA A 83 -0.38 5.92 -8.76
C ALA A 83 -1.08 6.83 -7.77
N THR A 84 -0.70 8.11 -7.78
CA THR A 84 -1.29 9.09 -6.88
C THR A 84 -2.80 9.22 -7.14
N LYS A 85 -3.19 9.09 -8.40
CA LYS A 85 -4.60 9.19 -8.77
C LYS A 85 -5.41 8.07 -8.14
N LEU A 86 -4.80 6.90 -8.00
CA LEU A 86 -5.46 5.75 -7.41
C LEU A 86 -5.88 6.04 -5.96
N LEU A 87 -4.95 6.59 -5.19
CA LEU A 87 -5.21 6.92 -3.79
C LEU A 87 -6.36 7.92 -3.68
N ALA A 88 -6.49 8.79 -4.68
CA ALA A 88 -7.54 9.79 -4.69
C ALA A 88 -8.91 9.16 -4.96
N SER A 89 -8.91 8.07 -5.71
CA SER A 89 -10.15 7.37 -6.04
C SER A 89 -10.38 6.21 -5.08
N ILE A 90 -10.87 6.53 -3.88
CA ILE A 90 -11.15 5.52 -2.86
C ILE A 90 -12.47 5.79 -2.17
N SER A 91 -13.25 4.73 -1.94
CA SER A 91 -14.55 4.86 -1.28
C SER A 91 -14.37 5.16 0.20
N GLU A 92 -13.41 4.49 0.83
CA GLU A 92 -13.14 4.69 2.25
C GLU A 92 -11.76 4.17 2.61
N LYS A 93 -11.50 2.91 2.27
CA LYS A 93 -10.21 2.29 2.56
C LYS A 93 -9.40 2.08 1.29
N VAL A 94 -8.20 2.66 1.26
CA VAL A 94 -7.32 2.54 0.11
C VAL A 94 -6.45 1.29 0.20
N ARG A 95 -6.59 0.39 -0.77
CA ARG A 95 -5.81 -0.84 -0.79
C ARG A 95 -4.41 -0.59 -1.32
N LEU A 96 -3.49 -0.29 -0.41
CA LEU A 96 -2.10 -0.02 -0.79
C LEU A 96 -1.23 -1.26 -0.59
N GLU A 97 -0.73 -1.81 -1.69
CA GLU A 97 0.12 -2.99 -1.62
C GLU A 97 1.60 -2.61 -1.65
N ILE A 98 2.23 -2.63 -0.48
CA ILE A 98 3.65 -2.28 -0.36
C ILE A 98 4.48 -3.50 -0.01
N LEU A 99 5.65 -3.61 -0.64
CA LEU A 99 6.55 -4.74 -0.39
C LEU A 99 6.90 -4.83 1.10
N PRO A 100 6.94 -6.06 1.66
CA PRO A 100 7.26 -6.27 3.07
C PRO A 100 8.55 -5.57 3.48
N VAL A 101 8.40 -4.43 4.15
CA VAL A 101 9.55 -3.66 4.60
C VAL A 101 9.65 -3.66 6.12
N PRO A 102 10.86 -3.45 6.66
CA PRO A 102 11.08 -3.42 8.11
C PRO A 102 10.40 -2.23 8.78
N GLN A 103 10.20 -1.16 8.02
CA GLN A 103 9.56 0.04 8.54
C GLN A 103 8.10 -0.24 8.91
N SER A 104 7.43 -1.04 8.09
CA SER A 104 6.03 -1.37 8.33
C SER A 104 5.79 -2.86 8.12
N GLN A 105 5.11 -3.50 9.07
CA GLN A 105 4.81 -4.92 8.99
C GLN A 105 3.52 -5.25 9.74
N ARG A 106 2.59 -4.29 9.78
CA ARG A 106 1.33 -4.48 10.47
C ARG A 106 0.28 -3.50 9.95
N PRO A 107 -0.63 -3.97 9.07
CA PRO A 107 -1.69 -3.12 8.51
C PRO A 107 -2.43 -2.33 9.57
N LEU A 108 -3.03 -3.04 10.52
CA LEU A 108 -3.78 -2.40 11.60
C LEU A 108 -3.50 -3.09 12.93
N ARG A 109 -3.92 -2.46 14.02
CA ARG A 109 -3.71 -2.99 15.35
C ARG A 109 -4.91 -2.69 16.26
N PRO A 110 -5.37 -3.68 17.05
CA PRO A 110 -6.51 -3.49 17.95
C PRO A 110 -6.14 -2.68 19.19
N SER A 111 -6.98 -1.71 19.53
CA SER A 111 -6.74 -0.85 20.69
C SER A 111 -7.70 -1.21 21.83
N SER A 112 -7.24 -1.02 23.06
CA SER A 112 -8.05 -1.31 24.23
C SER A 112 -7.58 -0.51 25.43
N GLY A 113 -8.52 0.03 26.20
CA GLY A 113 -8.18 0.81 27.37
C GLY A 113 -8.69 2.24 27.28
N PRO A 114 -9.86 2.53 27.87
CA PRO A 114 -10.44 3.88 27.85
C PRO A 114 -9.45 4.95 28.28
N SER A 115 -9.47 6.09 27.59
CA SER A 115 -8.57 7.19 27.89
C SER A 115 -9.28 8.27 28.71
N SER A 116 -8.58 8.81 29.70
CA SER A 116 -9.15 9.84 30.56
C SER A 116 -8.06 10.48 31.42
N GLY A 117 -6.85 10.58 30.88
CA GLY A 117 -5.76 11.17 31.62
C GLY A 117 -4.74 11.83 30.71
N GLY A 1 -0.51 -36.63 -2.60
CA GLY A 1 -1.17 -36.33 -3.90
C GLY A 1 -2.58 -36.89 -3.96
N SER A 2 -3.30 -36.81 -2.86
CA SER A 2 -4.67 -37.30 -2.80
C SER A 2 -5.37 -36.82 -1.54
N SER A 3 -4.67 -36.89 -0.41
CA SER A 3 -5.23 -36.46 0.87
C SER A 3 -4.27 -35.53 1.59
N GLY A 4 -4.45 -34.22 1.39
CA GLY A 4 -3.59 -33.25 2.03
C GLY A 4 -4.38 -32.12 2.68
N SER A 5 -4.40 -32.11 4.01
CA SER A 5 -5.12 -31.08 4.75
C SER A 5 -4.20 -30.38 5.75
N SER A 6 -4.50 -29.12 6.05
CA SER A 6 -3.70 -28.34 6.98
C SER A 6 -2.26 -28.22 6.49
N GLY A 7 -2.10 -28.16 5.18
CA GLY A 7 -0.77 -28.04 4.60
C GLY A 7 -0.76 -28.26 3.11
N ASP A 8 0.43 -28.24 2.51
CA ASP A 8 0.57 -28.45 1.08
C ASP A 8 -0.17 -27.37 0.30
N THR A 9 -0.23 -26.17 0.88
CA THR A 9 -0.92 -25.06 0.24
C THR A 9 0.08 -24.17 -0.52
N VAL A 10 -0.36 -23.65 -1.67
CA VAL A 10 0.49 -22.80 -2.48
C VAL A 10 -0.17 -21.45 -2.73
N ALA A 11 0.64 -20.44 -3.08
CA ALA A 11 0.13 -19.10 -3.34
C ALA A 11 -0.49 -18.49 -2.09
N ASN A 12 0.19 -17.52 -1.52
CA ASN A 12 -0.29 -16.84 -0.31
C ASN A 12 0.27 -15.44 -0.21
N ALA A 13 -0.17 -14.69 0.80
CA ALA A 13 0.29 -13.32 1.01
C ALA A 13 1.69 -13.31 1.59
N SER A 14 2.65 -13.81 0.81
CA SER A 14 4.04 -13.85 1.25
C SER A 14 4.84 -12.72 0.63
N GLY A 15 4.75 -12.60 -0.70
CA GLY A 15 5.47 -11.55 -1.40
C GLY A 15 5.04 -10.16 -0.98
N PRO A 16 4.16 -9.50 -1.75
CA PRO A 16 3.68 -8.15 -1.43
C PRO A 16 3.05 -8.08 -0.04
N LEU A 17 2.59 -6.89 0.33
CA LEU A 17 1.97 -6.69 1.64
C LEU A 17 0.86 -5.64 1.55
N MET A 18 -0.32 -6.00 2.04
CA MET A 18 -1.47 -5.09 2.01
C MET A 18 -1.36 -4.06 3.13
N VAL A 19 -1.84 -2.84 2.86
CA VAL A 19 -1.81 -1.77 3.85
C VAL A 19 -2.94 -0.78 3.61
N GLU A 20 -4.13 -1.13 4.09
CA GLU A 20 -5.30 -0.27 3.93
C GLU A 20 -5.31 0.84 4.97
N ILE A 21 -6.01 1.92 4.67
CA ILE A 21 -6.11 3.06 5.58
C ILE A 21 -7.50 3.66 5.56
N VAL A 22 -8.31 3.30 6.55
CA VAL A 22 -9.68 3.80 6.65
C VAL A 22 -9.69 5.33 6.74
N LYS A 23 -9.79 5.98 5.59
CA LYS A 23 -9.81 7.43 5.53
C LYS A 23 -11.25 7.95 5.49
N THR A 24 -11.40 9.26 5.62
CA THR A 24 -12.73 9.88 5.59
C THR A 24 -13.40 9.66 4.23
N PRO A 25 -14.75 9.56 4.22
CA PRO A 25 -15.50 9.34 2.98
C PRO A 25 -15.46 10.57 2.08
N GLY A 26 -14.71 10.47 0.99
CA GLY A 26 -14.61 11.58 0.06
C GLY A 26 -13.55 12.58 0.47
N SER A 27 -12.54 12.11 1.19
CA SER A 27 -11.45 12.97 1.65
C SER A 27 -10.10 12.45 1.17
N ALA A 28 -9.11 13.33 1.18
CA ALA A 28 -7.77 12.97 0.74
C ALA A 28 -6.78 13.01 1.90
N LEU A 29 -5.96 11.98 2.01
CA LEU A 29 -4.97 11.90 3.09
C LEU A 29 -3.87 12.93 2.89
N GLY A 30 -3.12 12.80 1.78
CA GLY A 30 -2.05 13.73 1.49
C GLY A 30 -0.71 13.04 1.33
N ILE A 31 -0.71 11.92 0.62
CA ILE A 31 0.50 11.15 0.40
C ILE A 31 1.15 11.54 -0.92
N SER A 32 2.47 11.71 -0.91
CA SER A 32 3.21 12.08 -2.10
C SER A 32 4.18 10.97 -2.51
N LEU A 33 3.89 10.31 -3.62
CA LEU A 33 4.74 9.23 -4.11
C LEU A 33 5.92 9.79 -4.91
N THR A 34 6.82 8.90 -5.30
CA THR A 34 8.00 9.29 -6.06
C THR A 34 8.51 8.14 -6.93
N THR A 35 8.54 8.35 -8.24
CA THR A 35 9.00 7.34 -9.17
C THR A 35 10.53 7.27 -9.19
N THR A 36 11.07 6.12 -8.84
CA THR A 36 12.52 5.93 -8.84
C THR A 36 12.95 4.90 -9.88
N SER A 37 14.25 4.77 -10.08
CA SER A 37 14.78 3.83 -11.06
C SER A 37 15.60 2.75 -10.38
N LEU A 38 16.14 1.82 -11.17
CA LEU A 38 16.94 0.73 -10.64
C LEU A 38 18.04 0.34 -11.62
N ARG A 39 17.65 0.05 -12.86
CA ARG A 39 18.60 -0.33 -13.89
C ARG A 39 17.89 -0.56 -15.22
N ASN A 40 16.88 -1.42 -15.21
CA ASN A 40 16.11 -1.73 -16.41
C ASN A 40 14.65 -1.31 -16.26
N LYS A 41 14.14 -1.41 -15.04
CA LYS A 41 12.76 -1.04 -14.76
C LYS A 41 12.68 0.07 -13.71
N SER A 42 11.47 0.55 -13.46
CA SER A 42 11.26 1.61 -12.48
C SER A 42 10.12 1.26 -11.52
N VAL A 43 10.18 1.80 -10.31
CA VAL A 43 9.15 1.54 -9.31
C VAL A 43 8.71 2.83 -8.62
N ILE A 44 7.44 2.90 -8.25
CA ILE A 44 6.90 4.07 -7.58
C ILE A 44 6.97 3.91 -6.07
N THR A 45 7.81 4.73 -5.44
CA THR A 45 7.97 4.69 -3.98
C THR A 45 7.24 5.86 -3.33
N ILE A 46 7.35 5.94 -2.00
CA ILE A 46 6.70 7.01 -1.24
C ILE A 46 7.68 8.14 -0.95
N ASP A 47 7.31 9.36 -1.32
CA ASP A 47 8.16 10.52 -1.09
C ASP A 47 8.04 10.99 0.35
N ARG A 48 6.87 11.49 0.71
CA ARG A 48 6.63 11.98 2.06
C ARG A 48 5.15 11.88 2.44
N ILE A 49 4.84 12.14 3.70
CA ILE A 49 3.46 12.07 4.17
C ILE A 49 2.98 13.44 4.66
N LYS A 50 1.66 13.60 4.74
CA LYS A 50 1.07 14.86 5.19
C LYS A 50 0.96 14.89 6.71
N PRO A 51 1.25 16.05 7.33
CA PRO A 51 1.19 16.20 8.79
C PRO A 51 -0.25 16.17 9.31
N ALA A 52 -0.43 15.52 10.46
CA ALA A 52 -1.75 15.41 11.07
C ALA A 52 -2.72 14.67 10.15
N SER A 53 -2.19 13.72 9.39
CA SER A 53 -3.01 12.94 8.47
C SER A 53 -3.27 11.54 9.02
N VAL A 54 -4.19 10.82 8.39
CA VAL A 54 -4.54 9.47 8.81
C VAL A 54 -3.35 8.53 8.69
N VAL A 55 -2.48 8.81 7.71
CA VAL A 55 -1.29 7.99 7.49
C VAL A 55 -0.19 8.32 8.48
N ASP A 56 0.03 9.61 8.71
CA ASP A 56 1.06 10.06 9.64
C ASP A 56 0.65 9.75 11.07
N ARG A 57 -0.65 9.79 11.34
CA ARG A 57 -1.16 9.51 12.68
C ARG A 57 -1.15 8.02 12.97
N SER A 58 -1.68 7.23 12.04
CA SER A 58 -1.74 5.78 12.19
C SER A 58 -0.36 5.17 11.97
N GLY A 59 0.18 5.35 10.76
CA GLY A 59 1.48 4.80 10.44
C GLY A 59 1.40 3.61 9.50
N ALA A 60 0.61 3.75 8.45
CA ALA A 60 0.44 2.69 7.46
C ALA A 60 1.46 2.81 6.35
N LEU A 61 1.70 4.04 5.89
CA LEU A 61 2.65 4.29 4.82
C LEU A 61 3.80 5.17 5.32
N HIS A 62 5.03 4.70 5.09
CA HIS A 62 6.21 5.44 5.51
C HIS A 62 7.06 5.85 4.30
N PRO A 63 7.77 6.99 4.39
CA PRO A 63 8.61 7.48 3.30
C PRO A 63 9.84 6.60 3.09
N GLY A 64 9.96 6.05 1.88
CA GLY A 64 11.08 5.19 1.57
C GLY A 64 10.69 3.74 1.44
N ASP A 65 9.44 3.50 1.04
CA ASP A 65 8.94 2.14 0.87
C ASP A 65 8.91 1.76 -0.60
N HIS A 66 8.43 0.54 -0.88
CA HIS A 66 8.35 0.06 -2.25
C HIS A 66 6.94 -0.41 -2.58
N ILE A 67 6.24 0.37 -3.38
CA ILE A 67 4.88 0.04 -3.78
C ILE A 67 4.87 -1.00 -4.90
N LEU A 68 4.17 -2.10 -4.66
CA LEU A 68 4.07 -3.17 -5.65
C LEU A 68 2.74 -3.13 -6.39
N SER A 69 1.72 -2.60 -5.72
CA SER A 69 0.38 -2.50 -6.31
C SER A 69 -0.51 -1.59 -5.49
N ILE A 70 -1.57 -1.07 -6.12
CA ILE A 70 -2.51 -0.19 -5.45
C ILE A 70 -3.91 -0.35 -6.02
N ASP A 71 -4.85 -0.76 -5.17
CA ASP A 71 -6.23 -0.94 -5.59
C ASP A 71 -6.32 -1.98 -6.70
N GLY A 72 -5.39 -2.93 -6.70
CA GLY A 72 -5.39 -3.97 -7.72
C GLY A 72 -4.65 -3.55 -8.98
N THR A 73 -3.94 -2.43 -8.91
CA THR A 73 -3.19 -1.93 -10.06
C THR A 73 -1.71 -2.28 -9.93
N SER A 74 -1.11 -2.70 -11.03
CA SER A 74 0.31 -3.07 -11.04
C SER A 74 1.19 -1.82 -11.09
N MET A 75 2.25 -1.83 -10.29
CA MET A 75 3.17 -0.70 -10.24
C MET A 75 4.49 -1.05 -10.92
N GLU A 76 4.42 -1.87 -11.96
CA GLU A 76 5.61 -2.28 -12.70
C GLU A 76 6.00 -1.23 -13.73
N HIS A 77 5.02 -0.76 -14.48
CA HIS A 77 5.26 0.26 -15.51
C HIS A 77 4.28 1.42 -15.37
N CYS A 78 3.98 1.78 -14.12
CA CYS A 78 3.06 2.88 -13.85
C CYS A 78 3.81 4.18 -13.58
N SER A 79 3.12 5.30 -13.75
CA SER A 79 3.73 6.61 -13.52
C SER A 79 3.30 7.18 -12.17
N LEU A 80 3.75 8.40 -11.88
CA LEU A 80 3.41 9.05 -10.61
C LEU A 80 1.94 9.46 -10.60
N LEU A 81 1.44 9.88 -11.76
CA LEU A 81 0.04 10.30 -11.88
C LEU A 81 -0.89 9.11 -11.71
N GLU A 82 -0.51 7.98 -12.30
CA GLU A 82 -1.33 6.77 -12.22
C GLU A 82 -1.33 6.21 -10.81
N ALA A 83 -0.23 6.40 -10.09
CA ALA A 83 -0.10 5.90 -8.72
C ALA A 83 -0.76 6.86 -7.73
N THR A 84 -0.76 8.15 -8.07
CA THR A 84 -1.37 9.16 -7.21
C THR A 84 -2.87 9.24 -7.44
N LYS A 85 -3.28 9.06 -8.69
CA LYS A 85 -4.70 9.11 -9.04
C LYS A 85 -5.49 8.05 -8.29
N LEU A 86 -4.89 6.86 -8.15
CA LEU A 86 -5.55 5.76 -7.44
C LEU A 86 -5.76 6.11 -5.98
N LEU A 87 -4.72 6.63 -5.34
CA LEU A 87 -4.79 7.01 -3.93
C LEU A 87 -5.85 8.08 -3.71
N ALA A 88 -6.07 8.91 -4.72
CA ALA A 88 -7.08 9.97 -4.64
C ALA A 88 -8.47 9.45 -4.97
N SER A 89 -8.53 8.40 -5.78
CA SER A 89 -9.80 7.80 -6.17
C SER A 89 -10.17 6.66 -5.23
N ILE A 90 -10.10 6.92 -3.93
CA ILE A 90 -10.43 5.92 -2.93
C ILE A 90 -11.76 6.24 -2.25
N SER A 91 -12.62 5.23 -2.13
CA SER A 91 -13.92 5.42 -1.50
C SER A 91 -13.79 5.53 0.01
N GLU A 92 -13.18 4.52 0.62
CA GLU A 92 -12.99 4.52 2.07
C GLU A 92 -11.60 4.00 2.44
N LYS A 93 -11.36 2.73 2.14
CA LYS A 93 -10.08 2.10 2.44
C LYS A 93 -9.16 2.13 1.22
N VAL A 94 -7.98 2.71 1.38
CA VAL A 94 -7.01 2.80 0.29
C VAL A 94 -6.16 1.54 0.21
N ARG A 95 -6.46 0.69 -0.77
CA ARG A 95 -5.73 -0.56 -0.96
C ARG A 95 -4.32 -0.29 -1.46
N LEU A 96 -3.38 -0.14 -0.54
CA LEU A 96 -1.98 0.11 -0.89
C LEU A 96 -1.13 -1.12 -0.66
N GLU A 97 -0.79 -1.81 -1.75
CA GLU A 97 0.03 -3.01 -1.68
C GLU A 97 1.52 -2.65 -1.67
N ILE A 98 2.10 -2.58 -0.48
CA ILE A 98 3.51 -2.26 -0.34
C ILE A 98 4.34 -3.50 -0.03
N LEU A 99 5.63 -3.44 -0.33
CA LEU A 99 6.52 -4.57 -0.08
C LEU A 99 6.79 -4.74 1.42
N PRO A 100 6.83 -5.98 1.91
CA PRO A 100 7.09 -6.27 3.33
C PRO A 100 8.36 -5.59 3.84
N VAL A 101 8.18 -4.48 4.55
CA VAL A 101 9.32 -3.74 5.09
C VAL A 101 9.31 -3.77 6.62
N PRO A 102 10.50 -3.62 7.24
CA PRO A 102 10.63 -3.63 8.70
C PRO A 102 9.95 -2.42 9.34
N GLN A 103 9.78 -1.36 8.57
CA GLN A 103 9.15 -0.14 9.07
C GLN A 103 7.68 -0.39 9.40
N SER A 104 6.93 -0.87 8.42
CA SER A 104 5.51 -1.15 8.61
C SER A 104 5.22 -2.63 8.45
N GLN A 105 4.25 -3.14 9.22
CA GLN A 105 3.88 -4.54 9.17
C GLN A 105 2.48 -4.75 9.73
N ARG A 106 1.58 -3.82 9.44
CA ARG A 106 0.21 -3.92 9.92
C ARG A 106 -0.78 -3.98 8.75
N PRO A 107 -0.97 -5.19 8.18
CA PRO A 107 -1.88 -5.38 7.05
C PRO A 107 -3.34 -5.35 7.47
N LEU A 108 -3.65 -6.03 8.58
CA LEU A 108 -5.01 -6.09 9.09
C LEU A 108 -5.06 -5.69 10.56
N ARG A 109 -6.17 -5.11 10.98
CA ARG A 109 -6.34 -4.68 12.37
C ARG A 109 -6.80 -5.85 13.25
N PRO A 110 -7.78 -6.64 12.79
CA PRO A 110 -8.28 -7.79 13.56
C PRO A 110 -7.17 -8.71 14.04
N SER A 111 -7.54 -9.78 14.72
CA SER A 111 -6.57 -10.73 15.24
C SER A 111 -5.62 -10.07 16.22
N SER A 112 -4.74 -10.87 16.82
CA SER A 112 -3.77 -10.35 17.79
C SER A 112 -4.48 -9.69 18.97
N GLY A 113 -3.71 -9.39 20.01
CA GLY A 113 -4.27 -8.77 21.20
C GLY A 113 -4.25 -7.25 21.13
N PRO A 114 -4.80 -6.56 22.13
CA PRO A 114 -4.83 -5.10 22.17
C PRO A 114 -3.45 -4.49 21.96
N SER A 115 -3.43 -3.27 21.44
CA SER A 115 -2.17 -2.57 21.19
C SER A 115 -2.20 -1.16 21.76
N SER A 116 -1.07 -0.47 21.72
CA SER A 116 -0.97 0.89 22.23
C SER A 116 -1.45 1.90 21.20
N GLY A 117 -2.52 2.62 21.54
CA GLY A 117 -3.06 3.60 20.62
C GLY A 117 -3.97 2.99 19.57
N GLY A 1 -27.11 -19.77 4.15
CA GLY A 1 -26.86 -18.47 4.85
C GLY A 1 -27.92 -17.44 4.53
N SER A 2 -27.60 -16.54 3.61
CA SER A 2 -28.52 -15.49 3.21
C SER A 2 -28.41 -15.19 1.71
N SER A 3 -27.18 -15.04 1.24
CA SER A 3 -26.93 -14.75 -0.17
C SER A 3 -25.83 -15.64 -0.72
N GLY A 4 -24.61 -15.40 -0.27
CA GLY A 4 -23.48 -16.19 -0.73
C GLY A 4 -22.19 -15.84 -0.01
N SER A 5 -21.09 -15.78 -0.75
CA SER A 5 -19.79 -15.45 -0.18
C SER A 5 -19.42 -14.00 -0.47
N SER A 6 -18.43 -13.48 0.26
CA SER A 6 -17.99 -12.11 0.08
C SER A 6 -16.63 -11.89 0.74
N GLY A 7 -15.76 -11.14 0.07
CA GLY A 7 -14.44 -10.87 0.60
C GLY A 7 -13.36 -11.68 -0.08
N ASP A 8 -12.66 -12.50 0.69
CA ASP A 8 -11.59 -13.34 0.15
C ASP A 8 -11.06 -14.31 1.20
N THR A 9 -10.72 -15.51 0.77
CA THR A 9 -10.21 -16.53 1.69
C THR A 9 -8.99 -17.23 1.09
N VAL A 10 -8.33 -18.06 1.89
CA VAL A 10 -7.15 -18.78 1.45
C VAL A 10 -6.03 -17.82 1.06
N ALA A 11 -4.99 -17.76 1.88
CA ALA A 11 -3.87 -16.88 1.63
C ALA A 11 -2.75 -17.11 2.64
N ASN A 12 -2.35 -18.37 2.80
CA ASN A 12 -1.30 -18.72 3.74
C ASN A 12 0.02 -18.07 3.36
N ALA A 13 0.24 -17.92 2.05
CA ALA A 13 1.46 -17.31 1.55
C ALA A 13 1.24 -16.68 0.18
N SER A 14 0.95 -15.38 0.17
CA SER A 14 0.70 -14.65 -1.06
C SER A 14 1.98 -13.98 -1.55
N GLY A 15 2.45 -12.99 -0.80
CA GLY A 15 3.66 -12.29 -1.17
C GLY A 15 3.65 -10.84 -0.71
N PRO A 16 3.17 -9.92 -1.56
CA PRO A 16 3.12 -8.48 -1.23
C PRO A 16 2.35 -8.23 0.07
N LEU A 17 2.43 -6.99 0.56
CA LEU A 17 1.75 -6.61 1.79
C LEU A 17 0.65 -5.59 1.51
N MET A 18 -0.55 -5.87 2.00
CA MET A 18 -1.68 -4.97 1.81
C MET A 18 -1.84 -4.01 2.98
N VAL A 19 -1.28 -2.81 2.83
CA VAL A 19 -1.35 -1.81 3.89
C VAL A 19 -2.53 -0.86 3.66
N GLU A 20 -3.65 -1.15 4.30
CA GLU A 20 -4.84 -0.32 4.17
C GLU A 20 -4.76 0.91 5.07
N ILE A 21 -5.50 1.95 4.71
CA ILE A 21 -5.52 3.19 5.48
C ILE A 21 -6.93 3.77 5.56
N VAL A 22 -7.57 3.57 6.70
CA VAL A 22 -8.93 4.07 6.90
C VAL A 22 -8.97 5.59 6.82
N LYS A 23 -9.16 6.11 5.61
CA LYS A 23 -9.22 7.55 5.40
C LYS A 23 -10.66 8.05 5.41
N THR A 24 -10.84 9.35 5.20
CA THR A 24 -12.17 9.94 5.18
C THR A 24 -12.86 9.68 3.84
N PRO A 25 -14.20 9.56 3.85
CA PRO A 25 -14.98 9.30 2.63
C PRO A 25 -14.99 10.51 1.70
N GLY A 26 -14.42 10.33 0.51
CA GLY A 26 -14.37 11.41 -0.46
C GLY A 26 -13.41 12.51 -0.05
N SER A 27 -12.37 12.15 0.69
CA SER A 27 -11.38 13.12 1.15
C SER A 27 -9.98 12.74 0.67
N ALA A 28 -9.04 13.64 0.85
CA ALA A 28 -7.66 13.41 0.44
C ALA A 28 -6.71 13.46 1.63
N LEU A 29 -5.78 12.51 1.70
CA LEU A 29 -4.82 12.46 2.78
C LEU A 29 -3.69 13.46 2.56
N GLY A 30 -2.89 13.23 1.51
CA GLY A 30 -1.79 14.12 1.21
C GLY A 30 -0.48 13.37 1.06
N ILE A 31 -0.52 12.23 0.41
CA ILE A 31 0.69 11.41 0.20
C ILE A 31 1.39 11.80 -1.09
N SER A 32 2.71 11.86 -1.04
CA SER A 32 3.50 12.21 -2.21
C SER A 32 4.40 11.06 -2.63
N LEU A 33 4.00 10.36 -3.69
CA LEU A 33 4.76 9.22 -4.20
C LEU A 33 5.87 9.69 -5.14
N THR A 34 6.95 8.92 -5.21
CA THR A 34 8.07 9.25 -6.08
C THR A 34 8.48 8.05 -6.93
N THR A 35 8.57 8.27 -8.24
CA THR A 35 8.96 7.20 -9.16
C THR A 35 10.47 7.15 -9.32
N THR A 36 11.14 6.47 -8.39
CA THR A 36 12.59 6.35 -8.43
C THR A 36 13.01 5.22 -9.37
N SER A 37 14.32 4.98 -9.45
CA SER A 37 14.86 3.94 -10.32
C SER A 37 15.57 2.87 -9.49
N LEU A 38 16.17 1.91 -10.19
CA LEU A 38 16.89 0.83 -9.52
C LEU A 38 18.10 0.39 -10.34
N ARG A 39 17.85 -0.38 -11.40
CA ARG A 39 18.91 -0.86 -12.26
C ARG A 39 18.41 -1.01 -13.70
N ASN A 40 17.26 -1.64 -13.86
CA ASN A 40 16.67 -1.85 -15.17
C ASN A 40 15.14 -1.87 -15.09
N LYS A 41 14.60 -1.14 -14.12
CA LYS A 41 13.16 -1.08 -13.95
C LYS A 41 12.78 -0.07 -12.86
N SER A 42 12.26 1.08 -13.28
CA SER A 42 11.86 2.12 -12.34
C SER A 42 10.61 1.72 -11.58
N VAL A 43 10.68 1.79 -10.25
CA VAL A 43 9.55 1.44 -9.40
C VAL A 43 9.02 2.66 -8.66
N ILE A 44 7.70 2.69 -8.44
CA ILE A 44 7.07 3.81 -7.74
C ILE A 44 7.10 3.59 -6.23
N THR A 45 7.71 4.52 -5.51
CA THR A 45 7.80 4.44 -4.06
C THR A 45 7.12 5.64 -3.40
N ILE A 46 7.25 5.73 -2.08
CA ILE A 46 6.66 6.82 -1.33
C ILE A 46 7.69 7.90 -1.01
N ASP A 47 7.43 9.12 -1.47
CA ASP A 47 8.35 10.24 -1.23
C ASP A 47 8.17 10.79 0.18
N ARG A 48 6.94 11.14 0.53
CA ARG A 48 6.63 11.69 1.84
C ARG A 48 5.13 11.78 2.06
N ILE A 49 4.71 11.77 3.32
CA ILE A 49 3.30 11.86 3.67
C ILE A 49 2.96 13.22 4.28
N LYS A 50 1.68 13.58 4.25
CA LYS A 50 1.23 14.85 4.80
C LYS A 50 1.16 14.79 6.32
N PRO A 51 1.67 15.82 7.02
CA PRO A 51 1.64 15.87 8.49
C PRO A 51 0.24 16.12 9.04
N ALA A 52 -0.03 15.57 10.22
CA ALA A 52 -1.32 15.73 10.86
C ALA A 52 -2.44 15.15 9.99
N SER A 53 -2.10 14.14 9.22
CA SER A 53 -3.08 13.50 8.34
C SER A 53 -3.46 12.11 8.86
N VAL A 54 -4.39 11.46 8.18
CA VAL A 54 -4.84 10.12 8.57
C VAL A 54 -3.76 9.08 8.34
N VAL A 55 -2.94 9.31 7.31
CA VAL A 55 -1.86 8.39 6.98
C VAL A 55 -0.66 8.59 7.91
N ASP A 56 -0.38 9.85 8.23
CA ASP A 56 0.74 10.17 9.10
C ASP A 56 0.43 9.80 10.55
N ARG A 57 -0.85 9.95 10.93
CA ARG A 57 -1.28 9.62 12.28
C ARG A 57 -1.22 8.12 12.53
N SER A 58 -1.50 7.34 11.50
CA SER A 58 -1.47 5.89 11.61
C SER A 58 -0.06 5.35 11.38
N GLY A 59 0.65 5.95 10.43
CA GLY A 59 2.00 5.52 10.13
C GLY A 59 2.03 4.26 9.29
N ALA A 60 1.07 4.14 8.37
CA ALA A 60 0.99 2.97 7.50
C ALA A 60 1.92 3.14 6.29
N LEU A 61 2.10 4.38 5.86
CA LEU A 61 2.96 4.67 4.72
C LEU A 61 4.27 5.30 5.18
N HIS A 62 5.37 4.59 4.94
CA HIS A 62 6.69 5.08 5.32
C HIS A 62 7.50 5.47 4.08
N PRO A 63 8.04 6.71 4.05
CA PRO A 63 8.83 7.18 2.91
C PRO A 63 10.00 6.26 2.60
N GLY A 64 9.96 5.65 1.42
CA GLY A 64 11.03 4.74 1.02
C GLY A 64 10.51 3.35 0.68
N ASP A 65 9.33 3.02 1.18
CA ASP A 65 8.73 1.71 0.92
C ASP A 65 8.60 1.45 -0.58
N HIS A 66 8.34 0.20 -0.95
CA HIS A 66 8.20 -0.17 -2.34
C HIS A 66 6.76 -0.58 -2.64
N ILE A 67 6.08 0.23 -3.46
CA ILE A 67 4.70 -0.06 -3.82
C ILE A 67 4.64 -1.04 -4.99
N LEU A 68 4.03 -2.20 -4.74
CA LEU A 68 3.90 -3.23 -5.77
C LEU A 68 2.57 -3.10 -6.51
N SER A 69 1.55 -2.61 -5.81
CA SER A 69 0.24 -2.44 -6.41
C SER A 69 -0.65 -1.55 -5.54
N ILE A 70 -1.75 -1.07 -6.11
CA ILE A 70 -2.67 -0.20 -5.40
C ILE A 70 -4.10 -0.40 -5.90
N ASP A 71 -4.96 -0.91 -5.03
CA ASP A 71 -6.36 -1.14 -5.38
C ASP A 71 -6.46 -2.12 -6.55
N GLY A 72 -5.50 -3.03 -6.64
CA GLY A 72 -5.50 -4.01 -7.71
C GLY A 72 -4.80 -3.52 -8.96
N THR A 73 -4.13 -2.38 -8.86
CA THR A 73 -3.42 -1.80 -9.99
C THR A 73 -1.92 -2.10 -9.90
N SER A 74 -1.42 -2.86 -10.86
CA SER A 74 0.00 -3.21 -10.88
C SER A 74 0.87 -1.98 -11.05
N MET A 75 1.96 -1.91 -10.30
CA MET A 75 2.88 -0.78 -10.36
C MET A 75 4.06 -1.08 -11.28
N GLU A 76 3.78 -1.76 -12.39
CA GLU A 76 4.82 -2.12 -13.34
C GLU A 76 5.03 -1.00 -14.37
N HIS A 77 6.12 -0.26 -14.21
CA HIS A 77 6.43 0.83 -15.12
C HIS A 77 5.34 1.89 -15.10
N CYS A 78 4.69 2.05 -13.94
CA CYS A 78 3.62 3.03 -13.79
C CYS A 78 4.20 4.43 -13.65
N SER A 79 3.31 5.43 -13.60
CA SER A 79 3.73 6.82 -13.47
C SER A 79 3.34 7.38 -12.11
N LEU A 80 3.75 8.60 -11.83
CA LEU A 80 3.44 9.25 -10.56
C LEU A 80 1.99 9.72 -10.53
N LEU A 81 1.51 10.21 -11.66
CA LEU A 81 0.13 10.69 -11.76
C LEU A 81 -0.86 9.57 -11.47
N GLU A 82 -0.68 8.45 -12.17
CA GLU A 82 -1.56 7.30 -11.98
C GLU A 82 -1.52 6.80 -10.54
N ALA A 83 -0.31 6.71 -9.98
CA ALA A 83 -0.14 6.25 -8.61
C ALA A 83 -0.88 7.16 -7.63
N THR A 84 -0.72 8.46 -7.79
CA THR A 84 -1.38 9.43 -6.92
C THR A 84 -2.89 9.43 -7.14
N LYS A 85 -3.29 9.15 -8.37
CA LYS A 85 -4.71 9.11 -8.71
C LYS A 85 -5.41 7.95 -8.01
N LEU A 86 -4.71 6.83 -7.89
CA LEU A 86 -5.26 5.65 -7.24
C LEU A 86 -5.63 5.95 -5.78
N LEU A 87 -4.71 6.60 -5.07
CA LEU A 87 -4.94 6.95 -3.68
C LEU A 87 -6.16 7.86 -3.53
N ALA A 88 -6.33 8.78 -4.46
CA ALA A 88 -7.46 9.71 -4.44
C ALA A 88 -8.75 9.00 -4.81
N SER A 89 -8.65 7.98 -5.66
CA SER A 89 -9.81 7.22 -6.10
C SER A 89 -10.11 6.08 -5.12
N ILE A 90 -10.57 6.43 -3.93
CA ILE A 90 -10.89 5.45 -2.91
C ILE A 90 -12.16 5.83 -2.16
N SER A 91 -13.01 4.84 -1.90
CA SER A 91 -14.26 5.08 -1.18
C SER A 91 -13.99 5.46 0.26
N GLU A 92 -13.32 4.57 1.00
CA GLU A 92 -13.00 4.82 2.40
C GLU A 92 -11.65 4.22 2.75
N LYS A 93 -11.43 2.98 2.36
CA LYS A 93 -10.17 2.29 2.63
C LYS A 93 -9.33 2.15 1.37
N VAL A 94 -8.09 2.61 1.43
CA VAL A 94 -7.19 2.53 0.29
C VAL A 94 -6.38 1.23 0.31
N ARG A 95 -6.53 0.43 -0.74
CA ARG A 95 -5.81 -0.83 -0.84
C ARG A 95 -4.40 -0.62 -1.37
N LEU A 96 -3.46 -0.37 -0.46
CA LEU A 96 -2.07 -0.15 -0.83
C LEU A 96 -1.25 -1.44 -0.71
N GLU A 97 -0.71 -1.90 -1.82
CA GLU A 97 0.09 -3.12 -1.83
C GLU A 97 1.59 -2.79 -1.81
N ILE A 98 2.18 -2.85 -0.62
CA ILE A 98 3.60 -2.56 -0.45
C ILE A 98 4.40 -3.85 -0.26
N LEU A 99 5.69 -3.78 -0.56
CA LEU A 99 6.58 -4.93 -0.41
C LEU A 99 6.92 -5.17 1.06
N PRO A 100 6.97 -6.44 1.49
CA PRO A 100 7.29 -6.80 2.88
C PRO A 100 8.56 -6.10 3.37
N VAL A 101 8.39 -4.98 4.05
CA VAL A 101 9.53 -4.23 4.57
C VAL A 101 9.63 -4.35 6.10
N PRO A 102 10.84 -4.19 6.65
CA PRO A 102 11.06 -4.28 8.10
C PRO A 102 10.44 -3.11 8.85
N GLN A 103 10.29 -1.99 8.17
CA GLN A 103 9.71 -0.79 8.78
C GLN A 103 8.30 -1.07 9.30
N SER A 104 7.37 -1.28 8.37
CA SER A 104 5.98 -1.55 8.73
C SER A 104 5.80 -3.04 9.06
N GLN A 105 5.87 -3.88 8.04
CA GLN A 105 5.70 -5.31 8.21
C GLN A 105 4.38 -5.64 8.90
N ARG A 106 3.37 -4.81 8.65
CA ARG A 106 2.05 -5.01 9.24
C ARG A 106 0.96 -4.42 8.35
N PRO A 107 -0.19 -5.11 8.23
CA PRO A 107 -1.30 -4.64 7.40
C PRO A 107 -1.79 -3.25 7.82
N LEU A 108 -2.28 -3.15 9.05
CA LEU A 108 -2.77 -1.88 9.58
C LEU A 108 -2.17 -1.59 10.95
N ARG A 109 -1.46 -0.47 11.05
CA ARG A 109 -0.83 -0.08 12.30
C ARG A 109 -1.87 0.43 13.31
N PRO A 110 -1.70 0.10 14.60
CA PRO A 110 -2.63 0.53 15.64
C PRO A 110 -2.54 2.02 15.92
N SER A 111 -3.68 2.69 15.91
CA SER A 111 -3.73 4.14 16.17
C SER A 111 -4.15 4.41 17.61
N SER A 112 -3.78 3.51 18.51
CA SER A 112 -4.11 3.66 19.92
C SER A 112 -2.92 4.18 20.71
N GLY A 113 -3.17 5.13 21.61
CA GLY A 113 -2.10 5.69 22.42
C GLY A 113 -1.81 4.87 23.65
N PRO A 114 -0.70 5.16 24.36
CA PRO A 114 -0.33 4.43 25.57
C PRO A 114 -1.46 4.37 26.60
N SER A 115 -2.26 5.43 26.62
CA SER A 115 -3.39 5.51 27.56
C SER A 115 -2.90 5.43 29.00
N SER A 116 -3.85 5.47 29.94
CA SER A 116 -3.51 5.40 31.36
C SER A 116 -3.98 4.08 31.96
N GLY A 117 -3.03 3.29 32.46
CA GLY A 117 -3.36 2.02 33.06
C GLY A 117 -2.17 1.33 33.68
N GLY A 1 -6.77 -16.55 -21.76
CA GLY A 1 -7.79 -16.21 -20.73
C GLY A 1 -9.10 -15.75 -21.34
N SER A 2 -9.65 -16.56 -22.23
CA SER A 2 -10.91 -16.24 -22.88
C SER A 2 -12.09 -16.43 -21.93
N SER A 3 -12.11 -17.58 -21.26
CA SER A 3 -13.17 -17.89 -20.31
C SER A 3 -12.71 -18.92 -19.29
N GLY A 4 -11.99 -18.47 -18.27
CA GLY A 4 -11.51 -19.36 -17.25
C GLY A 4 -10.21 -18.89 -16.62
N SER A 5 -10.32 -18.14 -15.53
CA SER A 5 -9.15 -17.62 -14.83
C SER A 5 -9.04 -18.20 -13.43
N SER A 6 -10.18 -18.34 -12.76
CA SER A 6 -10.22 -18.88 -11.41
C SER A 6 -10.56 -20.36 -11.43
N GLY A 7 -10.03 -21.08 -12.41
CA GLY A 7 -10.29 -22.50 -12.52
C GLY A 7 -9.11 -23.35 -12.09
N ASP A 8 -7.90 -22.80 -12.24
CA ASP A 8 -6.69 -23.50 -11.86
C ASP A 8 -6.43 -23.40 -10.36
N THR A 9 -5.46 -24.16 -9.87
CA THR A 9 -5.12 -24.15 -8.46
C THR A 9 -4.27 -22.93 -8.11
N VAL A 10 -4.86 -21.97 -7.41
CA VAL A 10 -4.16 -20.76 -7.02
C VAL A 10 -3.71 -20.84 -5.56
N ALA A 11 -2.41 -20.63 -5.34
CA ALA A 11 -1.85 -20.68 -3.99
C ALA A 11 -0.57 -19.85 -3.90
N ASN A 12 -0.50 -18.79 -4.70
CA ASN A 12 0.67 -17.92 -4.71
C ASN A 12 0.26 -16.46 -4.57
N ALA A 13 -0.85 -16.23 -3.88
CA ALA A 13 -1.34 -14.87 -3.67
C ALA A 13 -1.15 -14.43 -2.22
N SER A 14 0.10 -14.23 -1.84
CA SER A 14 0.43 -13.81 -0.47
C SER A 14 1.86 -13.28 -0.40
N GLY A 15 2.32 -12.67 -1.50
CA GLY A 15 3.66 -12.13 -1.53
C GLY A 15 3.75 -10.73 -0.95
N PRO A 16 3.12 -9.75 -1.62
CA PRO A 16 3.13 -8.36 -1.16
C PRO A 16 2.15 -8.12 -0.02
N LEU A 17 2.31 -6.98 0.66
CA LEU A 17 1.44 -6.64 1.78
C LEU A 17 0.39 -5.62 1.36
N MET A 18 -0.78 -5.69 1.98
CA MET A 18 -1.87 -4.77 1.67
C MET A 18 -2.12 -3.80 2.82
N VAL A 19 -1.49 -2.63 2.73
CA VAL A 19 -1.63 -1.61 3.76
C VAL A 19 -2.88 -0.77 3.53
N GLU A 20 -3.94 -1.07 4.25
CA GLU A 20 -5.20 -0.35 4.12
C GLU A 20 -5.27 0.81 5.11
N ILE A 21 -5.88 1.91 4.69
CA ILE A 21 -6.02 3.08 5.54
C ILE A 21 -7.43 3.63 5.50
N VAL A 22 -8.16 3.47 6.61
CA VAL A 22 -9.53 3.95 6.70
C VAL A 22 -9.58 5.46 6.81
N LYS A 23 -9.63 6.13 5.67
CA LYS A 23 -9.67 7.59 5.63
C LYS A 23 -11.11 8.08 5.60
N THR A 24 -11.29 9.40 5.61
CA THR A 24 -12.62 10.00 5.59
C THR A 24 -13.28 9.79 4.23
N PRO A 25 -14.62 9.64 4.21
CA PRO A 25 -15.37 9.43 2.97
C PRO A 25 -15.43 10.68 2.10
N GLY A 26 -14.70 10.66 1.00
CA GLY A 26 -14.68 11.79 0.10
C GLY A 26 -13.67 12.84 0.51
N SER A 27 -12.62 12.42 1.21
CA SER A 27 -11.59 13.33 1.67
C SER A 27 -10.22 12.93 1.13
N ALA A 28 -9.20 13.72 1.44
CA ALA A 28 -7.84 13.44 0.99
C ALA A 28 -6.85 13.51 2.15
N LEU A 29 -5.93 12.56 2.19
CA LEU A 29 -4.92 12.51 3.24
C LEU A 29 -3.79 13.50 2.96
N GLY A 30 -3.04 13.24 1.89
CA GLY A 30 -1.95 14.11 1.53
C GLY A 30 -0.64 13.36 1.34
N ILE A 31 -0.69 12.27 0.59
CA ILE A 31 0.49 11.46 0.33
C ILE A 31 1.16 11.85 -0.99
N SER A 32 2.48 11.96 -0.97
CA SER A 32 3.24 12.33 -2.15
C SER A 32 4.17 11.21 -2.58
N LEU A 33 3.90 10.62 -3.74
CA LEU A 33 4.71 9.54 -4.26
C LEU A 33 5.95 10.07 -4.96
N THR A 34 6.86 9.17 -5.33
CA THR A 34 8.09 9.55 -6.01
C THR A 34 8.68 8.37 -6.79
N THR A 35 8.53 8.43 -8.11
CA THR A 35 9.04 7.37 -8.97
C THR A 35 10.56 7.23 -8.84
N THR A 36 11.07 6.04 -9.14
CA THR A 36 12.50 5.78 -9.05
C THR A 36 12.97 4.94 -10.23
N SER A 37 14.24 4.53 -10.19
CA SER A 37 14.81 3.72 -11.26
C SER A 37 15.78 2.68 -10.69
N LEU A 38 15.78 1.50 -11.28
CA LEU A 38 16.65 0.42 -10.84
C LEU A 38 17.78 0.17 -11.84
N ARG A 39 17.42 -0.41 -12.98
CA ARG A 39 18.40 -0.70 -14.03
C ARG A 39 17.73 -0.74 -15.40
N ASN A 40 16.70 -1.58 -15.52
CA ASN A 40 15.97 -1.72 -16.77
C ASN A 40 14.56 -1.17 -16.65
N LYS A 41 14.03 -1.16 -15.43
CA LYS A 41 12.68 -0.67 -15.18
C LYS A 41 12.68 0.39 -14.08
N SER A 42 11.49 0.89 -13.76
CA SER A 42 11.36 1.92 -12.72
C SER A 42 10.19 1.60 -11.79
N VAL A 43 10.44 1.63 -10.49
CA VAL A 43 9.42 1.34 -9.50
C VAL A 43 8.96 2.62 -8.80
N ILE A 44 7.73 2.61 -8.31
CA ILE A 44 7.17 3.76 -7.62
C ILE A 44 7.32 3.62 -6.11
N THR A 45 7.80 4.68 -5.46
CA THR A 45 8.00 4.67 -4.02
C THR A 45 7.35 5.89 -3.38
N ILE A 46 7.27 5.88 -2.05
CA ILE A 46 6.68 6.99 -1.31
C ILE A 46 7.70 8.10 -1.05
N ASP A 47 7.26 9.34 -1.16
CA ASP A 47 8.13 10.48 -0.93
C ASP A 47 7.99 11.01 0.49
N ARG A 48 6.74 11.25 0.90
CA ARG A 48 6.47 11.76 2.24
C ARG A 48 4.98 11.75 2.54
N ILE A 49 4.63 11.96 3.79
CA ILE A 49 3.22 11.97 4.20
C ILE A 49 2.83 13.35 4.74
N LYS A 50 1.53 13.62 4.76
CA LYS A 50 1.02 14.89 5.25
C LYS A 50 0.90 14.87 6.78
N PRO A 51 1.31 15.96 7.46
CA PRO A 51 1.25 16.06 8.91
C PRO A 51 -0.18 16.20 9.42
N ALA A 52 -0.43 15.68 10.62
CA ALA A 52 -1.76 15.76 11.22
C ALA A 52 -2.80 15.06 10.35
N SER A 53 -2.36 14.04 9.62
CA SER A 53 -3.24 13.28 8.74
C SER A 53 -3.55 11.90 9.33
N VAL A 54 -4.24 11.08 8.56
CA VAL A 54 -4.60 9.73 9.00
C VAL A 54 -3.44 8.77 8.77
N VAL A 55 -2.66 9.02 7.74
CA VAL A 55 -1.51 8.17 7.41
C VAL A 55 -0.33 8.48 8.32
N ASP A 56 -0.22 9.73 8.75
CA ASP A 56 0.87 10.15 9.63
C ASP A 56 0.59 9.76 11.08
N ARG A 57 -0.69 9.80 11.45
CA ARG A 57 -1.09 9.46 12.82
C ARG A 57 -1.13 7.93 13.00
N SER A 58 -1.64 7.24 11.98
CA SER A 58 -1.74 5.78 12.03
C SER A 58 -0.40 5.14 11.71
N GLY A 59 0.39 5.80 10.88
CA GLY A 59 1.69 5.27 10.52
C GLY A 59 1.59 4.09 9.58
N ALA A 60 0.59 4.10 8.70
CA ALA A 60 0.38 3.03 7.75
C ALA A 60 1.50 2.99 6.70
N LEU A 61 1.78 4.15 6.10
CA LEU A 61 2.82 4.24 5.09
C LEU A 61 4.02 5.02 5.62
N HIS A 62 5.21 4.67 5.15
CA HIS A 62 6.44 5.33 5.58
C HIS A 62 7.34 5.62 4.38
N PRO A 63 8.04 6.77 4.40
CA PRO A 63 8.94 7.16 3.31
C PRO A 63 9.99 6.10 3.02
N GLY A 64 10.10 5.71 1.75
CA GLY A 64 11.08 4.71 1.38
C GLY A 64 10.44 3.39 0.96
N ASP A 65 9.20 3.18 1.41
CA ASP A 65 8.47 1.95 1.10
C ASP A 65 8.37 1.77 -0.42
N HIS A 66 8.37 0.50 -0.85
CA HIS A 66 8.28 0.18 -2.27
C HIS A 66 6.90 -0.35 -2.62
N ILE A 67 6.07 0.50 -3.23
CA ILE A 67 4.72 0.12 -3.62
C ILE A 67 4.74 -0.81 -4.83
N LEU A 68 4.19 -2.01 -4.65
CA LEU A 68 4.15 -3.00 -5.72
C LEU A 68 2.83 -2.90 -6.50
N SER A 69 1.77 -2.49 -5.81
CA SER A 69 0.46 -2.35 -6.42
C SER A 69 -0.47 -1.50 -5.56
N ILE A 70 -1.60 -1.11 -6.13
CA ILE A 70 -2.57 -0.30 -5.41
C ILE A 70 -3.99 -0.59 -5.88
N ASP A 71 -4.77 -1.23 -5.01
CA ASP A 71 -6.15 -1.57 -5.34
C ASP A 71 -6.21 -2.53 -6.51
N GLY A 72 -5.16 -3.33 -6.67
CA GLY A 72 -5.11 -4.28 -7.77
C GLY A 72 -4.27 -3.79 -8.94
N THR A 73 -3.97 -2.50 -8.96
CA THR A 73 -3.17 -1.92 -10.02
C THR A 73 -1.68 -2.14 -9.77
N SER A 74 -1.05 -2.93 -10.66
CA SER A 74 0.38 -3.23 -10.53
C SER A 74 1.21 -1.96 -10.67
N MET A 75 2.26 -1.86 -9.86
CA MET A 75 3.14 -0.70 -9.89
C MET A 75 4.39 -0.99 -10.71
N GLU A 76 4.25 -1.83 -11.72
CA GLU A 76 5.37 -2.18 -12.59
C GLU A 76 5.48 -1.21 -13.76
N HIS A 77 6.54 -0.41 -13.74
CA HIS A 77 6.78 0.57 -14.80
C HIS A 77 5.62 1.57 -14.88
N CYS A 78 5.01 1.85 -13.73
CA CYS A 78 3.91 2.80 -13.67
C CYS A 78 4.41 4.22 -13.51
N SER A 79 3.50 5.18 -13.62
CA SER A 79 3.85 6.59 -13.49
C SER A 79 3.44 7.14 -12.13
N LEU A 80 3.84 8.37 -11.84
CA LEU A 80 3.51 9.01 -10.57
C LEU A 80 2.03 9.43 -10.54
N LEU A 81 1.58 10.01 -11.65
CA LEU A 81 0.19 10.46 -11.74
C LEU A 81 -0.77 9.30 -11.57
N GLU A 82 -0.47 8.18 -12.23
CA GLU A 82 -1.31 7.00 -12.15
C GLU A 82 -1.30 6.41 -10.74
N ALA A 83 -0.11 6.33 -10.15
CA ALA A 83 0.03 5.80 -8.80
C ALA A 83 -0.65 6.69 -7.77
N THR A 84 -0.59 8.00 -8.00
CA THR A 84 -1.20 8.96 -7.10
C THR A 84 -2.71 9.03 -7.31
N LYS A 85 -3.13 8.85 -8.57
CA LYS A 85 -4.54 8.88 -8.91
C LYS A 85 -5.32 7.80 -8.15
N LEU A 86 -4.71 6.63 -8.01
CA LEU A 86 -5.34 5.52 -7.32
C LEU A 86 -5.63 5.89 -5.86
N LEU A 87 -4.69 6.58 -5.23
CA LEU A 87 -4.84 7.00 -3.85
C LEU A 87 -6.07 7.89 -3.68
N ALA A 88 -6.31 8.74 -4.67
CA ALA A 88 -7.45 9.65 -4.64
C ALA A 88 -8.73 8.95 -5.05
N SER A 89 -8.60 7.94 -5.91
CA SER A 89 -9.74 7.18 -6.39
C SER A 89 -10.12 6.09 -5.38
N ILE A 90 -10.47 6.51 -4.17
CA ILE A 90 -10.85 5.57 -3.12
C ILE A 90 -12.16 6.01 -2.45
N SER A 91 -12.89 5.04 -1.91
CA SER A 91 -14.16 5.33 -1.24
C SER A 91 -13.94 5.58 0.24
N GLU A 92 -13.18 4.71 0.89
CA GLU A 92 -12.90 4.84 2.32
C GLU A 92 -11.51 4.29 2.65
N LYS A 93 -11.32 3.00 2.43
CA LYS A 93 -10.05 2.35 2.70
C LYS A 93 -9.19 2.27 1.45
N VAL A 94 -7.97 2.80 1.54
CA VAL A 94 -7.05 2.78 0.42
C VAL A 94 -6.19 1.53 0.42
N ARG A 95 -6.41 0.66 -0.56
CA ARG A 95 -5.66 -0.58 -0.68
C ARG A 95 -4.30 -0.34 -1.33
N LEU A 96 -3.31 0.00 -0.51
CA LEU A 96 -1.96 0.26 -1.00
C LEU A 96 -1.09 -0.98 -0.86
N GLU A 97 -0.87 -1.68 -1.97
CA GLU A 97 -0.05 -2.88 -1.97
C GLU A 97 1.44 -2.52 -1.96
N ILE A 98 2.08 -2.74 -0.82
CA ILE A 98 3.50 -2.43 -0.67
C ILE A 98 4.31 -3.69 -0.42
N LEU A 99 5.60 -3.63 -0.70
CA LEU A 99 6.48 -4.78 -0.50
C LEU A 99 6.81 -4.96 0.98
N PRO A 100 6.86 -6.22 1.45
CA PRO A 100 7.17 -6.51 2.86
C PRO A 100 8.46 -5.85 3.32
N VAL A 101 8.34 -4.65 3.88
CA VAL A 101 9.50 -3.91 4.36
C VAL A 101 9.65 -4.05 5.87
N PRO A 102 10.88 -3.91 6.39
CA PRO A 102 11.16 -4.03 7.83
C PRO A 102 10.55 -2.88 8.63
N GLN A 103 10.35 -1.74 7.96
CA GLN A 103 9.78 -0.57 8.60
C GLN A 103 8.38 -0.87 9.15
N SER A 104 7.55 -1.50 8.31
CA SER A 104 6.19 -1.85 8.71
C SER A 104 6.00 -3.36 8.73
N GLN A 105 5.82 -3.95 7.55
CA GLN A 105 5.63 -5.40 7.44
C GLN A 105 4.43 -5.85 8.25
N ARG A 106 3.43 -4.98 8.37
CA ARG A 106 2.23 -5.30 9.13
C ARG A 106 0.99 -4.68 8.47
N PRO A 107 0.10 -5.52 7.90
CA PRO A 107 -1.11 -5.05 7.24
C PRO A 107 -1.93 -4.10 8.12
N LEU A 108 -1.93 -4.37 9.42
CA LEU A 108 -2.66 -3.54 10.37
C LEU A 108 -1.71 -2.63 11.14
N ARG A 109 -2.28 -1.72 11.93
CA ARG A 109 -1.48 -0.79 12.72
C ARG A 109 -0.60 -1.52 13.72
N PRO A 110 0.73 -1.52 13.52
CA PRO A 110 1.67 -2.21 14.42
C PRO A 110 1.53 -1.73 15.86
N SER A 111 1.41 -2.70 16.78
CA SER A 111 1.28 -2.38 18.20
C SER A 111 -0.02 -1.61 18.47
N SER A 112 -0.82 -2.10 19.41
CA SER A 112 -2.08 -1.47 19.76
C SER A 112 -3.01 -1.41 18.56
N GLY A 113 -3.66 -2.54 18.28
CA GLY A 113 -4.58 -2.59 17.15
C GLY A 113 -5.86 -3.34 17.48
N PRO A 114 -6.88 -2.64 18.03
CA PRO A 114 -8.16 -3.26 18.39
C PRO A 114 -8.76 -4.04 17.23
N SER A 115 -8.80 -3.42 16.05
CA SER A 115 -9.35 -4.04 14.86
C SER A 115 -10.85 -4.35 15.05
N SER A 116 -11.14 -5.44 15.75
CA SER A 116 -12.52 -5.83 16.00
C SER A 116 -13.14 -4.98 17.10
N GLY A 117 -12.31 -4.56 18.05
CA GLY A 117 -12.80 -3.75 19.14
C GLY A 117 -12.85 -4.50 20.46
N GLY A 1 -19.23 -32.45 2.70
CA GLY A 1 -18.24 -31.35 2.53
C GLY A 1 -16.90 -31.85 2.03
N SER A 2 -16.07 -30.93 1.53
CA SER A 2 -14.75 -31.29 1.03
C SER A 2 -13.70 -30.32 1.54
N SER A 3 -13.10 -30.65 2.67
CA SER A 3 -12.07 -29.81 3.29
C SER A 3 -12.62 -28.43 3.61
N GLY A 4 -13.35 -28.33 4.72
CA GLY A 4 -13.93 -27.06 5.13
C GLY A 4 -14.76 -27.18 6.38
N SER A 5 -14.09 -27.30 7.52
CA SER A 5 -14.77 -27.42 8.80
C SER A 5 -14.01 -26.67 9.90
N SER A 6 -12.70 -26.88 9.95
CA SER A 6 -11.87 -26.21 10.95
C SER A 6 -11.96 -24.70 10.82
N GLY A 7 -12.08 -24.02 11.97
CA GLY A 7 -12.18 -22.58 11.96
C GLY A 7 -10.84 -21.90 11.75
N ASP A 8 -10.26 -22.10 10.56
CA ASP A 8 -8.97 -21.50 10.24
C ASP A 8 -9.13 -20.36 9.25
N THR A 9 -8.11 -19.53 9.14
CA THR A 9 -8.14 -18.39 8.22
C THR A 9 -7.44 -18.72 6.91
N VAL A 10 -7.72 -17.94 5.87
CA VAL A 10 -7.12 -18.15 4.57
C VAL A 10 -5.61 -17.95 4.62
N ALA A 11 -4.89 -18.70 3.80
CA ALA A 11 -3.44 -18.60 3.75
C ALA A 11 -2.91 -18.97 2.37
N ASN A 12 -2.55 -17.94 1.58
CA ASN A 12 -2.03 -18.16 0.23
C ASN A 12 -1.01 -17.09 -0.13
N ALA A 13 -1.48 -15.85 -0.23
CA ALA A 13 -0.60 -14.73 -0.58
C ALA A 13 0.51 -14.56 0.44
N SER A 14 1.73 -14.95 0.07
CA SER A 14 2.88 -14.85 0.95
C SER A 14 3.96 -13.97 0.34
N GLY A 15 3.54 -12.99 -0.45
CA GLY A 15 4.49 -12.08 -1.08
C GLY A 15 4.28 -10.63 -0.67
N PRO A 16 3.67 -9.80 -1.53
CA PRO A 16 3.43 -8.39 -1.22
C PRO A 16 2.67 -8.21 0.09
N LEU A 17 2.55 -6.95 0.53
CA LEU A 17 1.85 -6.65 1.77
C LEU A 17 0.71 -5.67 1.52
N MET A 18 -0.42 -5.90 2.18
CA MET A 18 -1.59 -5.04 2.02
C MET A 18 -1.67 -4.03 3.17
N VAL A 19 -1.44 -2.76 2.85
CA VAL A 19 -1.50 -1.71 3.85
C VAL A 19 -2.76 -0.87 3.70
N GLU A 20 -3.81 -1.23 4.46
CA GLU A 20 -5.06 -0.51 4.40
C GLU A 20 -5.03 0.73 5.27
N ILE A 21 -5.79 1.75 4.89
CA ILE A 21 -5.86 3.00 5.64
C ILE A 21 -7.28 3.53 5.71
N VAL A 22 -7.80 3.67 6.92
CA VAL A 22 -9.15 4.17 7.12
C VAL A 22 -9.20 5.69 7.02
N LYS A 23 -9.46 6.19 5.82
CA LYS A 23 -9.54 7.63 5.59
C LYS A 23 -10.99 8.10 5.62
N THR A 24 -11.19 9.40 5.40
CA THR A 24 -12.53 9.98 5.41
C THR A 24 -13.26 9.65 4.11
N PRO A 25 -14.57 9.36 4.19
CA PRO A 25 -15.39 9.03 3.02
C PRO A 25 -15.27 10.07 1.92
N GLY A 26 -14.65 9.69 0.81
CA GLY A 26 -14.49 10.61 -0.31
C GLY A 26 -13.57 11.77 0.02
N SER A 27 -12.56 11.49 0.85
CA SER A 27 -11.60 12.52 1.24
C SER A 27 -10.20 12.14 0.80
N ALA A 28 -9.29 13.11 0.84
CA ALA A 28 -7.90 12.88 0.45
C ALA A 28 -6.96 13.00 1.64
N LEU A 29 -5.88 12.22 1.63
CA LEU A 29 -4.92 12.25 2.71
C LEU A 29 -3.80 13.27 2.43
N GLY A 30 -3.12 13.09 1.31
CA GLY A 30 -2.05 14.00 0.95
C GLY A 30 -0.71 13.32 0.87
N ILE A 31 -0.71 12.07 0.41
CA ILE A 31 0.51 11.30 0.28
C ILE A 31 1.25 11.64 -1.01
N SER A 32 2.56 11.85 -0.91
CA SER A 32 3.37 12.19 -2.08
C SER A 32 4.30 11.03 -2.44
N LEU A 33 4.15 10.54 -3.67
CA LEU A 33 4.98 9.43 -4.14
C LEU A 33 6.23 9.93 -4.84
N THR A 34 7.09 9.01 -5.26
CA THR A 34 8.32 9.38 -5.95
C THR A 34 8.92 8.17 -6.67
N THR A 35 8.85 8.19 -8.00
CA THR A 35 9.38 7.09 -8.80
C THR A 35 10.88 7.26 -9.03
N THR A 36 11.65 6.26 -8.63
CA THR A 36 13.10 6.30 -8.79
C THR A 36 13.59 5.09 -9.58
N SER A 37 14.89 5.09 -9.91
CA SER A 37 15.48 4.00 -10.67
C SER A 37 16.45 3.20 -9.80
N LEU A 38 16.74 1.98 -10.21
CA LEU A 38 17.65 1.11 -9.48
C LEU A 38 18.35 0.12 -10.41
N ARG A 39 17.62 -0.91 -10.82
CA ARG A 39 18.17 -1.91 -11.73
C ARG A 39 17.56 -1.80 -13.11
N ASN A 40 17.69 -0.63 -13.71
CA ASN A 40 17.15 -0.38 -15.04
C ASN A 40 15.63 -0.54 -15.04
N LYS A 41 15.00 -0.12 -13.94
CA LYS A 41 13.56 -0.22 -13.81
C LYS A 41 13.04 0.81 -12.81
N SER A 42 12.14 1.68 -13.28
CA SER A 42 11.56 2.71 -12.42
C SER A 42 10.45 2.14 -11.54
N VAL A 43 10.65 2.18 -10.23
CA VAL A 43 9.67 1.67 -9.29
C VAL A 43 8.98 2.82 -8.55
N ILE A 44 7.67 2.68 -8.35
CA ILE A 44 6.89 3.71 -7.66
C ILE A 44 7.02 3.55 -6.15
N THR A 45 7.57 4.58 -5.49
CA THR A 45 7.75 4.56 -4.05
C THR A 45 7.13 5.79 -3.41
N ILE A 46 7.29 5.92 -2.09
CA ILE A 46 6.75 7.06 -1.36
C ILE A 46 7.82 8.10 -1.09
N ASP A 47 7.44 9.37 -1.18
CA ASP A 47 8.39 10.46 -0.94
C ASP A 47 8.19 11.06 0.45
N ARG A 48 6.96 11.48 0.74
CA ARG A 48 6.63 12.06 2.03
C ARG A 48 5.13 12.05 2.27
N ILE A 49 4.73 12.13 3.54
CA ILE A 49 3.32 12.12 3.91
C ILE A 49 2.87 13.51 4.35
N LYS A 50 1.57 13.75 4.30
CA LYS A 50 1.01 15.04 4.70
C LYS A 50 0.84 15.11 6.21
N PRO A 51 1.59 16.00 6.89
CA PRO A 51 1.52 16.16 8.34
C PRO A 51 0.08 16.34 8.83
N ALA A 52 -0.21 15.80 10.01
CA ALA A 52 -1.54 15.91 10.59
C ALA A 52 -2.59 15.20 9.72
N SER A 53 -2.16 14.13 9.05
CA SER A 53 -3.06 13.37 8.18
C SER A 53 -3.39 12.02 8.81
N VAL A 54 -4.28 11.29 8.15
CA VAL A 54 -4.69 9.97 8.64
C VAL A 54 -3.55 8.96 8.53
N VAL A 55 -2.70 9.15 7.53
CA VAL A 55 -1.57 8.25 7.31
C VAL A 55 -0.36 8.66 8.16
N ASP A 56 -0.20 9.97 8.36
CA ASP A 56 0.90 10.49 9.16
C ASP A 56 0.69 10.21 10.64
N ARG A 57 -0.58 10.21 11.05
CA ARG A 57 -0.91 9.96 12.46
C ARG A 57 -0.90 8.47 12.76
N SER A 58 -1.40 7.67 11.81
CA SER A 58 -1.45 6.23 11.97
C SER A 58 -0.10 5.59 11.63
N GLY A 59 0.56 6.15 10.62
CA GLY A 59 1.85 5.63 10.21
C GLY A 59 1.73 4.38 9.36
N ALA A 60 0.68 4.33 8.54
CA ALA A 60 0.45 3.17 7.68
C ALA A 60 1.47 3.12 6.55
N LEU A 61 1.82 4.28 6.01
CA LEU A 61 2.80 4.37 4.93
C LEU A 61 4.04 5.12 5.38
N HIS A 62 5.19 4.70 4.87
CA HIS A 62 6.46 5.34 5.22
C HIS A 62 7.28 5.64 3.97
N PRO A 63 7.94 6.81 3.93
CA PRO A 63 8.76 7.21 2.78
C PRO A 63 9.84 6.19 2.46
N GLY A 64 9.91 5.78 1.19
CA GLY A 64 10.90 4.81 0.78
C GLY A 64 10.30 3.46 0.43
N ASP A 65 9.10 3.20 0.95
CA ASP A 65 8.41 1.94 0.69
C ASP A 65 8.24 1.70 -0.81
N HIS A 66 8.14 0.44 -1.20
CA HIS A 66 7.97 0.08 -2.60
C HIS A 66 6.57 -0.43 -2.87
N ILE A 67 5.83 0.30 -3.70
CA ILE A 67 4.46 -0.09 -4.05
C ILE A 67 4.44 -1.06 -5.22
N LEU A 68 3.83 -2.22 -5.01
CA LEU A 68 3.74 -3.24 -6.06
C LEU A 68 2.37 -3.19 -6.74
N SER A 69 1.35 -2.77 -6.00
CA SER A 69 0.00 -2.69 -6.53
C SER A 69 -0.87 -1.77 -5.68
N ILE A 70 -1.97 -1.29 -6.26
CA ILE A 70 -2.88 -0.41 -5.54
C ILE A 70 -4.32 -0.63 -6.00
N ASP A 71 -5.14 -1.17 -5.11
CA ASP A 71 -6.54 -1.43 -5.42
C ASP A 71 -6.66 -2.40 -6.59
N GLY A 72 -5.68 -3.28 -6.73
CA GLY A 72 -5.71 -4.24 -7.82
C GLY A 72 -5.03 -3.72 -9.08
N THR A 73 -4.37 -2.56 -8.96
CA THR A 73 -3.68 -1.97 -10.10
C THR A 73 -2.18 -2.26 -10.04
N SER A 74 -1.67 -2.94 -11.06
CA SER A 74 -0.26 -3.28 -11.13
C SER A 74 0.60 -2.04 -11.31
N MET A 75 1.67 -1.94 -10.51
CA MET A 75 2.56 -0.79 -10.58
C MET A 75 3.82 -1.12 -11.39
N GLU A 76 3.63 -1.90 -12.45
CA GLU A 76 4.75 -2.29 -13.31
C GLU A 76 4.94 -1.29 -14.44
N HIS A 77 6.07 -0.58 -14.43
CA HIS A 77 6.36 0.41 -15.46
C HIS A 77 5.30 1.50 -15.49
N CYS A 78 4.74 1.81 -14.33
CA CYS A 78 3.72 2.84 -14.22
C CYS A 78 4.35 4.21 -13.98
N SER A 79 3.51 5.24 -13.89
CA SER A 79 3.99 6.59 -13.66
C SER A 79 3.69 7.05 -12.24
N LEU A 80 3.92 8.33 -11.97
CA LEU A 80 3.67 8.89 -10.65
C LEU A 80 2.22 9.35 -10.52
N LEU A 81 1.73 10.03 -11.54
CA LEU A 81 0.36 10.53 -11.54
C LEU A 81 -0.63 9.39 -11.42
N GLU A 82 -0.41 8.32 -12.18
CA GLU A 82 -1.28 7.16 -12.14
C GLU A 82 -1.31 6.52 -10.76
N ALA A 83 -0.17 6.56 -10.08
CA ALA A 83 -0.06 5.99 -8.74
C ALA A 83 -0.79 6.87 -7.71
N THR A 84 -0.64 8.18 -7.86
CA THR A 84 -1.29 9.12 -6.95
C THR A 84 -2.80 9.18 -7.19
N LYS A 85 -3.19 9.02 -8.46
CA LYS A 85 -4.60 9.06 -8.83
C LYS A 85 -5.36 7.90 -8.19
N LEU A 86 -4.71 6.74 -8.13
CA LEU A 86 -5.33 5.56 -7.55
C LEU A 86 -5.64 5.77 -6.08
N LEU A 87 -4.74 6.47 -5.38
CA LEU A 87 -4.91 6.74 -3.97
C LEU A 87 -6.08 7.70 -3.73
N ALA A 88 -6.31 8.59 -4.70
CA ALA A 88 -7.39 9.56 -4.60
C ALA A 88 -8.74 8.91 -4.92
N SER A 89 -8.71 7.87 -5.76
CA SER A 89 -9.92 7.17 -6.14
C SER A 89 -10.30 6.11 -5.09
N ILE A 90 -10.49 6.56 -3.85
CA ILE A 90 -10.85 5.67 -2.76
C ILE A 90 -12.10 6.15 -2.04
N SER A 91 -12.93 5.21 -1.60
CA SER A 91 -14.17 5.54 -0.90
C SER A 91 -13.90 5.80 0.59
N GLU A 92 -13.60 4.73 1.32
CA GLU A 92 -13.31 4.84 2.75
C GLU A 92 -11.92 4.28 3.07
N LYS A 93 -11.72 3.01 2.76
CA LYS A 93 -10.44 2.35 3.02
C LYS A 93 -9.68 2.12 1.72
N VAL A 94 -8.43 2.57 1.68
CA VAL A 94 -7.59 2.40 0.50
C VAL A 94 -6.79 1.10 0.58
N ARG A 95 -6.71 0.40 -0.55
CA ARG A 95 -5.97 -0.86 -0.62
C ARG A 95 -4.61 -0.66 -1.28
N LEU A 96 -3.60 -0.42 -0.46
CA LEU A 96 -2.25 -0.21 -0.97
C LEU A 96 -1.40 -1.47 -0.79
N GLU A 97 -0.85 -1.97 -1.89
CA GLU A 97 -0.01 -3.17 -1.85
C GLU A 97 1.47 -2.79 -1.87
N ILE A 98 2.09 -2.85 -0.71
CA ILE A 98 3.50 -2.51 -0.58
C ILE A 98 4.35 -3.75 -0.32
N LEU A 99 5.54 -3.78 -0.90
CA LEU A 99 6.46 -4.91 -0.73
C LEU A 99 6.96 -4.99 0.71
N PRO A 100 7.09 -6.22 1.25
CA PRO A 100 7.57 -6.42 2.62
C PRO A 100 8.85 -5.64 2.91
N VAL A 101 8.68 -4.43 3.46
CA VAL A 101 9.82 -3.59 3.79
C VAL A 101 10.07 -3.56 5.30
N PRO A 102 11.32 -3.26 5.71
CA PRO A 102 11.69 -3.20 7.13
C PRO A 102 11.01 -2.04 7.85
N GLN A 103 10.70 -0.98 7.12
CA GLN A 103 10.05 0.19 7.69
C GLN A 103 8.68 -0.18 8.25
N SER A 104 7.89 -0.88 7.45
CA SER A 104 6.55 -1.29 7.87
C SER A 104 6.22 -2.69 7.35
N GLN A 105 5.50 -3.47 8.15
CA GLN A 105 5.13 -4.82 7.77
C GLN A 105 4.00 -5.33 8.66
N ARG A 106 3.14 -4.43 9.10
CA ARG A 106 2.02 -4.80 9.96
C ARG A 106 0.68 -4.60 9.23
N PRO A 107 0.22 -5.64 8.51
CA PRO A 107 -1.04 -5.57 7.75
C PRO A 107 -2.26 -5.53 8.67
N LEU A 108 -2.27 -6.41 9.68
CA LEU A 108 -3.37 -6.47 10.63
C LEU A 108 -2.86 -6.77 12.03
N ARG A 109 -3.79 -6.88 12.98
CA ARG A 109 -3.43 -7.16 14.36
C ARG A 109 -4.56 -7.90 15.08
N PRO A 110 -4.61 -9.23 14.92
CA PRO A 110 -5.65 -10.06 15.55
C PRO A 110 -5.73 -9.85 17.06
N SER A 111 -6.57 -10.63 17.72
CA SER A 111 -6.74 -10.53 19.16
C SER A 111 -5.83 -11.51 19.89
N SER A 112 -5.77 -12.74 19.40
CA SER A 112 -4.94 -13.77 20.00
C SER A 112 -5.39 -14.07 21.42
N GLY A 113 -6.30 -15.03 21.56
CA GLY A 113 -6.80 -15.40 22.87
C GLY A 113 -7.92 -16.42 22.81
N PRO A 114 -7.66 -17.63 22.30
CA PRO A 114 -8.67 -18.69 22.18
C PRO A 114 -9.13 -19.18 23.55
N SER A 115 -8.24 -19.14 24.52
CA SER A 115 -8.55 -19.60 25.87
C SER A 115 -9.74 -18.84 26.44
N SER A 116 -10.50 -19.50 27.30
CA SER A 116 -11.67 -18.90 27.93
C SER A 116 -12.71 -18.52 26.88
N GLY A 117 -13.89 -19.13 26.98
CA GLY A 117 -14.95 -18.86 26.03
C GLY A 117 -16.14 -18.17 26.68
N GLY A 1 -6.71 -15.41 0.61
CA GLY A 1 -6.64 -16.88 0.42
C GLY A 1 -5.42 -17.32 -0.37
N SER A 2 -4.50 -17.99 0.30
CA SER A 2 -3.27 -18.46 -0.36
C SER A 2 -2.53 -19.46 0.54
N SER A 3 -2.09 -18.99 1.69
CA SER A 3 -1.37 -19.83 2.63
C SER A 3 -2.27 -20.96 3.15
N GLY A 4 -3.41 -20.59 3.71
CA GLY A 4 -4.34 -21.57 4.23
C GLY A 4 -5.78 -21.31 3.81
N SER A 5 -6.34 -22.22 3.02
CA SER A 5 -7.71 -22.08 2.54
C SER A 5 -8.59 -23.18 3.10
N SER A 6 -8.27 -23.65 4.31
CA SER A 6 -9.03 -24.69 4.95
C SER A 6 -9.78 -24.17 6.17
N GLY A 7 -9.07 -23.42 7.02
CA GLY A 7 -9.69 -22.86 8.21
C GLY A 7 -8.81 -21.83 8.88
N ASP A 8 -8.22 -20.93 8.09
CA ASP A 8 -7.35 -19.90 8.63
C ASP A 8 -7.70 -18.54 8.03
N THR A 9 -8.96 -18.37 7.63
CA THR A 9 -9.41 -17.11 7.06
C THR A 9 -8.57 -16.73 5.84
N VAL A 10 -8.83 -15.55 5.29
CA VAL A 10 -8.10 -15.06 4.13
C VAL A 10 -7.15 -13.94 4.52
N ALA A 11 -5.86 -14.15 4.25
CA ALA A 11 -4.84 -13.15 4.57
C ALA A 11 -3.54 -13.45 3.84
N ASN A 12 -3.44 -13.02 2.59
CA ASN A 12 -2.24 -13.24 1.78
C ASN A 12 -2.38 -12.59 0.42
N ALA A 13 -1.25 -12.22 -0.17
CA ALA A 13 -1.25 -11.58 -1.49
C ALA A 13 -0.16 -12.17 -2.38
N SER A 14 0.22 -13.42 -2.10
CA SER A 14 1.24 -14.10 -2.88
C SER A 14 2.56 -13.33 -2.83
N GLY A 15 2.86 -12.74 -1.69
CA GLY A 15 4.09 -11.99 -1.54
C GLY A 15 3.85 -10.58 -1.02
N PRO A 16 3.42 -9.66 -1.90
CA PRO A 16 3.15 -8.27 -1.52
C PRO A 16 2.36 -8.15 -0.22
N LEU A 17 2.45 -6.99 0.42
CA LEU A 17 1.75 -6.76 1.67
C LEU A 17 0.67 -5.69 1.49
N MET A 18 -0.53 -5.97 2.01
CA MET A 18 -1.65 -5.05 1.91
C MET A 18 -1.75 -4.17 3.16
N VAL A 19 -1.68 -2.87 2.96
CA VAL A 19 -1.78 -1.92 4.07
C VAL A 19 -2.93 -0.95 3.88
N GLU A 20 -4.11 -1.35 4.33
CA GLU A 20 -5.30 -0.51 4.20
C GLU A 20 -5.24 0.67 5.17
N ILE A 21 -6.00 1.72 4.85
CA ILE A 21 -6.03 2.91 5.69
C ILE A 21 -7.44 3.50 5.75
N VAL A 22 -8.10 3.31 6.89
CA VAL A 22 -9.46 3.81 7.07
C VAL A 22 -9.47 5.35 7.06
N LYS A 23 -9.79 5.92 5.91
CA LYS A 23 -9.84 7.37 5.76
C LYS A 23 -11.29 7.86 5.70
N THR A 24 -11.45 9.17 5.56
CA THR A 24 -12.77 9.78 5.49
C THR A 24 -13.39 9.56 4.11
N PRO A 25 -14.72 9.38 4.04
CA PRO A 25 -15.42 9.16 2.77
C PRO A 25 -15.46 10.41 1.92
N GLY A 26 -14.95 10.31 0.68
CA GLY A 26 -14.93 11.44 -0.22
C GLY A 26 -13.93 12.51 0.21
N SER A 27 -12.89 12.09 0.92
CA SER A 27 -11.87 13.01 1.39
C SER A 27 -10.49 12.59 0.91
N ALA A 28 -9.52 13.48 1.04
CA ALA A 28 -8.15 13.20 0.61
C ALA A 28 -7.18 13.19 1.80
N LEU A 29 -6.13 12.38 1.70
CA LEU A 29 -5.15 12.28 2.77
C LEU A 29 -4.02 13.27 2.56
N GLY A 30 -3.31 13.13 1.44
CA GLY A 30 -2.20 14.01 1.14
C GLY A 30 -0.88 13.28 1.06
N ILE A 31 -0.91 12.05 0.54
CA ILE A 31 0.30 11.25 0.42
C ILE A 31 1.12 11.68 -0.79
N SER A 32 2.44 11.72 -0.62
CA SER A 32 3.34 12.11 -1.70
C SER A 32 4.18 10.94 -2.17
N LEU A 33 3.95 10.50 -3.41
CA LEU A 33 4.69 9.38 -3.97
C LEU A 33 5.89 9.87 -4.77
N THR A 34 6.73 8.93 -5.20
CA THR A 34 7.92 9.27 -5.99
C THR A 34 8.38 8.07 -6.81
N THR A 35 8.48 8.27 -8.12
CA THR A 35 8.91 7.21 -9.02
C THR A 35 10.41 7.29 -9.28
N THR A 36 11.12 6.21 -8.95
CA THR A 36 12.57 6.17 -9.15
C THR A 36 12.94 5.16 -10.24
N SER A 37 14.21 5.16 -10.62
CA SER A 37 14.69 4.25 -11.65
C SER A 37 15.44 3.08 -11.04
N LEU A 38 16.01 2.23 -11.90
CA LEU A 38 16.77 1.07 -11.44
C LEU A 38 17.81 0.66 -12.48
N ARG A 39 17.33 0.21 -13.63
CA ARG A 39 18.21 -0.22 -14.72
C ARG A 39 17.44 -0.40 -16.01
N ASN A 40 16.39 -1.21 -15.95
CA ASN A 40 15.56 -1.47 -17.13
C ASN A 40 14.16 -0.92 -16.95
N LYS A 41 13.69 -0.90 -15.70
CA LYS A 41 12.36 -0.38 -15.39
C LYS A 41 12.42 0.66 -14.28
N SER A 42 11.25 1.15 -13.87
CA SER A 42 11.16 2.16 -12.82
C SER A 42 10.04 1.82 -11.85
N VAL A 43 10.40 1.57 -10.59
CA VAL A 43 9.42 1.24 -9.57
C VAL A 43 9.01 2.48 -8.79
N ILE A 44 7.72 2.57 -8.46
CA ILE A 44 7.19 3.71 -7.73
C ILE A 44 7.38 3.52 -6.23
N THR A 45 7.76 4.59 -5.54
CA THR A 45 7.97 4.54 -4.09
C THR A 45 7.30 5.73 -3.40
N ILE A 46 7.37 5.76 -2.07
CA ILE A 46 6.78 6.84 -1.30
C ILE A 46 7.81 7.91 -0.98
N ASP A 47 7.43 9.16 -1.22
CA ASP A 47 8.32 10.29 -0.96
C ASP A 47 8.15 10.81 0.46
N ARG A 48 6.98 11.40 0.72
CA ARG A 48 6.68 11.95 2.04
C ARG A 48 5.18 11.94 2.30
N ILE A 49 4.80 11.98 3.57
CA ILE A 49 3.39 11.99 3.96
C ILE A 49 2.95 13.36 4.45
N LYS A 50 1.65 13.60 4.43
CA LYS A 50 1.10 14.88 4.87
C LYS A 50 0.98 14.92 6.39
N PRO A 51 1.28 16.06 7.02
CA PRO A 51 1.20 16.22 8.47
C PRO A 51 -0.24 16.33 8.96
N ALA A 52 -0.50 15.78 10.15
CA ALA A 52 -1.84 15.81 10.73
C ALA A 52 -2.85 15.10 9.83
N SER A 53 -2.38 14.07 9.12
CA SER A 53 -3.24 13.30 8.23
C SER A 53 -3.57 11.94 8.81
N VAL A 54 -4.26 11.12 8.04
CA VAL A 54 -4.63 9.77 8.49
C VAL A 54 -3.47 8.81 8.34
N VAL A 55 -2.62 9.05 7.35
CA VAL A 55 -1.47 8.19 7.11
C VAL A 55 -0.33 8.52 8.07
N ASP A 56 -0.24 9.78 8.46
CA ASP A 56 0.81 10.23 9.37
C ASP A 56 0.44 9.91 10.81
N ARG A 57 -0.83 10.13 11.16
CA ARG A 57 -1.30 9.86 12.51
C ARG A 57 -1.37 8.36 12.78
N SER A 58 -1.64 7.59 11.74
CA SER A 58 -1.74 6.14 11.85
C SER A 58 -0.40 5.48 11.53
N GLY A 59 0.35 6.09 10.62
CA GLY A 59 1.64 5.55 10.24
C GLY A 59 1.51 4.30 9.39
N ALA A 60 0.62 4.34 8.41
CA ALA A 60 0.41 3.21 7.52
C ALA A 60 1.46 3.16 6.43
N LEU A 61 1.77 4.31 5.85
CA LEU A 61 2.76 4.40 4.79
C LEU A 61 3.96 5.23 5.24
N HIS A 62 5.16 4.70 5.02
CA HIS A 62 6.38 5.38 5.39
C HIS A 62 7.15 5.86 4.16
N PRO A 63 7.87 6.99 4.28
CA PRO A 63 8.64 7.54 3.16
C PRO A 63 9.88 6.71 2.84
N GLY A 64 9.74 5.81 1.86
CA GLY A 64 10.85 4.97 1.48
C GLY A 64 10.41 3.57 1.06
N ASP A 65 9.23 3.16 1.54
CA ASP A 65 8.70 1.85 1.22
C ASP A 65 8.55 1.67 -0.30
N HIS A 66 8.35 0.42 -0.72
CA HIS A 66 8.19 0.13 -2.14
C HIS A 66 6.78 -0.33 -2.46
N ILE A 67 6.09 0.43 -3.30
CA ILE A 67 4.72 0.10 -3.68
C ILE A 67 4.69 -0.88 -4.85
N LEU A 68 4.10 -2.05 -4.63
CA LEU A 68 4.01 -3.08 -5.65
C LEU A 68 2.67 -3.01 -6.38
N SER A 69 1.63 -2.57 -5.67
CA SER A 69 0.31 -2.45 -6.26
C SER A 69 -0.59 -1.55 -5.41
N ILE A 70 -1.64 -1.03 -6.02
CA ILE A 70 -2.58 -0.16 -5.32
C ILE A 70 -3.99 -0.33 -5.86
N ASP A 71 -4.90 -0.78 -4.99
CA ASP A 71 -6.28 -0.99 -5.37
C ASP A 71 -6.40 -2.02 -6.49
N GLY A 72 -5.45 -2.96 -6.52
CA GLY A 72 -5.45 -3.98 -7.55
C GLY A 72 -4.74 -3.54 -8.82
N THR A 73 -4.04 -2.41 -8.76
CA THR A 73 -3.32 -1.89 -9.91
C THR A 73 -1.84 -2.22 -9.82
N SER A 74 -1.33 -2.90 -10.85
CA SER A 74 0.08 -3.28 -10.88
C SER A 74 0.97 -2.06 -10.99
N MET A 75 2.08 -2.07 -10.26
CA MET A 75 3.03 -0.96 -10.27
C MET A 75 4.19 -1.25 -11.22
N GLU A 76 3.90 -1.94 -12.31
CA GLU A 76 4.92 -2.28 -13.29
C GLU A 76 4.94 -1.27 -14.43
N HIS A 77 6.04 -0.54 -14.57
CA HIS A 77 6.17 0.46 -15.63
C HIS A 77 5.11 1.55 -15.48
N CYS A 78 4.72 1.82 -14.24
CA CYS A 78 3.71 2.84 -13.98
C CYS A 78 4.35 4.22 -13.84
N SER A 79 3.52 5.23 -13.63
CA SER A 79 4.01 6.61 -13.49
C SER A 79 3.68 7.17 -12.10
N LEU A 80 4.09 8.41 -11.86
CA LEU A 80 3.83 9.06 -10.58
C LEU A 80 2.39 9.54 -10.49
N LEU A 81 1.89 10.12 -11.59
CA LEU A 81 0.53 10.63 -11.63
C LEU A 81 -0.48 9.50 -11.47
N GLU A 82 -0.26 8.41 -12.21
CA GLU A 82 -1.16 7.26 -12.14
C GLU A 82 -1.21 6.68 -10.74
N ALA A 83 -0.04 6.52 -10.13
CA ALA A 83 0.05 5.98 -8.78
C ALA A 83 -0.58 6.93 -7.77
N THR A 84 -0.46 8.22 -8.03
CA THR A 84 -1.02 9.24 -7.14
C THR A 84 -2.53 9.34 -7.31
N LYS A 85 -2.98 9.31 -8.55
CA LYS A 85 -4.41 9.40 -8.84
C LYS A 85 -5.17 8.22 -8.23
N LEU A 86 -4.50 7.08 -8.14
CA LEU A 86 -5.12 5.89 -7.57
C LEU A 86 -5.46 6.11 -6.09
N LEU A 87 -4.57 6.78 -5.38
CA LEU A 87 -4.78 7.06 -3.96
C LEU A 87 -6.04 7.89 -3.75
N ALA A 88 -6.36 8.73 -4.72
CA ALA A 88 -7.54 9.59 -4.64
C ALA A 88 -8.79 8.82 -5.07
N SER A 89 -8.62 7.88 -5.99
CA SER A 89 -9.74 7.09 -6.48
C SER A 89 -10.15 6.03 -5.46
N ILE A 90 -10.61 6.49 -4.30
CA ILE A 90 -11.04 5.58 -3.24
C ILE A 90 -12.45 5.92 -2.77
N SER A 91 -13.14 4.93 -2.21
CA SER A 91 -14.50 5.13 -1.71
C SER A 91 -14.50 5.33 -0.21
N GLU A 92 -13.73 4.52 0.50
CA GLU A 92 -13.64 4.63 1.96
C GLU A 92 -12.29 4.14 2.46
N LYS A 93 -11.97 2.88 2.17
CA LYS A 93 -10.70 2.30 2.59
C LYS A 93 -9.77 2.09 1.39
N VAL A 94 -8.54 2.55 1.52
CA VAL A 94 -7.55 2.43 0.45
C VAL A 94 -6.85 1.08 0.52
N ARG A 95 -6.35 0.62 -0.62
CA ARG A 95 -5.65 -0.65 -0.69
C ARG A 95 -4.23 -0.47 -1.25
N LEU A 96 -3.30 -0.12 -0.37
CA LEU A 96 -1.92 0.08 -0.76
C LEU A 96 -1.10 -1.18 -0.57
N GLU A 97 -0.62 -1.74 -1.67
CA GLU A 97 0.18 -2.96 -1.63
C GLU A 97 1.67 -2.63 -1.57
N ILE A 98 2.24 -2.69 -0.37
CA ILE A 98 3.65 -2.39 -0.18
C ILE A 98 4.47 -3.67 -0.02
N LEU A 99 5.73 -3.61 -0.40
CA LEU A 99 6.62 -4.76 -0.29
C LEU A 99 6.87 -5.13 1.16
N PRO A 100 6.88 -6.44 1.48
CA PRO A 100 7.10 -6.92 2.85
C PRO A 100 8.36 -6.33 3.47
N VAL A 101 8.21 -5.19 4.13
CA VAL A 101 9.35 -4.52 4.77
C VAL A 101 9.30 -4.69 6.28
N PRO A 102 10.47 -4.79 6.93
CA PRO A 102 10.56 -4.96 8.39
C PRO A 102 10.15 -3.70 9.14
N GLN A 103 10.22 -2.56 8.47
CA GLN A 103 9.86 -1.28 9.08
C GLN A 103 8.43 -1.31 9.61
N SER A 104 7.54 -1.94 8.84
CA SER A 104 6.14 -2.03 9.23
C SER A 104 5.72 -3.49 9.41
N GLN A 105 5.43 -4.16 8.31
CA GLN A 105 5.02 -5.57 8.34
C GLN A 105 3.80 -5.75 9.24
N ARG A 106 2.94 -4.73 9.29
CA ARG A 106 1.75 -4.78 10.11
C ARG A 106 0.51 -4.46 9.27
N PRO A 107 -0.07 -5.47 8.60
CA PRO A 107 -1.25 -5.29 7.76
C PRO A 107 -2.51 -5.05 8.59
N LEU A 108 -2.75 -5.91 9.57
CA LEU A 108 -3.91 -5.78 10.43
C LEU A 108 -3.90 -6.85 11.52
N ARG A 109 -4.52 -6.55 12.65
CA ARG A 109 -4.58 -7.49 13.78
C ARG A 109 -3.18 -7.89 14.23
N PRO A 110 -2.66 -7.25 15.30
CA PRO A 110 -1.34 -7.55 15.83
C PRO A 110 -1.12 -9.04 16.05
N SER A 111 0.15 -9.44 16.17
CA SER A 111 0.48 -10.85 16.39
C SER A 111 0.03 -11.71 15.22
N SER A 112 0.98 -12.33 14.55
CA SER A 112 0.67 -13.19 13.40
C SER A 112 1.35 -14.54 13.56
N GLY A 113 0.54 -15.60 13.56
CA GLY A 113 1.07 -16.95 13.69
C GLY A 113 0.52 -17.68 14.91
N PRO A 114 -0.56 -18.44 14.73
CA PRO A 114 -1.18 -19.19 15.84
C PRO A 114 -0.17 -20.03 16.60
N SER A 115 -0.59 -20.53 17.76
CA SER A 115 0.29 -21.36 18.59
C SER A 115 0.37 -22.78 18.04
N SER A 116 -0.77 -23.44 17.93
CA SER A 116 -0.81 -24.80 17.42
C SER A 116 -0.60 -24.83 15.91
N GLY A 117 0.63 -25.11 15.49
CA GLY A 117 0.94 -25.16 14.08
C GLY A 117 2.03 -26.17 13.76
N GLY A 1 -2.15 -30.22 -14.25
CA GLY A 1 -0.98 -31.13 -14.36
C GLY A 1 -0.75 -31.96 -13.10
N SER A 2 0.37 -32.66 -13.05
CA SER A 2 0.70 -33.50 -11.90
C SER A 2 1.24 -32.64 -10.75
N SER A 3 0.37 -31.84 -10.16
CA SER A 3 0.75 -30.98 -9.04
C SER A 3 0.18 -31.49 -7.73
N GLY A 4 1.03 -32.11 -6.92
CA GLY A 4 0.59 -32.63 -5.64
C GLY A 4 1.60 -33.57 -5.01
N SER A 5 2.04 -33.23 -3.80
CA SER A 5 3.02 -34.04 -3.09
C SER A 5 3.13 -33.61 -1.63
N SER A 6 2.92 -34.56 -0.72
CA SER A 6 3.00 -34.29 0.71
C SER A 6 1.91 -33.30 1.12
N GLY A 7 2.16 -32.02 0.88
CA GLY A 7 1.20 -31.00 1.24
C GLY A 7 1.85 -29.70 1.66
N ASP A 8 1.64 -29.32 2.92
CA ASP A 8 2.22 -28.08 3.44
C ASP A 8 1.73 -26.87 2.66
N THR A 9 0.64 -26.27 3.12
CA THR A 9 0.07 -25.11 2.45
C THR A 9 -0.10 -23.95 3.45
N VAL A 10 0.64 -22.88 3.22
CA VAL A 10 0.57 -21.70 4.10
C VAL A 10 0.27 -20.44 3.29
N ALA A 11 -0.83 -19.78 3.62
CA ALA A 11 -1.22 -18.55 2.93
C ALA A 11 -1.27 -17.38 3.90
N ASN A 12 -0.10 -16.88 4.28
CA ASN A 12 -0.01 -15.75 5.20
C ASN A 12 0.82 -14.62 4.60
N ALA A 13 1.95 -14.98 3.99
CA ALA A 13 2.83 -13.99 3.38
C ALA A 13 3.37 -14.49 2.05
N SER A 14 2.58 -14.34 0.99
CA SER A 14 2.98 -14.78 -0.35
C SER A 14 3.99 -13.81 -0.95
N GLY A 15 3.88 -12.53 -0.59
CA GLY A 15 4.79 -11.53 -1.10
C GLY A 15 4.36 -10.12 -0.75
N PRO A 16 3.65 -9.42 -1.64
CA PRO A 16 3.18 -8.06 -1.39
C PRO A 16 2.37 -7.95 -0.10
N LEU A 17 2.36 -6.75 0.48
CA LEU A 17 1.63 -6.51 1.72
C LEU A 17 0.52 -5.49 1.51
N MET A 18 -0.69 -5.83 1.95
CA MET A 18 -1.84 -4.94 1.80
C MET A 18 -1.98 -4.04 3.02
N VAL A 19 -1.43 -2.83 2.92
CA VAL A 19 -1.49 -1.88 4.02
C VAL A 19 -2.70 -0.95 3.86
N GLU A 20 -3.83 -1.36 4.44
CA GLU A 20 -5.05 -0.57 4.37
C GLU A 20 -4.95 0.67 5.24
N ILE A 21 -5.68 1.72 4.87
CA ILE A 21 -5.67 2.97 5.63
C ILE A 21 -7.08 3.56 5.70
N VAL A 22 -7.74 3.35 6.83
CA VAL A 22 -9.09 3.87 7.05
C VAL A 22 -9.11 5.39 6.99
N LYS A 23 -9.43 5.93 5.81
CA LYS A 23 -9.48 7.38 5.63
C LYS A 23 -10.91 7.88 5.75
N THR A 24 -11.07 9.21 5.72
CA THR A 24 -12.40 9.82 5.81
C THR A 24 -13.17 9.64 4.51
N PRO A 25 -14.48 9.36 4.60
CA PRO A 25 -15.32 9.17 3.42
C PRO A 25 -15.24 10.35 2.45
N GLY A 26 -14.79 10.07 1.23
CA GLY A 26 -14.66 11.12 0.23
C GLY A 26 -13.65 12.19 0.63
N SER A 27 -12.61 11.77 1.34
CA SER A 27 -11.58 12.71 1.78
C SER A 27 -10.20 12.28 1.26
N ALA A 28 -9.31 13.26 1.10
CA ALA A 28 -7.96 12.99 0.61
C ALA A 28 -6.94 13.05 1.73
N LEU A 29 -6.01 12.12 1.72
CA LEU A 29 -4.96 12.07 2.74
C LEU A 29 -3.87 13.10 2.46
N GLY A 30 -3.14 12.91 1.37
CA GLY A 30 -2.09 13.82 1.00
C GLY A 30 -0.72 13.16 0.98
N ILE A 31 -0.63 12.04 0.28
CA ILE A 31 0.62 11.29 0.18
C ILE A 31 1.36 11.64 -1.12
N SER A 32 2.67 11.82 -1.01
CA SER A 32 3.50 12.15 -2.17
C SER A 32 4.42 10.99 -2.53
N LEU A 33 4.13 10.34 -3.65
CA LEU A 33 4.92 9.21 -4.11
C LEU A 33 6.15 9.70 -4.89
N THR A 34 6.97 8.75 -5.34
CA THR A 34 8.17 9.07 -6.09
C THR A 34 8.64 7.87 -6.91
N THR A 35 8.96 8.11 -8.18
CA THR A 35 9.42 7.04 -9.06
C THR A 35 10.94 7.09 -9.23
N THR A 36 11.61 6.05 -8.75
CA THR A 36 13.06 5.98 -8.84
C THR A 36 13.50 4.78 -9.68
N SER A 37 14.79 4.74 -10.02
CA SER A 37 15.32 3.64 -10.81
C SER A 37 15.84 2.52 -9.93
N LEU A 38 16.32 1.44 -10.55
CA LEU A 38 16.85 0.30 -9.82
C LEU A 38 17.79 -0.52 -10.70
N ARG A 39 17.20 -1.28 -11.61
CA ARG A 39 17.98 -2.12 -12.52
C ARG A 39 17.66 -1.80 -13.98
N ASN A 40 16.37 -1.65 -14.26
CA ASN A 40 15.93 -1.35 -15.62
C ASN A 40 14.41 -1.15 -15.67
N LYS A 41 13.87 -0.52 -14.63
CA LYS A 41 12.44 -0.27 -14.55
C LYS A 41 12.11 0.63 -13.36
N SER A 42 11.72 1.86 -13.66
CA SER A 42 11.38 2.83 -12.61
C SER A 42 10.24 2.32 -11.75
N VAL A 43 10.48 2.25 -10.44
CA VAL A 43 9.47 1.77 -9.50
C VAL A 43 8.82 2.93 -8.75
N ILE A 44 7.51 2.83 -8.52
CA ILE A 44 6.79 3.88 -7.81
C ILE A 44 6.83 3.65 -6.31
N THR A 45 7.58 4.51 -5.61
CA THR A 45 7.70 4.41 -4.16
C THR A 45 7.08 5.63 -3.48
N ILE A 46 7.22 5.69 -2.16
CA ILE A 46 6.67 6.81 -1.39
C ILE A 46 7.74 7.84 -1.10
N ASP A 47 7.38 9.12 -1.23
CA ASP A 47 8.30 10.22 -0.99
C ASP A 47 8.09 10.80 0.40
N ARG A 48 6.91 11.39 0.62
CA ARG A 48 6.59 11.98 1.91
C ARG A 48 5.08 12.02 2.13
N ILE A 49 4.67 12.05 3.39
CA ILE A 49 3.25 12.09 3.74
C ILE A 49 2.85 13.46 4.28
N LYS A 50 1.56 13.75 4.23
CA LYS A 50 1.05 15.02 4.72
C LYS A 50 0.98 15.03 6.25
N PRO A 51 1.32 16.17 6.87
CA PRO A 51 1.30 16.31 8.33
C PRO A 51 -0.12 16.37 8.89
N ALA A 52 -0.32 15.76 10.05
CA ALA A 52 -1.63 15.74 10.69
C ALA A 52 -2.67 15.05 9.81
N SER A 53 -2.21 14.09 9.02
CA SER A 53 -3.10 13.35 8.13
C SER A 53 -3.45 11.98 8.71
N VAL A 54 -4.38 11.29 8.06
CA VAL A 54 -4.80 9.97 8.52
C VAL A 54 -3.68 8.95 8.39
N VAL A 55 -2.81 9.15 7.40
CA VAL A 55 -1.69 8.24 7.17
C VAL A 55 -0.52 8.59 8.08
N ASP A 56 -0.26 9.88 8.24
CA ASP A 56 0.83 10.35 9.08
C ASP A 56 0.52 10.11 10.55
N ARG A 57 -0.76 10.20 10.90
CA ARG A 57 -1.19 10.01 12.28
C ARG A 57 -1.24 8.52 12.62
N SER A 58 -1.87 7.74 11.74
CA SER A 58 -1.99 6.30 11.95
C SER A 58 -0.63 5.62 11.83
N GLY A 59 0.13 6.00 10.81
CA GLY A 59 1.45 5.42 10.60
C GLY A 59 1.40 4.16 9.75
N ALA A 60 0.68 4.25 8.64
CA ALA A 60 0.55 3.11 7.73
C ALA A 60 1.61 3.15 6.64
N LEU A 61 1.74 4.31 6.00
CA LEU A 61 2.73 4.49 4.94
C LEU A 61 3.97 5.21 5.45
N HIS A 62 5.14 4.77 5.00
CA HIS A 62 6.40 5.37 5.42
C HIS A 62 7.30 5.64 4.22
N PRO A 63 7.97 6.81 4.19
CA PRO A 63 8.87 7.17 3.08
C PRO A 63 9.93 6.11 2.82
N GLY A 64 10.04 5.68 1.56
CA GLY A 64 11.02 4.67 1.21
C GLY A 64 10.39 3.34 0.87
N ASP A 65 9.19 3.09 1.38
CA ASP A 65 8.48 1.84 1.11
C ASP A 65 8.30 1.62 -0.39
N HIS A 66 8.31 0.36 -0.81
CA HIS A 66 8.14 0.02 -2.21
C HIS A 66 6.72 -0.46 -2.49
N ILE A 67 6.01 0.26 -3.36
CA ILE A 67 4.64 -0.09 -3.71
C ILE A 67 4.61 -1.01 -4.93
N LEU A 68 4.04 -2.19 -4.76
CA LEU A 68 3.95 -3.16 -5.84
C LEU A 68 2.64 -3.01 -6.60
N SER A 69 1.59 -2.58 -5.90
CA SER A 69 0.28 -2.39 -6.51
C SER A 69 -0.63 -1.55 -5.61
N ILE A 70 -1.67 -0.99 -6.20
CA ILE A 70 -2.61 -0.16 -5.45
C ILE A 70 -4.04 -0.34 -5.97
N ASP A 71 -4.90 -0.93 -5.14
CA ASP A 71 -6.29 -1.16 -5.50
C ASP A 71 -6.37 -2.07 -6.72
N GLY A 72 -5.41 -2.98 -6.87
CA GLY A 72 -5.40 -3.88 -7.98
C GLY A 72 -4.62 -3.36 -9.17
N THR A 73 -4.00 -2.19 -9.01
CA THR A 73 -3.21 -1.59 -10.07
C THR A 73 -1.73 -1.86 -9.88
N SER A 74 -1.18 -2.75 -10.71
CA SER A 74 0.23 -3.11 -10.63
C SER A 74 1.11 -1.88 -10.81
N MET A 75 2.16 -1.78 -10.00
CA MET A 75 3.09 -0.65 -10.08
C MET A 75 4.32 -1.01 -10.89
N GLU A 76 4.13 -1.82 -11.93
CA GLU A 76 5.23 -2.24 -12.79
C GLU A 76 5.40 -1.29 -13.97
N HIS A 77 4.29 -0.98 -14.63
CA HIS A 77 4.32 -0.08 -15.78
C HIS A 77 3.46 1.16 -15.53
N CYS A 78 3.38 1.57 -14.26
CA CYS A 78 2.59 2.74 -13.89
C CYS A 78 3.49 3.98 -13.74
N SER A 79 2.87 5.11 -13.41
CA SER A 79 3.60 6.35 -13.24
C SER A 79 3.24 7.02 -11.92
N LEU A 80 3.74 8.24 -11.71
CA LEU A 80 3.46 8.99 -10.49
C LEU A 80 2.04 9.53 -10.50
N LEU A 81 1.64 10.11 -11.62
CA LEU A 81 0.29 10.67 -11.76
C LEU A 81 -0.76 9.59 -11.55
N GLU A 82 -0.54 8.43 -12.14
CA GLU A 82 -1.48 7.32 -12.02
C GLU A 82 -1.47 6.74 -10.61
N ALA A 83 -0.27 6.56 -10.05
CA ALA A 83 -0.11 6.02 -8.71
C ALA A 83 -0.73 6.94 -7.68
N THR A 84 -0.53 8.24 -7.85
CA THR A 84 -1.07 9.24 -6.93
C THR A 84 -2.58 9.38 -7.09
N LYS A 85 -3.04 9.35 -8.34
CA LYS A 85 -4.47 9.47 -8.62
C LYS A 85 -5.24 8.28 -8.03
N LEU A 86 -4.59 7.12 -8.01
CA LEU A 86 -5.21 5.92 -7.47
C LEU A 86 -5.59 6.10 -6.02
N LEU A 87 -4.75 6.80 -5.27
CA LEU A 87 -5.00 7.05 -3.86
C LEU A 87 -6.27 7.85 -3.66
N ALA A 88 -6.57 8.73 -4.62
CA ALA A 88 -7.77 9.56 -4.55
C ALA A 88 -9.01 8.76 -4.92
N SER A 89 -8.84 7.78 -5.80
CA SER A 89 -9.95 6.93 -6.24
C SER A 89 -10.23 5.83 -5.22
N ILE A 90 -10.74 6.23 -4.05
CA ILE A 90 -11.06 5.28 -2.99
C ILE A 90 -12.41 5.60 -2.36
N SER A 91 -13.04 4.58 -1.78
CA SER A 91 -14.33 4.75 -1.14
C SER A 91 -14.18 5.08 0.33
N GLU A 92 -13.71 4.10 1.10
CA GLU A 92 -13.51 4.29 2.54
C GLU A 92 -12.07 3.97 2.93
N LYS A 93 -11.65 2.73 2.66
CA LYS A 93 -10.31 2.29 2.99
C LYS A 93 -9.50 1.98 1.72
N VAL A 94 -8.33 2.59 1.60
CA VAL A 94 -7.48 2.37 0.44
C VAL A 94 -6.73 1.04 0.55
N ARG A 95 -6.56 0.37 -0.59
CA ARG A 95 -5.87 -0.91 -0.62
C ARG A 95 -4.49 -0.76 -1.26
N LEU A 96 -3.49 -0.47 -0.44
CA LEU A 96 -2.13 -0.30 -0.93
C LEU A 96 -1.33 -1.60 -0.78
N GLU A 97 -0.69 -2.01 -1.87
CA GLU A 97 0.10 -3.23 -1.87
C GLU A 97 1.60 -2.91 -1.83
N ILE A 98 2.12 -2.74 -0.63
CA ILE A 98 3.54 -2.43 -0.44
C ILE A 98 4.33 -3.70 -0.12
N LEU A 99 5.59 -3.73 -0.57
CA LEU A 99 6.45 -4.88 -0.32
C LEU A 99 6.81 -4.99 1.15
N PRO A 100 6.85 -6.21 1.71
CA PRO A 100 7.19 -6.43 3.12
C PRO A 100 8.51 -5.76 3.51
N VAL A 101 8.41 -4.57 4.10
CA VAL A 101 9.59 -3.83 4.53
C VAL A 101 9.61 -3.67 6.05
N PRO A 102 10.81 -3.47 6.63
CA PRO A 102 10.96 -3.31 8.08
C PRO A 102 10.32 -2.01 8.58
N GLN A 103 10.24 -1.01 7.70
CA GLN A 103 9.65 0.26 8.06
C GLN A 103 8.16 0.10 8.39
N SER A 104 7.52 -0.87 7.74
CA SER A 104 6.11 -1.12 7.97
C SER A 104 5.76 -2.58 7.66
N GLN A 105 5.10 -3.24 8.60
CA GLN A 105 4.72 -4.63 8.43
C GLN A 105 3.44 -4.95 9.22
N ARG A 106 2.59 -3.94 9.36
CA ARG A 106 1.33 -4.11 10.09
C ARG A 106 0.24 -3.22 9.51
N PRO A 107 -0.68 -3.79 8.71
CA PRO A 107 -1.77 -3.04 8.09
C PRO A 107 -2.78 -2.53 9.12
N LEU A 108 -2.96 -3.30 10.19
CA LEU A 108 -3.89 -2.93 11.25
C LEU A 108 -3.15 -2.60 12.54
N ARG A 109 -3.19 -1.34 12.94
CA ARG A 109 -2.51 -0.89 14.16
C ARG A 109 -3.52 -0.38 15.19
N PRO A 110 -3.97 -1.24 16.11
CA PRO A 110 -4.94 -0.87 17.14
C PRO A 110 -4.29 -0.24 18.37
N SER A 111 -3.06 0.25 18.21
CA SER A 111 -2.34 0.87 19.31
C SER A 111 -2.05 -0.14 20.42
N SER A 112 -0.89 -0.78 20.34
CA SER A 112 -0.50 -1.77 21.33
C SER A 112 1.00 -2.04 21.27
N GLY A 113 1.47 -2.96 22.11
CA GLY A 113 2.88 -3.29 22.13
C GLY A 113 3.24 -4.22 23.27
N PRO A 114 3.11 -3.75 24.52
CA PRO A 114 3.44 -4.56 25.71
C PRO A 114 2.44 -5.69 25.93
N SER A 115 1.21 -5.47 25.47
CA SER A 115 0.15 -6.47 25.62
C SER A 115 0.26 -7.53 24.53
N SER A 116 0.30 -8.80 24.95
CA SER A 116 0.40 -9.91 24.02
C SER A 116 -0.40 -11.11 24.50
N GLY A 117 -0.77 -11.98 23.58
CA GLY A 117 -1.53 -13.17 23.93
C GLY A 117 -2.98 -13.08 23.49
N GLY A 1 -6.79 -40.72 7.05
CA GLY A 1 -8.03 -41.41 7.49
C GLY A 1 -9.08 -40.45 8.02
N SER A 2 -9.99 -40.04 7.15
CA SER A 2 -11.05 -39.12 7.53
C SER A 2 -12.13 -39.04 6.45
N SER A 3 -13.11 -38.17 6.66
CA SER A 3 -14.19 -38.00 5.70
C SER A 3 -13.94 -36.79 4.80
N GLY A 4 -12.67 -36.59 4.44
CA GLY A 4 -12.33 -35.47 3.58
C GLY A 4 -12.46 -34.13 4.29
N SER A 5 -11.54 -33.85 5.20
CA SER A 5 -11.56 -32.59 5.95
C SER A 5 -10.21 -31.90 5.89
N SER A 6 -10.09 -30.78 6.61
CA SER A 6 -8.84 -30.03 6.63
C SER A 6 -8.47 -29.54 5.24
N GLY A 7 -7.44 -28.69 5.17
CA GLY A 7 -7.01 -28.17 3.89
C GLY A 7 -8.03 -27.25 3.27
N ASP A 8 -7.72 -25.95 3.23
CA ASP A 8 -8.63 -24.96 2.66
C ASP A 8 -7.84 -23.86 1.95
N THR A 9 -6.76 -24.24 1.28
CA THR A 9 -5.93 -23.29 0.56
C THR A 9 -5.99 -23.55 -0.94
N VAL A 10 -6.87 -22.84 -1.64
CA VAL A 10 -7.03 -23.00 -3.07
C VAL A 10 -6.20 -21.97 -3.83
N ALA A 11 -6.02 -20.80 -3.22
CA ALA A 11 -5.25 -19.72 -3.82
C ALA A 11 -4.81 -18.70 -2.78
N ASN A 12 -3.55 -18.76 -2.39
CA ASN A 12 -3.00 -17.84 -1.40
C ASN A 12 -1.85 -17.03 -1.97
N ALA A 13 -1.59 -15.88 -1.37
CA ALA A 13 -0.51 -15.01 -1.83
C ALA A 13 0.15 -14.28 -0.66
N SER A 14 1.23 -14.85 -0.15
CA SER A 14 1.95 -14.25 0.98
C SER A 14 3.16 -13.47 0.49
N GLY A 15 3.05 -12.90 -0.70
CA GLY A 15 4.15 -12.12 -1.26
C GLY A 15 4.12 -10.68 -0.81
N PRO A 16 3.56 -9.77 -1.64
CA PRO A 16 3.48 -8.33 -1.31
C PRO A 16 2.79 -8.10 0.04
N LEU A 17 2.66 -6.83 0.40
CA LEU A 17 2.02 -6.47 1.66
C LEU A 17 0.88 -5.49 1.44
N MET A 18 -0.30 -5.84 1.94
CA MET A 18 -1.47 -4.97 1.79
C MET A 18 -1.64 -4.07 3.01
N VAL A 19 -1.42 -2.77 2.81
CA VAL A 19 -1.56 -1.80 3.89
C VAL A 19 -2.78 -0.92 3.68
N GLU A 20 -3.89 -1.29 4.31
CA GLU A 20 -5.13 -0.53 4.20
C GLU A 20 -5.16 0.62 5.19
N ILE A 21 -5.81 1.71 4.81
CA ILE A 21 -5.92 2.89 5.66
C ILE A 21 -7.34 3.46 5.65
N VAL A 22 -7.99 3.43 6.81
CA VAL A 22 -9.36 3.94 6.93
C VAL A 22 -9.37 5.47 6.85
N LYS A 23 -9.83 5.99 5.72
CA LYS A 23 -9.91 7.43 5.51
C LYS A 23 -11.36 7.89 5.44
N THR A 24 -11.56 9.20 5.35
CA THR A 24 -12.90 9.76 5.25
C THR A 24 -13.49 9.56 3.86
N PRO A 25 -14.81 9.32 3.77
CA PRO A 25 -15.49 9.11 2.48
C PRO A 25 -15.21 10.22 1.49
N GLY A 26 -14.40 9.91 0.48
CA GLY A 26 -14.07 10.90 -0.53
C GLY A 26 -13.12 11.96 -0.02
N SER A 27 -12.23 11.57 0.89
CA SER A 27 -11.26 12.49 1.47
C SER A 27 -9.84 12.13 1.05
N ALA A 28 -9.03 13.15 0.80
CA ALA A 28 -7.64 12.93 0.39
C ALA A 28 -6.69 13.04 1.58
N LEU A 29 -5.99 11.95 1.87
CA LEU A 29 -5.05 11.91 2.98
C LEU A 29 -3.93 12.92 2.76
N GLY A 30 -3.16 12.73 1.70
CA GLY A 30 -2.06 13.62 1.40
C GLY A 30 -0.75 12.88 1.22
N ILE A 31 -0.80 11.76 0.52
CA ILE A 31 0.40 10.95 0.28
C ILE A 31 1.03 11.30 -1.07
N SER A 32 2.35 11.37 -1.10
CA SER A 32 3.07 11.69 -2.33
C SER A 32 4.08 10.59 -2.67
N LEU A 33 3.79 9.86 -3.75
CA LEU A 33 4.66 8.78 -4.18
C LEU A 33 5.74 9.29 -5.14
N THR A 34 6.93 8.71 -5.05
CA THR A 34 8.04 9.12 -5.91
C THR A 34 8.51 7.95 -6.76
N THR A 35 8.71 8.21 -8.05
CA THR A 35 9.17 7.18 -8.98
C THR A 35 10.68 7.24 -9.17
N THR A 36 11.33 6.08 -9.08
CA THR A 36 12.78 6.00 -9.24
C THR A 36 13.17 4.79 -10.08
N SER A 37 14.47 4.59 -10.25
CA SER A 37 14.97 3.46 -11.02
C SER A 37 16.02 2.68 -10.24
N LEU A 38 16.37 1.50 -10.75
CA LEU A 38 17.36 0.65 -10.09
C LEU A 38 18.11 -0.20 -11.12
N ARG A 39 17.44 -1.23 -11.61
CA ARG A 39 18.04 -2.13 -12.59
C ARG A 39 17.15 -2.27 -13.82
N ASN A 40 16.94 -1.16 -14.53
CA ASN A 40 16.11 -1.16 -15.72
C ASN A 40 14.66 -1.52 -15.37
N LYS A 41 14.19 -1.00 -14.25
CA LYS A 41 12.83 -1.26 -13.80
C LYS A 41 12.35 -0.17 -12.84
N SER A 42 11.71 0.86 -13.39
CA SER A 42 11.21 1.96 -12.59
C SER A 42 10.12 1.49 -11.64
N VAL A 43 10.26 1.81 -10.35
CA VAL A 43 9.29 1.43 -9.34
C VAL A 43 8.82 2.63 -8.54
N ILE A 44 7.51 2.74 -8.35
CA ILE A 44 6.94 3.84 -7.59
C ILE A 44 7.06 3.61 -6.09
N THR A 45 7.60 4.59 -5.38
CA THR A 45 7.77 4.50 -3.94
C THR A 45 7.07 5.65 -3.23
N ILE A 46 7.22 5.70 -1.91
CA ILE A 46 6.60 6.76 -1.11
C ILE A 46 7.58 7.90 -0.88
N ASP A 47 7.22 9.08 -1.39
CA ASP A 47 8.06 10.26 -1.25
C ASP A 47 7.95 10.83 0.17
N ARG A 48 6.73 11.21 0.55
CA ARG A 48 6.49 11.76 1.88
C ARG A 48 4.99 11.80 2.19
N ILE A 49 4.67 11.93 3.47
CA ILE A 49 3.28 11.97 3.90
C ILE A 49 2.90 13.36 4.42
N LYS A 50 1.62 13.65 4.44
CA LYS A 50 1.12 14.94 4.91
C LYS A 50 0.98 14.95 6.43
N PRO A 51 1.29 16.09 7.07
CA PRO A 51 1.20 16.22 8.53
C PRO A 51 -0.25 16.29 9.02
N ALA A 52 -0.50 15.73 10.19
CA ALA A 52 -1.84 15.73 10.77
C ALA A 52 -2.83 15.01 9.85
N SER A 53 -2.36 13.97 9.16
CA SER A 53 -3.20 13.20 8.26
C SER A 53 -3.59 11.87 8.88
N VAL A 54 -4.46 11.13 8.20
CA VAL A 54 -4.92 9.83 8.69
C VAL A 54 -3.78 8.81 8.65
N VAL A 55 -2.88 8.97 7.69
CA VAL A 55 -1.75 8.06 7.55
C VAL A 55 -0.59 8.47 8.45
N ASP A 56 -0.40 9.79 8.60
CA ASP A 56 0.67 10.32 9.44
C ASP A 56 0.44 9.98 10.90
N ARG A 57 -0.78 10.23 11.38
CA ARG A 57 -1.13 9.95 12.77
C ARG A 57 -1.12 8.45 13.03
N SER A 58 -1.49 7.67 12.03
CA SER A 58 -1.52 6.21 12.15
C SER A 58 -0.11 5.62 12.08
N GLY A 59 0.63 6.02 11.05
CA GLY A 59 1.98 5.53 10.88
C GLY A 59 2.03 4.21 10.13
N ALA A 60 1.32 4.16 9.00
CA ALA A 60 1.28 2.94 8.19
C ALA A 60 2.24 3.05 7.00
N LEU A 61 2.25 4.21 6.36
CA LEU A 61 3.13 4.43 5.22
C LEU A 61 4.40 5.18 5.64
N HIS A 62 5.54 4.68 5.18
CA HIS A 62 6.83 5.29 5.51
C HIS A 62 7.63 5.57 4.24
N PRO A 63 8.18 6.80 4.11
CA PRO A 63 8.98 7.17 2.93
C PRO A 63 10.13 6.21 2.68
N GLY A 64 10.19 5.67 1.47
CA GLY A 64 11.24 4.73 1.12
C GLY A 64 10.71 3.38 0.71
N ASP A 65 9.55 3.02 1.24
CA ASP A 65 8.93 1.73 0.92
C ASP A 65 8.68 1.61 -0.58
N HIS A 66 8.67 0.37 -1.07
CA HIS A 66 8.43 0.12 -2.49
C HIS A 66 7.01 -0.37 -2.72
N ILE A 67 6.25 0.38 -3.51
CA ILE A 67 4.87 0.03 -3.81
C ILE A 67 4.80 -0.95 -4.98
N LEU A 68 4.20 -2.11 -4.74
CA LEU A 68 4.07 -3.13 -5.78
C LEU A 68 2.73 -3.01 -6.49
N SER A 69 1.71 -2.56 -5.76
CA SER A 69 0.38 -2.40 -6.34
C SER A 69 -0.47 -1.49 -5.47
N ILE A 70 -1.58 -1.02 -6.03
CA ILE A 70 -2.49 -0.12 -5.31
C ILE A 70 -3.93 -0.30 -5.78
N ASP A 71 -4.77 -0.82 -4.89
CA ASP A 71 -6.18 -1.06 -5.22
C ASP A 71 -6.32 -2.02 -6.39
N GLY A 72 -5.36 -2.93 -6.52
CA GLY A 72 -5.39 -3.90 -7.60
C GLY A 72 -4.68 -3.42 -8.84
N THR A 73 -4.01 -2.27 -8.74
CA THR A 73 -3.29 -1.72 -9.89
C THR A 73 -1.82 -2.10 -9.83
N SER A 74 -1.26 -2.46 -10.98
CA SER A 74 0.14 -2.86 -11.07
C SER A 74 1.06 -1.65 -11.03
N MET A 75 2.13 -1.75 -10.25
CA MET A 75 3.09 -0.66 -10.13
C MET A 75 4.37 -0.97 -10.90
N GLU A 76 4.21 -1.58 -12.07
CA GLU A 76 5.35 -1.94 -12.90
C GLU A 76 5.58 -0.90 -13.99
N HIS A 77 6.60 -0.07 -13.80
CA HIS A 77 6.91 0.98 -14.77
C HIS A 77 5.74 1.93 -14.96
N CYS A 78 4.99 2.15 -13.89
CA CYS A 78 3.84 3.04 -13.93
C CYS A 78 4.27 4.51 -13.84
N SER A 79 3.29 5.41 -13.80
CA SER A 79 3.58 6.84 -13.71
C SER A 79 3.27 7.35 -12.31
N LEU A 80 3.82 8.53 -11.99
CA LEU A 80 3.61 9.14 -10.68
C LEU A 80 2.17 9.65 -10.55
N LEU A 81 1.64 10.20 -11.64
CA LEU A 81 0.28 10.72 -11.65
C LEU A 81 -0.74 9.61 -11.43
N GLU A 82 -0.60 8.53 -12.22
CA GLU A 82 -1.50 7.40 -12.12
C GLU A 82 -1.47 6.79 -10.72
N ALA A 83 -0.26 6.59 -10.20
CA ALA A 83 -0.10 6.01 -8.87
C ALA A 83 -0.76 6.88 -7.81
N THR A 84 -0.52 8.19 -7.89
CA THR A 84 -1.09 9.13 -6.94
C THR A 84 -2.60 9.27 -7.14
N LYS A 85 -3.03 9.17 -8.39
CA LYS A 85 -4.44 9.28 -8.73
C LYS A 85 -5.24 8.14 -8.11
N LEU A 86 -4.61 6.98 -8.00
CA LEU A 86 -5.26 5.80 -7.42
C LEU A 86 -5.65 6.05 -5.98
N LEU A 87 -4.74 6.62 -5.20
CA LEU A 87 -4.99 6.92 -3.80
C LEU A 87 -6.17 7.87 -3.64
N ALA A 88 -6.35 8.75 -4.62
CA ALA A 88 -7.44 9.71 -4.60
C ALA A 88 -8.75 9.08 -5.07
N SER A 89 -8.63 8.11 -5.98
CA SER A 89 -9.80 7.43 -6.51
C SER A 89 -10.21 6.27 -5.61
N ILE A 90 -10.48 6.58 -4.34
CA ILE A 90 -10.88 5.56 -3.38
C ILE A 90 -12.26 5.86 -2.81
N SER A 91 -12.91 4.83 -2.28
CA SER A 91 -14.25 4.98 -1.70
C SER A 91 -14.16 5.25 -0.20
N GLU A 92 -13.74 4.23 0.56
CA GLU A 92 -13.63 4.36 2.00
C GLU A 92 -12.23 3.97 2.47
N LYS A 93 -11.80 2.76 2.12
CA LYS A 93 -10.48 2.27 2.49
C LYS A 93 -9.53 2.28 1.30
N VAL A 94 -8.28 2.64 1.55
CA VAL A 94 -7.27 2.68 0.51
C VAL A 94 -6.38 1.45 0.55
N ARG A 95 -6.48 0.61 -0.48
CA ARG A 95 -5.68 -0.61 -0.57
C ARG A 95 -4.32 -0.31 -1.18
N LEU A 96 -3.31 -0.16 -0.33
CA LEU A 96 -1.95 0.12 -0.80
C LEU A 96 -1.06 -1.10 -0.65
N GLU A 97 -0.71 -1.71 -1.78
CA GLU A 97 0.14 -2.90 -1.77
C GLU A 97 1.62 -2.51 -1.77
N ILE A 98 2.25 -2.63 -0.61
CA ILE A 98 3.66 -2.28 -0.47
C ILE A 98 4.52 -3.54 -0.28
N LEU A 99 5.81 -3.42 -0.58
CA LEU A 99 6.73 -4.54 -0.45
C LEU A 99 7.10 -4.76 1.02
N PRO A 100 7.00 -6.01 1.50
CA PRO A 100 7.34 -6.34 2.90
C PRO A 100 8.72 -5.83 3.30
N VAL A 101 8.75 -4.66 3.93
CA VAL A 101 10.00 -4.05 4.36
C VAL A 101 10.06 -3.95 5.88
N PRO A 102 11.27 -3.89 6.45
CA PRO A 102 11.46 -3.79 7.90
C PRO A 102 11.04 -2.42 8.45
N GLN A 103 11.01 -1.42 7.57
CA GLN A 103 10.62 -0.07 7.96
C GLN A 103 9.23 -0.06 8.59
N SER A 104 8.33 -0.85 8.03
CA SER A 104 6.96 -0.92 8.54
C SER A 104 6.55 -2.37 8.79
N GLN A 105 6.24 -3.09 7.72
CA GLN A 105 5.82 -4.48 7.81
C GLN A 105 4.58 -4.62 8.69
N ARG A 106 3.70 -3.62 8.62
CA ARG A 106 2.47 -3.63 9.39
C ARG A 106 1.30 -3.11 8.55
N PRO A 107 0.38 -4.01 8.14
CA PRO A 107 -0.79 -3.63 7.34
C PRO A 107 -1.77 -2.76 8.11
N LEU A 108 -2.09 -3.19 9.33
CA LEU A 108 -3.03 -2.45 10.17
C LEU A 108 -2.34 -1.97 11.45
N ARG A 109 -3.08 -1.20 12.25
CA ARG A 109 -2.54 -0.67 13.51
C ARG A 109 -3.53 -0.88 14.65
N PRO A 110 -3.05 -1.36 15.82
CA PRO A 110 -3.91 -1.60 16.98
C PRO A 110 -4.29 -0.30 17.68
N SER A 111 -5.59 -0.02 17.72
CA SER A 111 -6.09 1.19 18.37
C SER A 111 -6.79 0.86 19.68
N SER A 112 -6.59 1.71 20.68
CA SER A 112 -7.19 1.50 22.00
C SER A 112 -6.74 0.18 22.60
N GLY A 113 -5.67 0.23 23.39
CA GLY A 113 -5.15 -0.97 24.02
C GLY A 113 -6.01 -1.43 25.17
N PRO A 114 -5.75 -2.64 25.71
CA PRO A 114 -6.53 -3.18 26.83
C PRO A 114 -6.25 -2.44 28.13
N SER A 115 -5.06 -1.87 28.24
CA SER A 115 -4.67 -1.13 29.44
C SER A 115 -4.19 0.28 29.08
N SER A 116 -4.83 0.87 28.07
CA SER A 116 -4.47 2.21 27.63
C SER A 116 -5.63 3.18 27.85
N GLY A 117 -5.30 4.41 28.24
CA GLY A 117 -6.32 5.42 28.47
C GLY A 117 -6.78 5.46 29.91
N GLY A 1 -5.88 -25.81 -6.80
CA GLY A 1 -6.07 -27.16 -6.20
C GLY A 1 -5.52 -28.26 -7.07
N SER A 2 -6.19 -28.53 -8.18
CA SER A 2 -5.76 -29.58 -9.11
C SER A 2 -4.96 -28.98 -10.26
N SER A 3 -5.52 -27.96 -10.90
CA SER A 3 -4.86 -27.31 -12.03
C SER A 3 -3.63 -26.53 -11.55
N GLY A 4 -2.45 -27.13 -11.75
CA GLY A 4 -1.22 -26.48 -11.33
C GLY A 4 -0.14 -26.55 -12.41
N SER A 5 -0.27 -25.70 -13.42
CA SER A 5 0.70 -25.66 -14.51
C SER A 5 2.02 -25.06 -14.05
N SER A 6 1.93 -24.10 -13.12
CA SER A 6 3.11 -23.44 -12.60
C SER A 6 2.89 -22.97 -11.17
N GLY A 7 1.75 -22.33 -10.93
CA GLY A 7 1.44 -21.84 -9.59
C GLY A 7 0.80 -20.46 -9.61
N ASP A 8 1.53 -19.47 -9.13
CA ASP A 8 1.03 -18.10 -9.09
C ASP A 8 -0.22 -18.00 -8.24
N THR A 9 -0.10 -17.34 -7.10
CA THR A 9 -1.24 -17.16 -6.19
C THR A 9 -2.04 -15.93 -6.56
N VAL A 10 -3.18 -15.74 -5.88
CA VAL A 10 -4.04 -14.61 -6.14
C VAL A 10 -3.96 -13.59 -5.01
N ALA A 11 -3.86 -14.08 -3.78
CA ALA A 11 -3.76 -13.22 -2.61
C ALA A 11 -3.38 -14.01 -1.37
N ASN A 12 -2.20 -13.70 -0.83
CA ASN A 12 -1.71 -14.39 0.36
C ASN A 12 -0.75 -13.50 1.15
N ALA A 13 -0.39 -13.95 2.34
CA ALA A 13 0.52 -13.19 3.20
C ALA A 13 1.95 -13.69 3.07
N SER A 14 2.33 -14.05 1.84
CA SER A 14 3.67 -14.55 1.58
C SER A 14 4.47 -13.55 0.75
N GLY A 15 3.85 -13.02 -0.29
CA GLY A 15 4.51 -12.06 -1.15
C GLY A 15 4.23 -10.63 -0.75
N PRO A 16 3.54 -9.85 -1.61
CA PRO A 16 3.20 -8.45 -1.32
C PRO A 16 2.47 -8.29 0.02
N LEU A 17 2.40 -7.06 0.50
CA LEU A 17 1.73 -6.77 1.76
C LEU A 17 0.59 -5.78 1.56
N MET A 18 -0.56 -6.08 2.15
CA MET A 18 -1.73 -5.23 2.03
C MET A 18 -1.83 -4.26 3.22
N VAL A 19 -1.64 -2.98 2.94
CA VAL A 19 -1.70 -1.96 3.98
C VAL A 19 -2.86 -1.00 3.74
N GLU A 20 -4.04 -1.35 4.24
CA GLU A 20 -5.24 -0.53 4.08
C GLU A 20 -5.18 0.69 5.00
N ILE A 21 -5.89 1.74 4.62
CA ILE A 21 -5.92 2.97 5.41
C ILE A 21 -7.33 3.56 5.44
N VAL A 22 -8.04 3.33 6.54
CA VAL A 22 -9.40 3.84 6.69
C VAL A 22 -9.39 5.36 6.82
N LYS A 23 -9.39 6.04 5.68
CA LYS A 23 -9.39 7.50 5.67
C LYS A 23 -10.81 8.05 5.81
N THR A 24 -10.94 9.37 5.81
CA THR A 24 -12.24 10.02 5.94
C THR A 24 -13.02 9.93 4.63
N PRO A 25 -14.27 9.42 4.67
CA PRO A 25 -15.11 9.29 3.49
C PRO A 25 -15.24 10.61 2.72
N GLY A 26 -14.88 10.58 1.44
CA GLY A 26 -14.97 11.79 0.63
C GLY A 26 -13.91 12.80 0.98
N SER A 27 -12.77 12.32 1.47
CA SER A 27 -11.67 13.21 1.85
C SER A 27 -10.35 12.68 1.32
N ALA A 28 -9.36 13.57 1.24
CA ALA A 28 -8.03 13.20 0.75
C ALA A 28 -6.99 13.28 1.85
N LEU A 29 -6.00 12.39 1.81
CA LEU A 29 -4.94 12.38 2.81
C LEU A 29 -3.84 13.37 2.46
N GLY A 30 -3.15 13.11 1.36
CA GLY A 30 -2.08 13.99 0.93
C GLY A 30 -0.74 13.28 0.83
N ILE A 31 -0.77 12.05 0.30
CA ILE A 31 0.45 11.27 0.16
C ILE A 31 1.19 11.63 -1.13
N SER A 32 2.50 11.81 -1.01
CA SER A 32 3.32 12.16 -2.16
C SER A 32 4.34 11.06 -2.46
N LEU A 33 4.08 10.29 -3.51
CA LEU A 33 4.97 9.21 -3.90
C LEU A 33 6.08 9.71 -4.82
N THR A 34 7.17 8.97 -4.89
CA THR A 34 8.31 9.33 -5.73
C THR A 34 8.85 8.12 -6.48
N THR A 35 9.03 8.28 -7.79
CA THR A 35 9.55 7.20 -8.62
C THR A 35 11.03 7.38 -8.91
N THR A 36 11.74 6.28 -9.10
CA THR A 36 13.17 6.31 -9.36
C THR A 36 13.53 5.34 -10.49
N SER A 37 14.83 5.18 -10.73
CA SER A 37 15.31 4.28 -11.77
C SER A 37 16.37 3.34 -11.22
N LEU A 38 16.37 2.09 -11.72
CA LEU A 38 17.34 1.10 -11.28
C LEU A 38 18.16 0.58 -12.46
N ARG A 39 17.54 -0.28 -13.27
CA ARG A 39 18.22 -0.84 -14.42
C ARG A 39 17.39 -0.65 -15.69
N ASN A 40 16.09 -0.88 -15.59
CA ASN A 40 15.18 -0.73 -16.72
C ASN A 40 13.73 -0.91 -16.29
N LYS A 41 13.40 -0.36 -15.13
CA LYS A 41 12.03 -0.45 -14.61
C LYS A 41 11.84 0.49 -13.43
N SER A 42 11.24 1.66 -13.69
CA SER A 42 11.00 2.65 -12.65
C SER A 42 10.13 2.06 -11.55
N VAL A 43 10.60 2.17 -10.31
CA VAL A 43 9.86 1.66 -9.16
C VAL A 43 9.22 2.79 -8.37
N ILE A 44 7.89 2.76 -8.26
CA ILE A 44 7.15 3.77 -7.53
C ILE A 44 7.28 3.57 -6.02
N THR A 45 7.83 4.57 -5.34
CA THR A 45 8.00 4.50 -3.88
C THR A 45 7.34 5.70 -3.21
N ILE A 46 7.41 5.73 -1.88
CA ILE A 46 6.82 6.81 -1.10
C ILE A 46 7.84 7.92 -0.85
N ASP A 47 7.45 9.15 -1.11
CA ASP A 47 8.33 10.29 -0.89
C ASP A 47 8.11 10.92 0.48
N ARG A 48 6.91 11.45 0.69
CA ARG A 48 6.56 12.08 1.97
C ARG A 48 5.05 12.16 2.13
N ILE A 49 4.59 12.10 3.38
CA ILE A 49 3.17 12.17 3.67
C ILE A 49 2.79 13.53 4.26
N LYS A 50 1.51 13.87 4.17
CA LYS A 50 1.03 15.15 4.69
C LYS A 50 1.04 15.16 6.21
N PRO A 51 1.49 16.27 6.82
CA PRO A 51 1.55 16.40 8.29
C PRO A 51 0.17 16.47 8.92
N ALA A 52 0.01 15.83 10.08
CA ALA A 52 -1.26 15.81 10.78
C ALA A 52 -2.35 15.16 9.94
N SER A 53 -1.96 14.20 9.11
CA SER A 53 -2.90 13.50 8.25
C SER A 53 -3.30 12.16 8.86
N VAL A 54 -4.21 11.46 8.20
CA VAL A 54 -4.68 10.17 8.68
C VAL A 54 -3.60 9.10 8.52
N VAL A 55 -2.75 9.26 7.51
CA VAL A 55 -1.68 8.32 7.26
C VAL A 55 -0.44 8.67 8.08
N ASP A 56 -0.15 9.96 8.17
CA ASP A 56 1.02 10.42 8.92
C ASP A 56 0.84 10.17 10.41
N ARG A 57 -0.40 10.27 10.89
CA ARG A 57 -0.70 10.04 12.29
C ARG A 57 -0.70 8.55 12.63
N SER A 58 -1.30 7.75 11.75
CA SER A 58 -1.36 6.32 11.95
C SER A 58 0.00 5.67 11.70
N GLY A 59 0.67 6.11 10.65
CA GLY A 59 1.98 5.56 10.32
C GLY A 59 1.89 4.32 9.44
N ALA A 60 0.90 4.31 8.55
CA ALA A 60 0.71 3.18 7.65
C ALA A 60 1.68 3.24 6.48
N LEU A 61 1.90 4.45 5.96
CA LEU A 61 2.81 4.65 4.84
C LEU A 61 4.06 5.43 5.26
N HIS A 62 5.22 4.81 5.09
CA HIS A 62 6.48 5.46 5.46
C HIS A 62 7.36 5.68 4.23
N PRO A 63 8.02 6.85 4.13
CA PRO A 63 8.88 7.17 3.00
C PRO A 63 9.95 6.11 2.77
N GLY A 64 10.05 5.63 1.54
CA GLY A 64 11.03 4.61 1.22
C GLY A 64 10.40 3.29 0.81
N ASP A 65 9.18 3.06 1.31
CA ASP A 65 8.47 1.82 1.00
C ASP A 65 8.29 1.65 -0.51
N HIS A 66 8.19 0.40 -0.95
CA HIS A 66 8.02 0.09 -2.36
C HIS A 66 6.63 -0.44 -2.64
N ILE A 67 5.79 0.38 -3.26
CA ILE A 67 4.42 -0.01 -3.59
C ILE A 67 4.40 -0.98 -4.75
N LEU A 68 3.76 -2.14 -4.54
CA LEU A 68 3.67 -3.16 -5.58
C LEU A 68 2.37 -3.01 -6.38
N SER A 69 1.33 -2.52 -5.71
CA SER A 69 0.04 -2.33 -6.35
C SER A 69 -0.90 -1.51 -5.47
N ILE A 70 -1.85 -0.82 -6.09
CA ILE A 70 -2.81 0.00 -5.37
C ILE A 70 -4.22 -0.18 -5.90
N ASP A 71 -5.12 -0.64 -5.05
CA ASP A 71 -6.51 -0.86 -5.44
C ASP A 71 -6.60 -1.90 -6.55
N GLY A 72 -5.67 -2.84 -6.55
CA GLY A 72 -5.65 -3.88 -7.56
C GLY A 72 -4.93 -3.45 -8.83
N THR A 73 -4.26 -2.31 -8.78
CA THR A 73 -3.53 -1.80 -9.93
C THR A 73 -2.04 -2.10 -9.81
N SER A 74 -1.50 -2.81 -10.80
CA SER A 74 -0.09 -3.16 -10.80
C SER A 74 0.79 -1.92 -10.94
N MET A 75 1.89 -1.89 -10.20
CA MET A 75 2.81 -0.76 -10.25
C MET A 75 3.99 -1.05 -11.18
N GLU A 76 3.71 -1.76 -12.27
CA GLU A 76 4.74 -2.10 -13.24
C GLU A 76 4.75 -1.12 -14.40
N HIS A 77 5.88 -0.44 -14.60
CA HIS A 77 6.01 0.53 -15.67
C HIS A 77 5.00 1.66 -15.51
N CYS A 78 4.64 1.95 -14.27
CA CYS A 78 3.67 3.01 -13.99
C CYS A 78 4.39 4.34 -13.71
N SER A 79 3.60 5.39 -13.50
CA SER A 79 4.17 6.72 -13.23
C SER A 79 3.74 7.22 -11.85
N LEU A 80 4.05 8.47 -11.56
CA LEU A 80 3.70 9.07 -10.29
C LEU A 80 2.26 9.58 -10.29
N LEU A 81 1.85 10.16 -11.42
CA LEU A 81 0.50 10.69 -11.56
C LEU A 81 -0.54 9.57 -11.44
N GLU A 82 -0.31 8.49 -12.17
CA GLU A 82 -1.21 7.35 -12.15
C GLU A 82 -1.30 6.74 -10.75
N ALA A 83 -0.14 6.56 -10.13
CA ALA A 83 -0.08 5.98 -8.79
C ALA A 83 -0.85 6.84 -7.79
N THR A 84 -0.60 8.15 -7.84
CA THR A 84 -1.26 9.09 -6.94
C THR A 84 -2.76 9.13 -7.20
N LYS A 85 -3.13 8.91 -8.46
CA LYS A 85 -4.55 8.93 -8.84
C LYS A 85 -5.30 7.76 -8.21
N LEU A 86 -4.61 6.63 -8.07
CA LEU A 86 -5.20 5.44 -7.47
C LEU A 86 -5.67 5.72 -6.04
N LEU A 87 -4.77 6.29 -5.23
CA LEU A 87 -5.07 6.61 -3.85
C LEU A 87 -6.25 7.58 -3.76
N ALA A 88 -6.36 8.46 -4.76
CA ALA A 88 -7.43 9.44 -4.79
C ALA A 88 -8.77 8.78 -5.12
N SER A 89 -8.73 7.72 -5.92
CA SER A 89 -9.94 7.00 -6.31
C SER A 89 -10.28 5.93 -5.28
N ILE A 90 -10.62 6.37 -4.07
CA ILE A 90 -10.98 5.46 -2.99
C ILE A 90 -12.23 5.94 -2.25
N SER A 91 -12.91 5.02 -1.59
CA SER A 91 -14.11 5.35 -0.84
C SER A 91 -13.78 5.63 0.62
N GLU A 92 -13.23 4.64 1.31
CA GLU A 92 -12.85 4.79 2.70
C GLU A 92 -11.46 4.22 2.97
N LYS A 93 -11.29 2.92 2.74
CA LYS A 93 -10.01 2.26 2.94
C LYS A 93 -9.28 2.07 1.62
N VAL A 94 -8.06 2.60 1.54
CA VAL A 94 -7.26 2.49 0.34
C VAL A 94 -6.42 1.21 0.35
N ARG A 95 -6.70 0.30 -0.57
CA ARG A 95 -5.97 -0.95 -0.66
C ARG A 95 -4.58 -0.73 -1.24
N LEU A 96 -3.63 -0.41 -0.37
CA LEU A 96 -2.25 -0.17 -0.80
C LEU A 96 -1.40 -1.42 -0.62
N GLU A 97 -1.03 -2.05 -1.72
CA GLU A 97 -0.22 -3.26 -1.69
C GLU A 97 1.26 -2.91 -1.77
N ILE A 98 1.91 -2.84 -0.62
CA ILE A 98 3.33 -2.52 -0.56
C ILE A 98 4.18 -3.77 -0.36
N LEU A 99 5.43 -3.70 -0.80
CA LEU A 99 6.35 -4.83 -0.68
C LEU A 99 6.80 -4.99 0.77
N PRO A 100 6.88 -6.25 1.26
CA PRO A 100 7.30 -6.52 2.64
C PRO A 100 8.60 -5.81 3.00
N VAL A 101 8.49 -4.60 3.55
CA VAL A 101 9.65 -3.82 3.94
C VAL A 101 9.89 -3.92 5.45
N PRO A 102 11.17 -3.80 5.87
CA PRO A 102 11.53 -3.87 7.28
C PRO A 102 10.95 -2.72 8.09
N GLN A 103 10.61 -1.63 7.41
CA GLN A 103 10.05 -0.46 8.07
C GLN A 103 8.75 -0.81 8.80
N SER A 104 7.86 -1.51 8.12
CA SER A 104 6.58 -1.91 8.70
C SER A 104 6.35 -3.41 8.52
N GLN A 105 6.09 -3.82 7.29
CA GLN A 105 5.84 -5.22 6.99
C GLN A 105 4.65 -5.76 7.78
N ARG A 106 3.69 -4.88 8.06
CA ARG A 106 2.50 -5.26 8.81
C ARG A 106 1.28 -4.45 8.36
N PRO A 107 0.12 -5.11 8.20
CA PRO A 107 -1.11 -4.43 7.77
C PRO A 107 -1.69 -3.53 8.84
N LEU A 108 -1.79 -4.06 10.07
CA LEU A 108 -2.32 -3.29 11.18
C LEU A 108 -2.17 -4.07 12.50
N ARG A 109 -3.03 -5.05 12.71
CA ARG A 109 -2.99 -5.86 13.92
C ARG A 109 -4.04 -6.97 13.87
N PRO A 110 -3.64 -8.18 13.45
CA PRO A 110 -4.57 -9.33 13.36
C PRO A 110 -5.01 -9.81 14.74
N SER A 111 -5.91 -10.79 14.75
CA SER A 111 -6.42 -11.34 16.00
C SER A 111 -6.85 -12.80 15.82
N SER A 112 -6.98 -13.52 16.94
CA SER A 112 -7.38 -14.92 16.90
C SER A 112 -8.01 -15.33 18.23
N GLY A 113 -7.30 -15.08 19.31
CA GLY A 113 -7.80 -15.43 20.64
C GLY A 113 -7.45 -16.85 21.03
N PRO A 114 -8.43 -17.75 21.15
CA PRO A 114 -8.19 -19.15 21.52
C PRO A 114 -7.51 -19.93 20.41
N SER A 115 -6.53 -20.74 20.79
CA SER A 115 -5.79 -21.55 19.82
C SER A 115 -4.99 -22.65 20.53
N SER A 116 -5.56 -23.85 20.58
CA SER A 116 -4.91 -24.99 21.22
C SER A 116 -4.28 -25.91 20.19
N GLY A 117 -3.15 -26.50 20.53
CA GLY A 117 -2.47 -27.40 19.62
C GLY A 117 -1.26 -28.05 20.24
N GLY A 1 -7.97 -17.51 -18.52
CA GLY A 1 -6.84 -17.21 -19.45
C GLY A 1 -5.53 -17.01 -18.71
N SER A 2 -4.52 -16.52 -19.42
CA SER A 2 -3.21 -16.29 -18.83
C SER A 2 -2.78 -14.84 -19.01
N SER A 3 -2.96 -14.32 -20.22
CA SER A 3 -2.59 -12.94 -20.51
C SER A 3 -3.82 -12.12 -20.89
N GLY A 4 -4.32 -11.35 -19.94
CA GLY A 4 -5.49 -10.53 -20.19
C GLY A 4 -5.13 -9.14 -20.69
N SER A 5 -4.70 -8.27 -19.78
CA SER A 5 -4.31 -6.91 -20.14
C SER A 5 -2.95 -6.56 -19.56
N SER A 6 -1.93 -6.54 -20.42
CA SER A 6 -0.58 -6.23 -19.99
C SER A 6 -0.10 -7.21 -18.94
N GLY A 7 1.04 -6.90 -18.32
CA GLY A 7 1.60 -7.76 -17.30
C GLY A 7 3.11 -7.82 -17.34
N ASP A 8 3.65 -8.74 -18.14
CA ASP A 8 5.10 -8.90 -18.27
C ASP A 8 5.72 -9.22 -16.92
N THR A 9 4.97 -9.88 -16.05
CA THR A 9 5.45 -10.25 -14.73
C THR A 9 4.39 -11.02 -13.95
N VAL A 10 4.83 -11.98 -13.14
CA VAL A 10 3.92 -12.78 -12.34
C VAL A 10 4.16 -12.58 -10.86
N ALA A 11 3.16 -12.01 -10.18
CA ALA A 11 3.27 -11.74 -8.74
C ALA A 11 1.91 -11.39 -8.16
N ASN A 12 1.05 -12.39 -8.01
CA ASN A 12 -0.29 -12.18 -7.45
C ASN A 12 -0.65 -13.30 -6.48
N ALA A 13 -1.61 -13.02 -5.60
CA ALA A 13 -2.05 -14.01 -4.63
C ALA A 13 -0.90 -14.43 -3.71
N SER A 14 -0.97 -14.01 -2.46
CA SER A 14 0.07 -14.35 -1.49
C SER A 14 1.42 -13.81 -1.93
N GLY A 15 1.73 -12.59 -1.51
CA GLY A 15 3.00 -11.97 -1.87
C GLY A 15 3.17 -10.59 -1.26
N PRO A 16 2.80 -9.53 -2.00
CA PRO A 16 2.93 -8.15 -1.50
C PRO A 16 2.27 -7.96 -0.14
N LEU A 17 2.45 -6.78 0.44
CA LEU A 17 1.88 -6.47 1.74
C LEU A 17 0.73 -5.48 1.61
N MET A 18 -0.43 -5.84 2.12
CA MET A 18 -1.61 -4.98 2.05
C MET A 18 -1.66 -4.02 3.24
N VAL A 19 -1.46 -2.74 2.96
CA VAL A 19 -1.49 -1.73 4.01
C VAL A 19 -2.65 -0.76 3.81
N GLU A 20 -3.80 -1.11 4.36
CA GLU A 20 -5.00 -0.28 4.24
C GLU A 20 -4.94 0.89 5.22
N ILE A 21 -5.73 1.93 4.94
CA ILE A 21 -5.76 3.11 5.79
C ILE A 21 -7.18 3.66 5.91
N VAL A 22 -7.78 3.49 7.08
CA VAL A 22 -9.13 3.95 7.32
C VAL A 22 -9.23 5.47 7.16
N LYS A 23 -9.53 5.92 5.94
CA LYS A 23 -9.65 7.34 5.66
C LYS A 23 -11.10 7.79 5.75
N THR A 24 -11.32 9.09 5.58
CA THR A 24 -12.67 9.66 5.64
C THR A 24 -13.48 9.26 4.40
N PRO A 25 -14.82 9.20 4.53
CA PRO A 25 -15.69 8.83 3.42
C PRO A 25 -15.75 9.92 2.35
N GLY A 26 -15.29 9.57 1.15
CA GLY A 26 -15.29 10.53 0.05
C GLY A 26 -14.32 11.67 0.28
N SER A 27 -13.25 11.39 1.00
CA SER A 27 -12.23 12.40 1.28
C SER A 27 -10.84 11.90 0.89
N ALA A 28 -9.86 12.80 0.94
CA ALA A 28 -8.49 12.46 0.58
C ALA A 28 -7.59 12.42 1.81
N LEU A 29 -6.29 12.32 1.58
CA LEU A 29 -5.32 12.27 2.68
C LEU A 29 -4.17 13.23 2.42
N GLY A 30 -3.53 13.08 1.27
CA GLY A 30 -2.41 13.94 0.92
C GLY A 30 -1.10 13.19 0.82
N ILE A 31 -1.18 11.92 0.42
CA ILE A 31 0.00 11.09 0.29
C ILE A 31 0.82 11.48 -0.93
N SER A 32 2.15 11.49 -0.78
CA SER A 32 3.05 11.85 -1.86
C SER A 32 3.95 10.68 -2.24
N LEU A 33 3.89 10.28 -3.51
CA LEU A 33 4.70 9.18 -4.00
C LEU A 33 5.91 9.69 -4.77
N THR A 34 6.72 8.77 -5.29
CA THR A 34 7.91 9.13 -6.04
C THR A 34 8.42 7.93 -6.84
N THR A 35 8.67 8.15 -8.13
CA THR A 35 9.16 7.10 -9.00
C THR A 35 10.69 7.10 -9.06
N THR A 36 11.29 5.94 -8.80
CA THR A 36 12.74 5.82 -8.81
C THR A 36 13.20 5.02 -10.03
N SER A 37 14.48 4.67 -10.04
CA SER A 37 15.05 3.89 -11.15
C SER A 37 15.76 2.65 -10.63
N LEU A 38 16.31 1.86 -11.57
CA LEU A 38 17.01 0.64 -11.20
C LEU A 38 18.15 0.37 -12.18
N ARG A 39 17.82 0.32 -13.47
CA ARG A 39 18.82 0.06 -14.51
C ARG A 39 18.18 0.12 -15.89
N ASN A 40 17.14 -0.69 -16.09
CA ASN A 40 16.45 -0.72 -17.37
C ASN A 40 15.01 -0.20 -17.23
N LYS A 41 14.41 -0.44 -16.08
CA LYS A 41 13.05 0.00 -15.82
C LYS A 41 13.01 0.98 -14.65
N SER A 42 11.80 1.29 -14.18
CA SER A 42 11.63 2.20 -13.06
C SER A 42 10.48 1.74 -12.16
N VAL A 43 10.71 1.83 -10.84
CA VAL A 43 9.70 1.43 -9.88
C VAL A 43 9.18 2.63 -9.10
N ILE A 44 7.96 2.51 -8.57
CA ILE A 44 7.35 3.59 -7.80
C ILE A 44 7.53 3.36 -6.30
N THR A 45 7.93 4.41 -5.59
CA THR A 45 8.14 4.33 -4.15
C THR A 45 7.41 5.46 -3.43
N ILE A 46 7.48 5.44 -2.10
CA ILE A 46 6.82 6.47 -1.29
C ILE A 46 7.77 7.63 -1.00
N ASP A 47 7.28 8.84 -1.22
CA ASP A 47 8.08 10.04 -0.98
C ASP A 47 7.89 10.54 0.45
N ARG A 48 6.67 10.93 0.78
CA ARG A 48 6.35 11.44 2.11
C ARG A 48 4.85 11.42 2.36
N ILE A 49 4.45 11.72 3.59
CA ILE A 49 3.04 11.74 3.95
C ILE A 49 2.60 13.15 4.34
N LYS A 50 1.30 13.40 4.29
CA LYS A 50 0.75 14.70 4.64
C LYS A 50 0.64 14.85 6.17
N PRO A 51 0.97 16.03 6.70
CA PRO A 51 0.91 16.30 8.15
C PRO A 51 -0.53 16.44 8.64
N ALA A 52 -0.78 15.96 9.85
CA ALA A 52 -2.11 16.04 10.45
C ALA A 52 -3.13 15.29 9.61
N SER A 53 -2.68 14.23 8.93
CA SER A 53 -3.56 13.43 8.08
C SER A 53 -3.93 12.12 8.78
N VAL A 54 -4.57 11.23 8.03
CA VAL A 54 -4.99 9.95 8.58
C VAL A 54 -3.87 8.92 8.47
N VAL A 55 -3.04 9.06 7.44
CA VAL A 55 -1.93 8.13 7.22
C VAL A 55 -0.75 8.47 8.14
N ASP A 56 -0.50 9.77 8.33
CA ASP A 56 0.59 10.21 9.18
C ASP A 56 0.28 9.97 10.65
N ARG A 57 -0.93 10.35 11.06
CA ARG A 57 -1.36 10.17 12.45
C ARG A 57 -1.52 8.69 12.78
N SER A 58 -1.89 7.90 11.78
CA SER A 58 -2.07 6.46 11.97
C SER A 58 -0.75 5.72 11.86
N GLY A 59 0.11 6.19 10.96
CA GLY A 59 1.40 5.56 10.76
C GLY A 59 1.32 4.32 9.89
N ALA A 60 0.67 4.44 8.74
CA ALA A 60 0.52 3.31 7.83
C ALA A 60 1.69 3.25 6.85
N LEU A 61 1.78 4.25 5.98
CA LEU A 61 2.84 4.32 4.98
C LEU A 61 4.07 5.05 5.55
N HIS A 62 5.24 4.70 5.03
CA HIS A 62 6.48 5.31 5.47
C HIS A 62 7.41 5.60 4.30
N PRO A 63 8.05 6.79 4.29
CA PRO A 63 8.98 7.17 3.20
C PRO A 63 10.06 6.13 2.96
N GLY A 64 10.21 5.70 1.72
CA GLY A 64 11.23 4.72 1.39
C GLY A 64 10.62 3.39 0.96
N ASP A 65 9.41 3.11 1.43
CA ASP A 65 8.73 1.87 1.10
C ASP A 65 8.54 1.74 -0.41
N HIS A 66 8.44 0.51 -0.89
CA HIS A 66 8.26 0.25 -2.31
C HIS A 66 6.85 -0.29 -2.59
N ILE A 67 6.08 0.47 -3.36
CA ILE A 67 4.72 0.07 -3.71
C ILE A 67 4.71 -0.87 -4.90
N LEU A 68 4.16 -2.06 -4.71
CA LEU A 68 4.08 -3.06 -5.78
C LEU A 68 2.75 -2.98 -6.51
N SER A 69 1.70 -2.59 -5.79
CA SER A 69 0.37 -2.48 -6.36
C SER A 69 -0.51 -1.57 -5.52
N ILE A 70 -1.56 -1.04 -6.14
CA ILE A 70 -2.49 -0.14 -5.46
C ILE A 70 -3.91 -0.32 -5.98
N ASP A 71 -4.78 -0.89 -5.15
CA ASP A 71 -6.17 -1.11 -5.54
C ASP A 71 -6.26 -2.03 -6.75
N GLY A 72 -5.30 -2.95 -6.86
CA GLY A 72 -5.28 -3.88 -7.98
C GLY A 72 -4.49 -3.35 -9.16
N THR A 73 -3.85 -2.20 -9.00
CA THR A 73 -3.05 -1.61 -10.07
C THR A 73 -1.57 -1.89 -9.87
N SER A 74 -1.01 -2.73 -10.73
CA SER A 74 0.41 -3.07 -10.65
C SER A 74 1.29 -1.84 -10.80
N MET A 75 2.32 -1.74 -9.97
CA MET A 75 3.23 -0.61 -10.01
C MET A 75 4.54 -1.00 -10.69
N GLU A 76 4.45 -1.83 -11.72
CA GLU A 76 5.61 -2.27 -12.47
C GLU A 76 5.76 -1.49 -13.77
N HIS A 77 4.62 -1.10 -14.34
CA HIS A 77 4.62 -0.35 -15.60
C HIS A 77 3.70 0.86 -15.51
N CYS A 78 3.59 1.43 -14.31
CA CYS A 78 2.76 2.60 -14.09
C CYS A 78 3.60 3.87 -14.01
N SER A 79 2.93 4.99 -13.75
CA SER A 79 3.61 6.28 -13.65
C SER A 79 3.40 6.91 -12.28
N LEU A 80 3.96 8.09 -12.08
CA LEU A 80 3.82 8.80 -10.81
C LEU A 80 2.44 9.44 -10.69
N LEU A 81 2.01 10.11 -11.75
CA LEU A 81 0.71 10.77 -11.76
C LEU A 81 -0.41 9.76 -11.62
N GLU A 82 -0.37 8.72 -12.44
CA GLU A 82 -1.39 7.68 -12.43
C GLU A 82 -1.43 6.99 -11.06
N ALA A 83 -0.27 6.84 -10.44
CA ALA A 83 -0.17 6.20 -9.13
C ALA A 83 -0.85 7.05 -8.06
N THR A 84 -0.54 8.34 -8.05
CA THR A 84 -1.12 9.25 -7.07
C THR A 84 -2.64 9.33 -7.23
N LYS A 85 -3.11 9.17 -8.47
CA LYS A 85 -4.53 9.22 -8.76
C LYS A 85 -5.29 8.14 -7.99
N LEU A 86 -4.67 6.97 -7.86
CA LEU A 86 -5.28 5.86 -7.14
C LEU A 86 -5.57 6.24 -5.70
N LEU A 87 -4.69 7.01 -5.10
CA LEU A 87 -4.86 7.44 -3.71
C LEU A 87 -6.16 8.21 -3.54
N ALA A 88 -6.58 8.90 -4.61
CA ALA A 88 -7.82 9.68 -4.57
C ALA A 88 -8.98 8.90 -5.20
N SER A 89 -8.81 7.58 -5.34
CA SER A 89 -9.85 6.75 -5.92
C SER A 89 -10.36 5.75 -4.89
N ILE A 90 -10.36 6.16 -3.62
CA ILE A 90 -10.83 5.29 -2.54
C ILE A 90 -12.16 5.80 -1.98
N SER A 91 -12.91 4.89 -1.35
CA SER A 91 -14.20 5.25 -0.76
C SER A 91 -14.08 5.39 0.75
N GLU A 92 -13.75 4.30 1.42
CA GLU A 92 -13.61 4.31 2.87
C GLU A 92 -12.20 3.88 3.28
N LYS A 93 -11.77 2.72 2.80
CA LYS A 93 -10.45 2.20 3.12
C LYS A 93 -9.62 2.02 1.85
N VAL A 94 -8.41 2.57 1.87
CA VAL A 94 -7.51 2.47 0.72
C VAL A 94 -6.83 1.12 0.66
N ARG A 95 -6.51 0.67 -0.56
CA ARG A 95 -5.85 -0.62 -0.75
C ARG A 95 -4.46 -0.43 -1.35
N LEU A 96 -3.49 -0.14 -0.51
CA LEU A 96 -2.12 0.06 -0.95
C LEU A 96 -1.28 -1.19 -0.73
N GLU A 97 -0.82 -1.78 -1.83
CA GLU A 97 0.00 -2.99 -1.76
C GLU A 97 1.49 -2.63 -1.78
N ILE A 98 2.10 -2.60 -0.59
CA ILE A 98 3.51 -2.27 -0.47
C ILE A 98 4.36 -3.53 -0.37
N LEU A 99 5.64 -3.40 -0.70
CA LEU A 99 6.57 -4.52 -0.66
C LEU A 99 6.84 -4.94 0.80
N PRO A 100 6.73 -6.25 1.09
CA PRO A 100 6.97 -6.76 2.45
C PRO A 100 8.28 -6.26 3.05
N VAL A 101 8.21 -5.14 3.75
CA VAL A 101 9.40 -4.56 4.37
C VAL A 101 9.28 -4.57 5.89
N PRO A 102 10.42 -4.55 6.60
CA PRO A 102 10.44 -4.55 8.07
C PRO A 102 9.90 -3.25 8.66
N GLN A 103 10.00 -2.17 7.89
CA GLN A 103 9.52 -0.87 8.33
C GLN A 103 8.01 -0.90 8.58
N SER A 104 7.28 -1.48 7.64
CA SER A 104 5.82 -1.57 7.76
C SER A 104 5.36 -3.03 7.76
N GLN A 105 4.58 -3.39 8.76
CA GLN A 105 4.07 -4.75 8.87
C GLN A 105 2.81 -4.80 9.73
N ARG A 106 2.00 -3.75 9.62
CA ARG A 106 0.75 -3.66 10.39
C ARG A 106 -0.46 -3.54 9.47
N PRO A 107 -1.16 -4.66 9.22
CA PRO A 107 -2.34 -4.67 8.36
C PRO A 107 -3.60 -4.20 9.09
N LEU A 108 -3.65 -2.90 9.37
CA LEU A 108 -4.80 -2.32 10.07
C LEU A 108 -4.93 -2.89 11.48
N ARG A 109 -5.50 -4.09 11.57
CA ARG A 109 -5.69 -4.75 12.86
C ARG A 109 -4.56 -5.75 13.13
N PRO A 110 -3.53 -5.34 13.90
CA PRO A 110 -2.39 -6.20 14.22
C PRO A 110 -2.82 -7.49 14.93
N SER A 111 -3.19 -7.36 16.21
CA SER A 111 -3.62 -8.51 17.00
C SER A 111 -4.03 -8.09 18.39
N SER A 112 -4.86 -8.90 19.04
CA SER A 112 -5.34 -8.61 20.39
C SER A 112 -6.08 -7.28 20.43
N GLY A 113 -7.41 -7.35 20.38
CA GLY A 113 -8.21 -6.13 20.42
C GLY A 113 -8.83 -5.90 21.78
N PRO A 114 -9.79 -4.95 21.88
CA PRO A 114 -10.46 -4.64 23.14
C PRO A 114 -11.38 -5.76 23.60
N SER A 115 -10.91 -6.57 24.54
CA SER A 115 -11.70 -7.68 25.06
C SER A 115 -12.20 -7.38 26.48
N SER A 116 -11.40 -6.64 27.24
CA SER A 116 -11.77 -6.27 28.60
C SER A 116 -12.66 -5.05 28.62
N GLY A 117 -13.98 -5.28 28.56
CA GLY A 117 -14.93 -4.19 28.57
C GLY A 117 -15.81 -4.17 27.33
#